data_8RWU
# 
_entry.id   8RWU 
# 
_audit_conform.dict_name       mmcif_pdbx.dic 
_audit_conform.dict_version    5.401 
_audit_conform.dict_location   http://mmcif.pdb.org/dictionaries/ascii/mmcif_pdbx.dic 
# 
loop_
_database_2.database_id 
_database_2.database_code 
_database_2.pdbx_database_accession 
_database_2.pdbx_DOI 
PDB   8RWU         pdb_00008rwu 10.2210/pdb8rwu/pdb 
WWPDB D_1292136399 ?            ?                   
# 
loop_
_pdbx_audit_revision_history.ordinal 
_pdbx_audit_revision_history.data_content_type 
_pdbx_audit_revision_history.major_revision 
_pdbx_audit_revision_history.minor_revision 
_pdbx_audit_revision_history.revision_date 
1 'Structure model' 1 0 2024-03-06 
2 'Structure model' 1 1 2024-04-17 
3 'Structure model' 2 0 2025-01-22 
4 'Structure model' 2 1 2025-01-29 
# 
loop_
_pdbx_audit_revision_details.ordinal 
_pdbx_audit_revision_details.revision_ordinal 
_pdbx_audit_revision_details.data_content_type 
_pdbx_audit_revision_details.provider 
_pdbx_audit_revision_details.type 
_pdbx_audit_revision_details.description 
_pdbx_audit_revision_details.details 
1 1 'Structure model' repository 'Initial release'        ?                    ?                           
2 3 'Structure model' author     'Coordinate replacement' 'Model completeness' 'N-terminal residues added' 
# 
loop_
_pdbx_audit_revision_group.ordinal 
_pdbx_audit_revision_group.revision_ordinal 
_pdbx_audit_revision_group.data_content_type 
_pdbx_audit_revision_group.group 
1  2 'Structure model' 'Structure summary'      
2  3 'Structure model' Advisory                 
3  3 'Structure model' 'Atomic model'           
4  3 'Structure model' 'Data collection'        
5  3 'Structure model' 'Database references'    
6  3 'Structure model' 'Derived calculations'   
7  3 'Structure model' 'Polymer sequence'       
8  3 'Structure model' 'Refinement description' 
9  3 'Structure model' 'Source and taxonomy'    
10 3 'Structure model' 'Structure summary'      
11 4 'Structure model' 'Database references'    
# 
loop_
_pdbx_audit_revision_category.ordinal 
_pdbx_audit_revision_category.revision_ordinal 
_pdbx_audit_revision_category.data_content_type 
_pdbx_audit_revision_category.category 
1  2 'Structure model' struct                          
2  3 'Structure model' atom_site                       
3  3 'Structure model' citation                        
4  3 'Structure model' citation_author                 
5  3 'Structure model' diffrn                          
6  3 'Structure model' entity                          
7  3 'Structure model' entity_poly                     
8  3 'Structure model' entity_poly_seq                 
9  3 'Structure model' entity_src_gen                  
10 3 'Structure model' pdbx_contact_author             
11 3 'Structure model' pdbx_entry_details              
12 3 'Structure model' pdbx_poly_seq_scheme            
13 3 'Structure model' pdbx_struct_assembly_prop       
14 3 'Structure model' pdbx_unobs_or_zero_occ_residues 
15 3 'Structure model' pdbx_validate_torsion           
16 3 'Structure model' refine                          
17 3 'Structure model' refine_hist                     
18 3 'Structure model' refine_ls_restr                 
19 3 'Structure model' refine_ls_shell                 
20 3 'Structure model' reflns_shell                    
21 3 'Structure model' software                        
22 3 'Structure model' struct_conf                     
23 3 'Structure model' struct_keywords                 
24 3 'Structure model' struct_ref                      
25 3 'Structure model' struct_ref_seq                  
26 3 'Structure model' struct_ref_seq_dif              
27 4 'Structure model' citation                        
28 4 'Structure model' citation_author                 
# 
loop_
_pdbx_audit_revision_item.ordinal 
_pdbx_audit_revision_item.revision_ordinal 
_pdbx_audit_revision_item.data_content_type 
_pdbx_audit_revision_item.item 
1  2 'Structure model' '_struct.title'                             
2  3 'Structure model' '_citation.country'                         
3  3 'Structure model' '_citation.journal_abbrev'                  
4  3 'Structure model' '_citation.journal_id_ISSN'                 
5  3 'Structure model' '_citation.journal_volume'                  
6  3 'Structure model' '_citation.page_first'                      
7  3 'Structure model' '_citation.page_last'                       
8  3 'Structure model' '_citation.pdbx_database_id_DOI'            
9  3 'Structure model' '_citation.pdbx_database_id_PubMed'         
10 3 'Structure model' '_citation.title'                           
11 3 'Structure model' '_citation.year'                            
12 3 'Structure model' '_diffrn.ambient_temp'                      
13 3 'Structure model' '_entity.formula_weight'                    
14 3 'Structure model' '_entity_poly.pdbx_seq_one_letter_code'     
15 3 'Structure model' '_entity_poly.pdbx_seq_one_letter_code_can' 
16 3 'Structure model' '_entity_src_gen.pdbx_end_seq_num'          
17 3 'Structure model' '_pdbx_struct_assembly_prop.value'          
18 3 'Structure model' '_refine.B_iso_mean'                        
19 3 'Structure model' '_refine.ls_R_factor_R_free'                
20 3 'Structure model' '_refine.ls_R_factor_R_work'                
21 3 'Structure model' '_refine.ls_R_factor_obs'                   
22 3 'Structure model' '_refine.ls_d_res_high'                     
23 3 'Structure model' '_refine.ls_d_res_low'                      
24 3 'Structure model' '_refine.ls_number_reflns_obs'              
25 3 'Structure model' '_refine.ls_percent_reflns_obs'             
26 3 'Structure model' '_refine.overall_SU_ML'                     
27 3 'Structure model' '_refine.pdbx_overall_phase_error'          
28 3 'Structure model' '_refine.pdbx_solvent_vdw_probe_radii'      
29 3 'Structure model' '_refine_hist.d_res_high'                   
30 3 'Structure model' '_refine_hist.d_res_low'                    
31 3 'Structure model' '_refine_hist.number_atoms_total'           
32 3 'Structure model' '_refine_hist.pdbx_number_atoms_protein'    
33 3 'Structure model' '_refine_ls_restr.dev_ideal'                
34 3 'Structure model' '_refine_ls_restr.number'                   
35 3 'Structure model' '_refine_ls_shell.R_factor_R_free'          
36 3 'Structure model' '_refine_ls_shell.R_factor_R_work'          
37 3 'Structure model' '_refine_ls_shell.d_res_high'               
38 3 'Structure model' '_refine_ls_shell.d_res_low'                
39 3 'Structure model' '_refine_ls_shell.number_reflns_R_work'     
40 3 'Structure model' '_reflns_shell.Rmerge_I_obs'                
41 3 'Structure model' '_reflns_shell.pdbx_Rrim_I_all'             
42 3 'Structure model' '_software.version'                         
43 3 'Structure model' '_struct_keywords.pdbx_keywords'            
44 3 'Structure model' '_struct_keywords.text'                     
45 3 'Structure model' '_struct_ref.pdbx_align_begin'              
46 3 'Structure model' '_struct_ref.pdbx_seq_one_letter_code'      
47 3 'Structure model' '_struct_ref_seq.db_align_beg'              
48 3 'Structure model' '_struct_ref_seq.db_align_end'              
49 3 'Structure model' '_struct_ref_seq.pdbx_auth_seq_align_beg'   
50 3 'Structure model' '_struct_ref_seq.pdbx_auth_seq_align_end'   
51 3 'Structure model' '_struct_ref_seq.seq_align_beg'             
52 3 'Structure model' '_struct_ref_seq.seq_align_end'             
53 4 'Structure model' '_citation.journal_abbrev'                  
54 4 'Structure model' '_citation.journal_id_ISSN'                 
55 4 'Structure model' '_citation.pdbx_database_id_PubMed'         
56 4 'Structure model' '_citation.title'                           
# 
_pdbx_database_status.status_code                     REL 
_pdbx_database_status.status_code_sf                  REL 
_pdbx_database_status.status_code_mr                  ? 
_pdbx_database_status.entry_id                        8RWU 
_pdbx_database_status.recvd_initial_deposition_date   2024-02-05 
_pdbx_database_status.SG_entry                        N 
_pdbx_database_status.deposit_site                    PDBE 
_pdbx_database_status.process_site                    PDBE 
_pdbx_database_status.status_code_cs                  ? 
_pdbx_database_status.status_code_nmr_data            ? 
_pdbx_database_status.methods_development_category    ? 
_pdbx_database_status.pdb_format_compatible           Y 
# 
_pdbx_contact_author.id                 2 
_pdbx_contact_author.email              sylvie.nessler@i2bc.paris-saclay.fr 
_pdbx_contact_author.name_first         Sylvie 
_pdbx_contact_author.name_last          Nessler 
_pdbx_contact_author.name_mi            ? 
_pdbx_contact_author.role               'principal investigator/group leader' 
_pdbx_contact_author.identifier_ORCID   0000-0003-4973-9941 
# 
loop_
_audit_author.name 
_audit_author.pdbx_ordinal 
_audit_author.identifier_ORCID 
'Nessler, S.'                1 0000-0003-4973-9941 
'Le Berre, M.'               2 0009-0009-0462-0489 
'Gallay Li de la Sierra, I.' 3 0000-0003-2770-7439 
# 
_citation.abstract                  ? 
_citation.abstract_id_CAS           ? 
_citation.book_id_ISBN              ? 
_citation.book_publisher            ? 
_citation.book_publisher_city       ? 
_citation.book_title                ? 
_citation.coordinate_linkage        ? 
_citation.country                   ? 
_citation.database_id_Medline       ? 
_citation.details                   ? 
_citation.id                        primary 
_citation.journal_abbrev            'Acta Crystallogr D Struct Biol' 
_citation.journal_id_ASTM           ? 
_citation.journal_id_CSD            ? 
_citation.journal_id_ISSN           2059-7983 
_citation.journal_full              ? 
_citation.journal_issue             ? 
_citation.journal_volume            81 
_citation.language                  ? 
_citation.page_first                38 
_citation.page_last                 48 
_citation.title                     
'Structural characterization of the ACDC domain from ApiAP2 proteins, a potential molecular target against apicomplexan parasites.' 
_citation.year                      2025 
_citation.database_id_CSD           ? 
_citation.pdbx_database_id_DOI      10.1107/S2059798324012518 
_citation.pdbx_database_id_PubMed   39820027 
_citation.pdbx_database_id_patent   ? 
_citation.unpublished_flag          ? 
# 
loop_
_citation_author.citation_id 
_citation_author.name 
_citation_author.ordinal 
_citation_author.identifier_ORCID 
primary 'Le Berre, M.'               1 ? 
primary 'Tubiana, T.'                2 ? 
primary 'Reutersward Waldner, P.'    3 ? 
primary 'Lazar, N.'                  4 ? 
primary 'Li de la Sierra-Gallay, I.' 5 ? 
primary 'Santos, J.M.'               6 ? 
primary 'Llinas, M.'                 7 ? 
primary 'Nessler, S.'                8 ? 
# 
_entity.id                         1 
_entity.type                       polymer 
_entity.src_method                 man 
_entity.pdbx_description           'AP2 domain transcription factor AP2-I, putative' 
_entity.formula_weight             23324.811 
_entity.pdbx_number_of_molecules   2 
_entity.pdbx_ec                    ? 
_entity.pdbx_mutation              ? 
_entity.pdbx_fragment              ? 
_entity.details                    ? 
# 
_entity_poly.entity_id                      1 
_entity_poly.type                           'polypeptide(L)' 
_entity_poly.nstd_linkage                   no 
_entity_poly.nstd_monomer                   no 
_entity_poly.pdbx_seq_one_letter_code       
;MASLNEHEGEVAYDKKEDAEISMHMNEQDKLDVPSLVEICKQQLIVILKDMCADSNSSDEKASFMYHLNRLRSAVTVVDL
HNYIAVFGPCLSYNKLPSTWNISVCDYLKQQLNILRAADSQQSSSNHVSYLELHNDYEDIIHDKKGNATTTASNSMQGNM
NSNNLNSQLSMKGSSIHMNSANSTSNVSGNATGNASGHISINWSHPQFEK
;
_entity_poly.pdbx_seq_one_letter_code_can   
;MASLNEHEGEVAYDKKEDAEISMHMNEQDKLDVPSLVEICKQQLIVILKDMCADSNSSDEKASFMYHLNRLRSAVTVVDL
HNYIAVFGPCLSYNKLPSTWNISVCDYLKQQLNILRAADSQQSSSNHVSYLELHNDYEDIIHDKKGNATTTASNSMQGNM
NSNNLNSQLSMKGSSIHMNSANSTSNVSGNATGNASGHISINWSHPQFEK
;
_entity_poly.pdbx_strand_id                 A,B 
_entity_poly.pdbx_target_identifier         ? 
# 
loop_
_entity_poly_seq.entity_id 
_entity_poly_seq.num 
_entity_poly_seq.mon_id 
_entity_poly_seq.hetero 
1 1   MET n 
1 2   ALA n 
1 3   SER n 
1 4   LEU n 
1 5   ASN n 
1 6   GLU n 
1 7   HIS n 
1 8   GLU n 
1 9   GLY n 
1 10  GLU n 
1 11  VAL n 
1 12  ALA n 
1 13  TYR n 
1 14  ASP n 
1 15  LYS n 
1 16  LYS n 
1 17  GLU n 
1 18  ASP n 
1 19  ALA n 
1 20  GLU n 
1 21  ILE n 
1 22  SER n 
1 23  MET n 
1 24  HIS n 
1 25  MET n 
1 26  ASN n 
1 27  GLU n 
1 28  GLN n 
1 29  ASP n 
1 30  LYS n 
1 31  LEU n 
1 32  ASP n 
1 33  VAL n 
1 34  PRO n 
1 35  SER n 
1 36  LEU n 
1 37  VAL n 
1 38  GLU n 
1 39  ILE n 
1 40  CYS n 
1 41  LYS n 
1 42  GLN n 
1 43  GLN n 
1 44  LEU n 
1 45  ILE n 
1 46  VAL n 
1 47  ILE n 
1 48  LEU n 
1 49  LYS n 
1 50  ASP n 
1 51  MET n 
1 52  CYS n 
1 53  ALA n 
1 54  ASP n 
1 55  SER n 
1 56  ASN n 
1 57  SER n 
1 58  SER n 
1 59  ASP n 
1 60  GLU n 
1 61  LYS n 
1 62  ALA n 
1 63  SER n 
1 64  PHE n 
1 65  MET n 
1 66  TYR n 
1 67  HIS n 
1 68  LEU n 
1 69  ASN n 
1 70  ARG n 
1 71  LEU n 
1 72  ARG n 
1 73  SER n 
1 74  ALA n 
1 75  VAL n 
1 76  THR n 
1 77  VAL n 
1 78  VAL n 
1 79  ASP n 
1 80  LEU n 
1 81  HIS n 
1 82  ASN n 
1 83  TYR n 
1 84  ILE n 
1 85  ALA n 
1 86  VAL n 
1 87  PHE n 
1 88  GLY n 
1 89  PRO n 
1 90  CYS n 
1 91  LEU n 
1 92  SER n 
1 93  TYR n 
1 94  ASN n 
1 95  LYS n 
1 96  LEU n 
1 97  PRO n 
1 98  SER n 
1 99  THR n 
1 100 TRP n 
1 101 ASN n 
1 102 ILE n 
1 103 SER n 
1 104 VAL n 
1 105 CYS n 
1 106 ASP n 
1 107 TYR n 
1 108 LEU n 
1 109 LYS n 
1 110 GLN n 
1 111 GLN n 
1 112 LEU n 
1 113 ASN n 
1 114 ILE n 
1 115 LEU n 
1 116 ARG n 
1 117 ALA n 
1 118 ALA n 
1 119 ASP n 
1 120 SER n 
1 121 GLN n 
1 122 GLN n 
1 123 SER n 
1 124 SER n 
1 125 SER n 
1 126 ASN n 
1 127 HIS n 
1 128 VAL n 
1 129 SER n 
1 130 TYR n 
1 131 LEU n 
1 132 GLU n 
1 133 LEU n 
1 134 HIS n 
1 135 ASN n 
1 136 ASP n 
1 137 TYR n 
1 138 GLU n 
1 139 ASP n 
1 140 ILE n 
1 141 ILE n 
1 142 HIS n 
1 143 ASP n 
1 144 LYS n 
1 145 LYS n 
1 146 GLY n 
1 147 ASN n 
1 148 ALA n 
1 149 THR n 
1 150 THR n 
1 151 THR n 
1 152 ALA n 
1 153 SER n 
1 154 ASN n 
1 155 SER n 
1 156 MET n 
1 157 GLN n 
1 158 GLY n 
1 159 ASN n 
1 160 MET n 
1 161 ASN n 
1 162 SER n 
1 163 ASN n 
1 164 ASN n 
1 165 LEU n 
1 166 ASN n 
1 167 SER n 
1 168 GLN n 
1 169 LEU n 
1 170 SER n 
1 171 MET n 
1 172 LYS n 
1 173 GLY n 
1 174 SER n 
1 175 SER n 
1 176 ILE n 
1 177 HIS n 
1 178 MET n 
1 179 ASN n 
1 180 SER n 
1 181 ALA n 
1 182 ASN n 
1 183 SER n 
1 184 THR n 
1 185 SER n 
1 186 ASN n 
1 187 VAL n 
1 188 SER n 
1 189 GLY n 
1 190 ASN n 
1 191 ALA n 
1 192 THR n 
1 193 GLY n 
1 194 ASN n 
1 195 ALA n 
1 196 SER n 
1 197 GLY n 
1 198 HIS n 
1 199 ILE n 
1 200 SER n 
1 201 ILE n 
1 202 ASN n 
1 203 TRP n 
1 204 SER n 
1 205 HIS n 
1 206 PRO n 
1 207 GLN n 
1 208 PHE n 
1 209 GLU n 
1 210 LYS n 
# 
_entity_src_gen.entity_id                          1 
_entity_src_gen.pdbx_src_id                        1 
_entity_src_gen.pdbx_alt_source_flag               sample 
_entity_src_gen.pdbx_seq_type                      'Biological sequence' 
_entity_src_gen.pdbx_beg_seq_num                   1 
_entity_src_gen.pdbx_end_seq_num                   210 
_entity_src_gen.gene_src_common_name               'malaria parasite P. vivax' 
_entity_src_gen.gene_src_genus                     ? 
_entity_src_gen.pdbx_gene_src_gene                 PVP01_0807400 
_entity_src_gen.gene_src_species                   ? 
_entity_src_gen.gene_src_strain                    ? 
_entity_src_gen.gene_src_tissue                    ? 
_entity_src_gen.gene_src_tissue_fraction           ? 
_entity_src_gen.gene_src_details                   ? 
_entity_src_gen.pdbx_gene_src_fragment             ? 
_entity_src_gen.pdbx_gene_src_scientific_name      'Plasmodium vivax' 
_entity_src_gen.pdbx_gene_src_ncbi_taxonomy_id     5855 
_entity_src_gen.pdbx_gene_src_variant              ? 
_entity_src_gen.pdbx_gene_src_cell_line            ? 
_entity_src_gen.pdbx_gene_src_atcc                 ? 
_entity_src_gen.pdbx_gene_src_organ                ? 
_entity_src_gen.pdbx_gene_src_organelle            ? 
_entity_src_gen.pdbx_gene_src_cell                 ? 
_entity_src_gen.pdbx_gene_src_cellular_location    ? 
_entity_src_gen.host_org_common_name               ? 
_entity_src_gen.pdbx_host_org_scientific_name      'Escherichia coli' 
_entity_src_gen.pdbx_host_org_ncbi_taxonomy_id     562 
_entity_src_gen.host_org_genus                     ? 
_entity_src_gen.pdbx_host_org_gene                 ? 
_entity_src_gen.pdbx_host_org_organ                ? 
_entity_src_gen.host_org_species                   ? 
_entity_src_gen.pdbx_host_org_tissue               ? 
_entity_src_gen.pdbx_host_org_tissue_fraction      ? 
_entity_src_gen.pdbx_host_org_strain               DE3-Gold 
_entity_src_gen.pdbx_host_org_variant              ? 
_entity_src_gen.pdbx_host_org_cell_line            ? 
_entity_src_gen.pdbx_host_org_atcc                 ? 
_entity_src_gen.pdbx_host_org_culture_collection   ? 
_entity_src_gen.pdbx_host_org_cell                 ? 
_entity_src_gen.pdbx_host_org_organelle            ? 
_entity_src_gen.pdbx_host_org_cellular_location    ? 
_entity_src_gen.pdbx_host_org_vector_type          ? 
_entity_src_gen.pdbx_host_org_vector               ? 
_entity_src_gen.host_org_details                   ? 
_entity_src_gen.expression_system_id               ? 
_entity_src_gen.plasmid_name                       ? 
_entity_src_gen.plasmid_details                    ? 
_entity_src_gen.pdbx_description                   ? 
# 
loop_
_chem_comp.id 
_chem_comp.type 
_chem_comp.mon_nstd_flag 
_chem_comp.name 
_chem_comp.pdbx_synonyms 
_chem_comp.formula 
_chem_comp.formula_weight 
ALA 'L-peptide linking' y ALANINE         ? 'C3 H7 N O2'     89.093  
ARG 'L-peptide linking' y ARGININE        ? 'C6 H15 N4 O2 1' 175.209 
ASN 'L-peptide linking' y ASPARAGINE      ? 'C4 H8 N2 O3'    132.118 
ASP 'L-peptide linking' y 'ASPARTIC ACID' ? 'C4 H7 N O4'     133.103 
CYS 'L-peptide linking' y CYSTEINE        ? 'C3 H7 N O2 S'   121.158 
GLN 'L-peptide linking' y GLUTAMINE       ? 'C5 H10 N2 O3'   146.144 
GLU 'L-peptide linking' y 'GLUTAMIC ACID' ? 'C5 H9 N O4'     147.129 
GLY 'peptide linking'   y GLYCINE         ? 'C2 H5 N O2'     75.067  
HIS 'L-peptide linking' y HISTIDINE       ? 'C6 H10 N3 O2 1' 156.162 
ILE 'L-peptide linking' y ISOLEUCINE      ? 'C6 H13 N O2'    131.173 
LEU 'L-peptide linking' y LEUCINE         ? 'C6 H13 N O2'    131.173 
LYS 'L-peptide linking' y LYSINE          ? 'C6 H15 N2 O2 1' 147.195 
MET 'L-peptide linking' y METHIONINE      ? 'C5 H11 N O2 S'  149.211 
PHE 'L-peptide linking' y PHENYLALANINE   ? 'C9 H11 N O2'    165.189 
PRO 'L-peptide linking' y PROLINE         ? 'C5 H9 N O2'     115.130 
SER 'L-peptide linking' y SERINE          ? 'C3 H7 N O3'     105.093 
THR 'L-peptide linking' y THREONINE       ? 'C4 H9 N O3'     119.119 
TRP 'L-peptide linking' y TRYPTOPHAN      ? 'C11 H12 N2 O2'  204.225 
TYR 'L-peptide linking' y TYROSINE        ? 'C9 H11 N O3'    181.189 
VAL 'L-peptide linking' y VALINE          ? 'C5 H11 N O2'    117.146 
# 
loop_
_pdbx_poly_seq_scheme.asym_id 
_pdbx_poly_seq_scheme.entity_id 
_pdbx_poly_seq_scheme.seq_id 
_pdbx_poly_seq_scheme.mon_id 
_pdbx_poly_seq_scheme.ndb_seq_num 
_pdbx_poly_seq_scheme.pdb_seq_num 
_pdbx_poly_seq_scheme.auth_seq_num 
_pdbx_poly_seq_scheme.pdb_mon_id 
_pdbx_poly_seq_scheme.auth_mon_id 
_pdbx_poly_seq_scheme.pdb_strand_id 
_pdbx_poly_seq_scheme.pdb_ins_code 
_pdbx_poly_seq_scheme.hetero 
A 1 1   MET 1   28  ?   ?   ?   A . n 
A 1 2   ALA 2   29  ?   ?   ?   A . n 
A 1 3   SER 3   30  ?   ?   ?   A . n 
A 1 4   LEU 4   31  ?   ?   ?   A . n 
A 1 5   ASN 5   32  ?   ?   ?   A . n 
A 1 6   GLU 6   33  ?   ?   ?   A . n 
A 1 7   HIS 7   34  ?   ?   ?   A . n 
A 1 8   GLU 8   35  ?   ?   ?   A . n 
A 1 9   GLY 9   36  ?   ?   ?   A . n 
A 1 10  GLU 10  37  ?   ?   ?   A . n 
A 1 11  VAL 11  38  ?   ?   ?   A . n 
A 1 12  ALA 12  39  ?   ?   ?   A . n 
A 1 13  TYR 13  40  ?   ?   ?   A . n 
A 1 14  ASP 14  41  ?   ?   ?   A . n 
A 1 15  LYS 15  42  ?   ?   ?   A . n 
A 1 16  LYS 16  43  ?   ?   ?   A . n 
A 1 17  GLU 17  44  ?   ?   ?   A . n 
A 1 18  ASP 18  45  ?   ?   ?   A . n 
A 1 19  ALA 19  46  ?   ?   ?   A . n 
A 1 20  GLU 20  47  ?   ?   ?   A . n 
A 1 21  ILE 21  48  ?   ?   ?   A . n 
A 1 22  SER 22  49  ?   ?   ?   A . n 
A 1 23  MET 23  50  ?   ?   ?   A . n 
A 1 24  HIS 24  51  ?   ?   ?   A . n 
A 1 25  MET 25  52  ?   ?   ?   A . n 
A 1 26  ASN 26  53  ?   ?   ?   A . n 
A 1 27  GLU 27  54  ?   ?   ?   A . n 
A 1 28  GLN 28  55  56  GLN GLN A . n 
A 1 29  ASP 29  56  57  ASP ASP A . n 
A 1 30  LYS 30  57  58  LYS LYS A . n 
A 1 31  LEU 31  58  59  LEU LEU A . n 
A 1 32  ASP 32  59  60  ASP ASP A . n 
A 1 33  VAL 33  60  61  VAL VAL A . n 
A 1 34  PRO 34  61  62  PRO PRO A . n 
A 1 35  SER 35  62  63  SER SER A . n 
A 1 36  LEU 36  63  64  LEU LEU A . n 
A 1 37  VAL 37  64  65  VAL VAL A . n 
A 1 38  GLU 38  65  66  GLU GLU A . n 
A 1 39  ILE 39  66  67  ILE ILE A . n 
A 1 40  CYS 40  67  68  CYS CYS A . n 
A 1 41  LYS 41  68  69  LYS LYS A . n 
A 1 42  GLN 42  69  70  GLN GLN A . n 
A 1 43  GLN 43  70  71  GLN GLN A . n 
A 1 44  LEU 44  71  72  LEU LEU A . n 
A 1 45  ILE 45  72  73  ILE ILE A . n 
A 1 46  VAL 46  73  74  VAL VAL A . n 
A 1 47  ILE 47  74  75  ILE ILE A . n 
A 1 48  LEU 48  75  76  LEU LEU A . n 
A 1 49  LYS 49  76  77  LYS LYS A . n 
A 1 50  ASP 50  77  78  ASP ASP A . n 
A 1 51  MET 51  78  79  MET MET A . n 
A 1 52  CYS 52  79  80  CYS CYS A . n 
A 1 53  ALA 53  80  81  ALA ALA A . n 
A 1 54  ASP 54  81  82  ASP ASP A . n 
A 1 55  SER 55  82  83  SER SER A . n 
A 1 56  ASN 56  83  84  ASN ASN A . n 
A 1 57  SER 57  84  85  SER SER A . n 
A 1 58  SER 58  85  86  SER SER A . n 
A 1 59  ASP 59  86  87  ASP ASP A . n 
A 1 60  GLU 60  87  88  GLU GLU A . n 
A 1 61  LYS 61  88  89  LYS LYS A . n 
A 1 62  ALA 62  89  90  ALA ALA A . n 
A 1 63  SER 63  90  91  SER SER A . n 
A 1 64  PHE 64  91  92  PHE PHE A . n 
A 1 65  MET 65  92  93  MET MET A . n 
A 1 66  TYR 66  93  94  TYR TYR A . n 
A 1 67  HIS 67  94  95  HIS HIS A . n 
A 1 68  LEU 68  95  96  LEU LEU A . n 
A 1 69  ASN 69  96  97  ASN ASN A . n 
A 1 70  ARG 70  97  98  ARG ARG A . n 
A 1 71  LEU 71  98  99  LEU LEU A . n 
A 1 72  ARG 72  99  100 ARG ARG A . n 
A 1 73  SER 73  100 101 SER SER A . n 
A 1 74  ALA 74  101 102 ALA ALA A . n 
A 1 75  VAL 75  102 103 VAL VAL A . n 
A 1 76  THR 76  103 104 THR THR A . n 
A 1 77  VAL 77  104 105 VAL VAL A . n 
A 1 78  VAL 78  105 106 VAL VAL A . n 
A 1 79  ASP 79  106 107 ASP ASP A . n 
A 1 80  LEU 80  107 108 LEU LEU A . n 
A 1 81  HIS 81  108 109 HIS HIS A . n 
A 1 82  ASN 82  109 110 ASN ASN A . n 
A 1 83  TYR 83  110 111 TYR TYR A . n 
A 1 84  ILE 84  111 112 ILE ILE A . n 
A 1 85  ALA 85  112 113 ALA ALA A . n 
A 1 86  VAL 86  113 114 VAL VAL A . n 
A 1 87  PHE 87  114 115 PHE PHE A . n 
A 1 88  GLY 88  115 116 GLY GLY A . n 
A 1 89  PRO 89  116 117 PRO PRO A . n 
A 1 90  CYS 90  117 118 CYS CYS A . n 
A 1 91  LEU 91  118 119 LEU LEU A . n 
A 1 92  SER 92  119 120 SER SER A . n 
A 1 93  TYR 93  120 121 TYR TYR A . n 
A 1 94  ASN 94  121 122 ASN ASN A . n 
A 1 95  LYS 95  122 123 LYS LYS A . n 
A 1 96  LEU 96  123 124 LEU LEU A . n 
A 1 97  PRO 97  124 125 PRO PRO A . n 
A 1 98  SER 98  125 126 SER SER A . n 
A 1 99  THR 99  126 127 THR THR A . n 
A 1 100 TRP 100 127 128 TRP TRP A . n 
A 1 101 ASN 101 128 129 ASN ASN A . n 
A 1 102 ILE 102 129 130 ILE ILE A . n 
A 1 103 SER 103 130 131 SER SER A . n 
A 1 104 VAL 104 131 132 VAL VAL A . n 
A 1 105 CYS 105 132 133 CYS CYS A . n 
A 1 106 ASP 106 133 134 ASP ASP A . n 
A 1 107 TYR 107 134 135 TYR TYR A . n 
A 1 108 LEU 108 135 136 LEU LEU A . n 
A 1 109 LYS 109 136 137 LYS LYS A . n 
A 1 110 GLN 110 137 138 GLN GLN A . n 
A 1 111 GLN 111 138 139 GLN GLN A . n 
A 1 112 LEU 112 139 140 LEU LEU A . n 
A 1 113 ASN 113 140 141 ASN ASN A . n 
A 1 114 ILE 114 141 142 ILE ILE A . n 
A 1 115 LEU 115 142 143 LEU LEU A . n 
A 1 116 ARG 116 143 144 ARG ARG A . n 
A 1 117 ALA 117 144 145 ALA ALA A . n 
A 1 118 ALA 118 145 146 ALA ALA A . n 
A 1 119 ASP 119 146 147 ASP ASP A . n 
A 1 120 SER 120 147 148 SER SER A . n 
A 1 121 GLN 121 148 ?   ?   ?   A . n 
A 1 122 GLN 122 149 ?   ?   ?   A . n 
A 1 123 SER 123 150 ?   ?   ?   A . n 
A 1 124 SER 124 151 ?   ?   ?   A . n 
A 1 125 SER 125 152 ?   ?   ?   A . n 
A 1 126 ASN 126 153 ?   ?   ?   A . n 
A 1 127 HIS 127 154 ?   ?   ?   A . n 
A 1 128 VAL 128 155 ?   ?   ?   A . n 
A 1 129 SER 129 156 ?   ?   ?   A . n 
A 1 130 TYR 130 157 ?   ?   ?   A . n 
A 1 131 LEU 131 158 ?   ?   ?   A . n 
A 1 132 GLU 132 159 ?   ?   ?   A . n 
A 1 133 LEU 133 160 ?   ?   ?   A . n 
A 1 134 HIS 134 161 ?   ?   ?   A . n 
A 1 135 ASN 135 162 ?   ?   ?   A . n 
A 1 136 ASP 136 163 ?   ?   ?   A . n 
A 1 137 TYR 137 164 ?   ?   ?   A . n 
A 1 138 GLU 138 165 ?   ?   ?   A . n 
A 1 139 ASP 139 166 ?   ?   ?   A . n 
A 1 140 ILE 140 167 ?   ?   ?   A . n 
A 1 141 ILE 141 168 ?   ?   ?   A . n 
A 1 142 HIS 142 169 ?   ?   ?   A . n 
A 1 143 ASP 143 170 ?   ?   ?   A . n 
A 1 144 LYS 144 171 ?   ?   ?   A . n 
A 1 145 LYS 145 172 ?   ?   ?   A . n 
A 1 146 GLY 146 173 ?   ?   ?   A . n 
A 1 147 ASN 147 174 ?   ?   ?   A . n 
A 1 148 ALA 148 175 ?   ?   ?   A . n 
A 1 149 THR 149 176 ?   ?   ?   A . n 
A 1 150 THR 150 177 ?   ?   ?   A . n 
A 1 151 THR 151 178 ?   ?   ?   A . n 
A 1 152 ALA 152 179 ?   ?   ?   A . n 
A 1 153 SER 153 180 ?   ?   ?   A . n 
A 1 154 ASN 154 181 ?   ?   ?   A . n 
A 1 155 SER 155 182 ?   ?   ?   A . n 
A 1 156 MET 156 183 ?   ?   ?   A . n 
A 1 157 GLN 157 184 ?   ?   ?   A . n 
A 1 158 GLY 158 185 ?   ?   ?   A . n 
A 1 159 ASN 159 186 ?   ?   ?   A . n 
A 1 160 MET 160 187 ?   ?   ?   A . n 
A 1 161 ASN 161 188 ?   ?   ?   A . n 
A 1 162 SER 162 189 ?   ?   ?   A . n 
A 1 163 ASN 163 190 ?   ?   ?   A . n 
A 1 164 ASN 164 191 ?   ?   ?   A . n 
A 1 165 LEU 165 192 ?   ?   ?   A . n 
A 1 166 ASN 166 193 ?   ?   ?   A . n 
A 1 167 SER 167 194 ?   ?   ?   A . n 
A 1 168 GLN 168 195 ?   ?   ?   A . n 
A 1 169 LEU 169 196 ?   ?   ?   A . n 
A 1 170 SER 170 197 ?   ?   ?   A . n 
A 1 171 MET 171 198 ?   ?   ?   A . n 
A 1 172 LYS 172 199 ?   ?   ?   A . n 
A 1 173 GLY 173 200 ?   ?   ?   A . n 
A 1 174 SER 174 201 ?   ?   ?   A . n 
A 1 175 SER 175 202 ?   ?   ?   A . n 
A 1 176 ILE 176 203 ?   ?   ?   A . n 
A 1 177 HIS 177 204 ?   ?   ?   A . n 
A 1 178 MET 178 205 ?   ?   ?   A . n 
A 1 179 ASN 179 206 ?   ?   ?   A . n 
A 1 180 SER 180 207 ?   ?   ?   A . n 
A 1 181 ALA 181 208 ?   ?   ?   A . n 
A 1 182 ASN 182 209 ?   ?   ?   A . n 
A 1 183 SER 183 210 ?   ?   ?   A . n 
A 1 184 THR 184 211 ?   ?   ?   A . n 
A 1 185 SER 185 212 ?   ?   ?   A . n 
A 1 186 ASN 186 213 ?   ?   ?   A . n 
A 1 187 VAL 187 214 ?   ?   ?   A . n 
A 1 188 SER 188 215 ?   ?   ?   A . n 
A 1 189 GLY 189 216 ?   ?   ?   A . n 
A 1 190 ASN 190 217 ?   ?   ?   A . n 
A 1 191 ALA 191 218 ?   ?   ?   A . n 
A 1 192 THR 192 219 ?   ?   ?   A . n 
A 1 193 GLY 193 220 ?   ?   ?   A . n 
A 1 194 ASN 194 221 ?   ?   ?   A . n 
A 1 195 ALA 195 222 ?   ?   ?   A . n 
A 1 196 SER 196 223 ?   ?   ?   A . n 
A 1 197 GLY 197 224 ?   ?   ?   A . n 
A 1 198 HIS 198 225 ?   ?   ?   A . n 
A 1 199 ILE 199 226 ?   ?   ?   A . n 
A 1 200 SER 200 227 ?   ?   ?   A . n 
A 1 201 ILE 201 228 ?   ?   ?   A . n 
A 1 202 ASN 202 229 ?   ?   ?   A . n 
A 1 203 TRP 203 230 ?   ?   ?   A . n 
A 1 204 SER 204 231 ?   ?   ?   A . n 
A 1 205 HIS 205 232 ?   ?   ?   A . n 
A 1 206 PRO 206 233 ?   ?   ?   A . n 
A 1 207 GLN 207 234 ?   ?   ?   A . n 
A 1 208 PHE 208 235 ?   ?   ?   A . n 
A 1 209 GLU 209 236 ?   ?   ?   A . n 
A 1 210 LYS 210 237 ?   ?   ?   A . n 
B 1 1   MET 1   28  ?   ?   ?   B . n 
B 1 2   ALA 2   29  ?   ?   ?   B . n 
B 1 3   SER 3   30  ?   ?   ?   B . n 
B 1 4   LEU 4   31  ?   ?   ?   B . n 
B 1 5   ASN 5   32  ?   ?   ?   B . n 
B 1 6   GLU 6   33  ?   ?   ?   B . n 
B 1 7   HIS 7   34  ?   ?   ?   B . n 
B 1 8   GLU 8   35  ?   ?   ?   B . n 
B 1 9   GLY 9   36  ?   ?   ?   B . n 
B 1 10  GLU 10  37  ?   ?   ?   B . n 
B 1 11  VAL 11  38  ?   ?   ?   B . n 
B 1 12  ALA 12  39  ?   ?   ?   B . n 
B 1 13  TYR 13  40  ?   ?   ?   B . n 
B 1 14  ASP 14  41  ?   ?   ?   B . n 
B 1 15  LYS 15  42  ?   ?   ?   B . n 
B 1 16  LYS 16  43  ?   ?   ?   B . n 
B 1 17  GLU 17  44  ?   ?   ?   B . n 
B 1 18  ASP 18  45  ?   ?   ?   B . n 
B 1 19  ALA 19  46  ?   ?   ?   B . n 
B 1 20  GLU 20  47  ?   ?   ?   B . n 
B 1 21  ILE 21  48  ?   ?   ?   B . n 
B 1 22  SER 22  49  ?   ?   ?   B . n 
B 1 23  MET 23  50  ?   ?   ?   B . n 
B 1 24  HIS 24  51  ?   ?   ?   B . n 
B 1 25  MET 25  52  ?   ?   ?   B . n 
B 1 26  ASN 26  53  ?   ?   ?   B . n 
B 1 27  GLU 27  54  ?   ?   ?   B . n 
B 1 28  GLN 28  55  ?   ?   ?   B . n 
B 1 29  ASP 29  56  ?   ?   ?   B . n 
B 1 30  LYS 30  57  58  LYS LYS B . n 
B 1 31  LEU 31  58  59  LEU LEU B . n 
B 1 32  ASP 32  59  60  ASP ASP B . n 
B 1 33  VAL 33  60  61  VAL VAL B . n 
B 1 34  PRO 34  61  62  PRO PRO B . n 
B 1 35  SER 35  62  63  SER SER B . n 
B 1 36  LEU 36  63  64  LEU LEU B . n 
B 1 37  VAL 37  64  65  VAL VAL B . n 
B 1 38  GLU 38  65  66  GLU GLU B . n 
B 1 39  ILE 39  66  67  ILE ILE B . n 
B 1 40  CYS 40  67  68  CYS CYS B . n 
B 1 41  LYS 41  68  69  LYS LYS B . n 
B 1 42  GLN 42  69  70  GLN GLN B . n 
B 1 43  GLN 43  70  71  GLN GLN B . n 
B 1 44  LEU 44  71  72  LEU LEU B . n 
B 1 45  ILE 45  72  73  ILE ILE B . n 
B 1 46  VAL 46  73  74  VAL VAL B . n 
B 1 47  ILE 47  74  75  ILE ILE B . n 
B 1 48  LEU 48  75  76  LEU LEU B . n 
B 1 49  LYS 49  76  77  LYS LYS B . n 
B 1 50  ASP 50  77  78  ASP ASP B . n 
B 1 51  MET 51  78  79  MET MET B . n 
B 1 52  CYS 52  79  80  CYS CYS B . n 
B 1 53  ALA 53  80  81  ALA ALA B . n 
B 1 54  ASP 54  81  82  ASP ASP B . n 
B 1 55  SER 55  82  83  SER SER B . n 
B 1 56  ASN 56  83  84  ASN ASN B . n 
B 1 57  SER 57  84  85  SER SER B . n 
B 1 58  SER 58  85  86  SER SER B . n 
B 1 59  ASP 59  86  87  ASP ASP B . n 
B 1 60  GLU 60  87  88  GLU GLU B . n 
B 1 61  LYS 61  88  89  LYS LYS B . n 
B 1 62  ALA 62  89  90  ALA ALA B . n 
B 1 63  SER 63  90  91  SER SER B . n 
B 1 64  PHE 64  91  92  PHE PHE B . n 
B 1 65  MET 65  92  93  MET MET B . n 
B 1 66  TYR 66  93  94  TYR TYR B . n 
B 1 67  HIS 67  94  95  HIS HIS B . n 
B 1 68  LEU 68  95  96  LEU LEU B . n 
B 1 69  ASN 69  96  97  ASN ASN B . n 
B 1 70  ARG 70  97  98  ARG ARG B . n 
B 1 71  LEU 71  98  99  LEU LEU B . n 
B 1 72  ARG 72  99  100 ARG ARG B . n 
B 1 73  SER 73  100 101 SER SER B . n 
B 1 74  ALA 74  101 102 ALA ALA B . n 
B 1 75  VAL 75  102 103 VAL VAL B . n 
B 1 76  THR 76  103 104 THR THR B . n 
B 1 77  VAL 77  104 105 VAL VAL B . n 
B 1 78  VAL 78  105 106 VAL VAL B . n 
B 1 79  ASP 79  106 107 ASP ASP B . n 
B 1 80  LEU 80  107 108 LEU LEU B . n 
B 1 81  HIS 81  108 109 HIS HIS B . n 
B 1 82  ASN 82  109 110 ASN ASN B . n 
B 1 83  TYR 83  110 111 TYR TYR B . n 
B 1 84  ILE 84  111 112 ILE ILE B . n 
B 1 85  ALA 85  112 113 ALA ALA B . n 
B 1 86  VAL 86  113 114 VAL VAL B . n 
B 1 87  PHE 87  114 115 PHE PHE B . n 
B 1 88  GLY 88  115 116 GLY GLY B . n 
B 1 89  PRO 89  116 117 PRO PRO B . n 
B 1 90  CYS 90  117 118 CYS CYS B . n 
B 1 91  LEU 91  118 119 LEU LEU B . n 
B 1 92  SER 92  119 120 SER SER B . n 
B 1 93  TYR 93  120 121 TYR TYR B . n 
B 1 94  ASN 94  121 122 ASN ASN B . n 
B 1 95  LYS 95  122 123 LYS LYS B . n 
B 1 96  LEU 96  123 124 LEU LEU B . n 
B 1 97  PRO 97  124 125 PRO PRO B . n 
B 1 98  SER 98  125 126 SER SER B . n 
B 1 99  THR 99  126 127 THR THR B . n 
B 1 100 TRP 100 127 128 TRP TRP B . n 
B 1 101 ASN 101 128 129 ASN ASN B . n 
B 1 102 ILE 102 129 130 ILE ILE B . n 
B 1 103 SER 103 130 131 SER SER B . n 
B 1 104 VAL 104 131 132 VAL VAL B . n 
B 1 105 CYS 105 132 133 CYS CYS B . n 
B 1 106 ASP 106 133 134 ASP ASP B . n 
B 1 107 TYR 107 134 135 TYR TYR B . n 
B 1 108 LEU 108 135 136 LEU LEU B . n 
B 1 109 LYS 109 136 137 LYS LYS B . n 
B 1 110 GLN 110 137 138 GLN GLN B . n 
B 1 111 GLN 111 138 139 GLN GLN B . n 
B 1 112 LEU 112 139 140 LEU LEU B . n 
B 1 113 ASN 113 140 141 ASN ASN B . n 
B 1 114 ILE 114 141 142 ILE ILE B . n 
B 1 115 LEU 115 142 143 LEU LEU B . n 
B 1 116 ARG 116 143 144 ARG ARG B . n 
B 1 117 ALA 117 144 145 ALA ALA B . n 
B 1 118 ALA 118 145 146 ALA ALA B . n 
B 1 119 ASP 119 146 147 ASP ASP B . n 
B 1 120 SER 120 147 148 SER SER B . n 
B 1 121 GLN 121 148 ?   ?   ?   B . n 
B 1 122 GLN 122 149 ?   ?   ?   B . n 
B 1 123 SER 123 150 ?   ?   ?   B . n 
B 1 124 SER 124 151 ?   ?   ?   B . n 
B 1 125 SER 125 152 ?   ?   ?   B . n 
B 1 126 ASN 126 153 ?   ?   ?   B . n 
B 1 127 HIS 127 154 ?   ?   ?   B . n 
B 1 128 VAL 128 155 ?   ?   ?   B . n 
B 1 129 SER 129 156 ?   ?   ?   B . n 
B 1 130 TYR 130 157 ?   ?   ?   B . n 
B 1 131 LEU 131 158 ?   ?   ?   B . n 
B 1 132 GLU 132 159 ?   ?   ?   B . n 
B 1 133 LEU 133 160 ?   ?   ?   B . n 
B 1 134 HIS 134 161 ?   ?   ?   B . n 
B 1 135 ASN 135 162 ?   ?   ?   B . n 
B 1 136 ASP 136 163 ?   ?   ?   B . n 
B 1 137 TYR 137 164 ?   ?   ?   B . n 
B 1 138 GLU 138 165 ?   ?   ?   B . n 
B 1 139 ASP 139 166 ?   ?   ?   B . n 
B 1 140 ILE 140 167 ?   ?   ?   B . n 
B 1 141 ILE 141 168 ?   ?   ?   B . n 
B 1 142 HIS 142 169 ?   ?   ?   B . n 
B 1 143 ASP 143 170 ?   ?   ?   B . n 
B 1 144 LYS 144 171 ?   ?   ?   B . n 
B 1 145 LYS 145 172 ?   ?   ?   B . n 
B 1 146 GLY 146 173 ?   ?   ?   B . n 
B 1 147 ASN 147 174 ?   ?   ?   B . n 
B 1 148 ALA 148 175 ?   ?   ?   B . n 
B 1 149 THR 149 176 ?   ?   ?   B . n 
B 1 150 THR 150 177 ?   ?   ?   B . n 
B 1 151 THR 151 178 ?   ?   ?   B . n 
B 1 152 ALA 152 179 ?   ?   ?   B . n 
B 1 153 SER 153 180 ?   ?   ?   B . n 
B 1 154 ASN 154 181 ?   ?   ?   B . n 
B 1 155 SER 155 182 ?   ?   ?   B . n 
B 1 156 MET 156 183 ?   ?   ?   B . n 
B 1 157 GLN 157 184 ?   ?   ?   B . n 
B 1 158 GLY 158 185 ?   ?   ?   B . n 
B 1 159 ASN 159 186 ?   ?   ?   B . n 
B 1 160 MET 160 187 ?   ?   ?   B . n 
B 1 161 ASN 161 188 ?   ?   ?   B . n 
B 1 162 SER 162 189 ?   ?   ?   B . n 
B 1 163 ASN 163 190 ?   ?   ?   B . n 
B 1 164 ASN 164 191 ?   ?   ?   B . n 
B 1 165 LEU 165 192 ?   ?   ?   B . n 
B 1 166 ASN 166 193 ?   ?   ?   B . n 
B 1 167 SER 167 194 ?   ?   ?   B . n 
B 1 168 GLN 168 195 ?   ?   ?   B . n 
B 1 169 LEU 169 196 ?   ?   ?   B . n 
B 1 170 SER 170 197 ?   ?   ?   B . n 
B 1 171 MET 171 198 ?   ?   ?   B . n 
B 1 172 LYS 172 199 ?   ?   ?   B . n 
B 1 173 GLY 173 200 ?   ?   ?   B . n 
B 1 174 SER 174 201 ?   ?   ?   B . n 
B 1 175 SER 175 202 ?   ?   ?   B . n 
B 1 176 ILE 176 203 ?   ?   ?   B . n 
B 1 177 HIS 177 204 ?   ?   ?   B . n 
B 1 178 MET 178 205 ?   ?   ?   B . n 
B 1 179 ASN 179 206 ?   ?   ?   B . n 
B 1 180 SER 180 207 ?   ?   ?   B . n 
B 1 181 ALA 181 208 ?   ?   ?   B . n 
B 1 182 ASN 182 209 ?   ?   ?   B . n 
B 1 183 SER 183 210 ?   ?   ?   B . n 
B 1 184 THR 184 211 ?   ?   ?   B . n 
B 1 185 SER 185 212 ?   ?   ?   B . n 
B 1 186 ASN 186 213 ?   ?   ?   B . n 
B 1 187 VAL 187 214 ?   ?   ?   B . n 
B 1 188 SER 188 215 ?   ?   ?   B . n 
B 1 189 GLY 189 216 ?   ?   ?   B . n 
B 1 190 ASN 190 217 ?   ?   ?   B . n 
B 1 191 ALA 191 218 ?   ?   ?   B . n 
B 1 192 THR 192 219 ?   ?   ?   B . n 
B 1 193 GLY 193 220 ?   ?   ?   B . n 
B 1 194 ASN 194 221 ?   ?   ?   B . n 
B 1 195 ALA 195 222 ?   ?   ?   B . n 
B 1 196 SER 196 223 ?   ?   ?   B . n 
B 1 197 GLY 197 224 ?   ?   ?   B . n 
B 1 198 HIS 198 225 ?   ?   ?   B . n 
B 1 199 ILE 199 226 ?   ?   ?   B . n 
B 1 200 SER 200 227 ?   ?   ?   B . n 
B 1 201 ILE 201 228 ?   ?   ?   B . n 
B 1 202 ASN 202 229 ?   ?   ?   B . n 
B 1 203 TRP 203 230 ?   ?   ?   B . n 
B 1 204 SER 204 231 ?   ?   ?   B . n 
B 1 205 HIS 205 232 ?   ?   ?   B . n 
B 1 206 PRO 206 233 ?   ?   ?   B . n 
B 1 207 GLN 207 234 ?   ?   ?   B . n 
B 1 208 PHE 208 235 ?   ?   ?   B . n 
B 1 209 GLU 209 236 ?   ?   ?   B . n 
B 1 210 LYS 210 237 ?   ?   ?   B . n 
# 
loop_
_software.citation_id 
_software.classification 
_software.compiler_name 
_software.compiler_version 
_software.contact_author 
_software.contact_author_email 
_software.date 
_software.description 
_software.dependencies 
_software.hardware 
_software.language 
_software.location 
_software.mods 
_software.name 
_software.os 
_software.os_version 
_software.type 
_software.version 
_software.pdbx_ordinal 
? refinement       ? ? ? ? ? ? ? ? ? ? ? PHENIX ? ? ? '(1.21.2_5419: ???)' 1 
? 'data scaling'   ? ? ? ? ? ? ? ? ? ? ? XDS    ? ? ? .                    2 
? 'data reduction' ? ? ? ? ? ? ? ? ? ? ? XDS    ? ? ? .                    3 
? phasing          ? ? ? ? ? ? ? ? ? ? ? PHASER ? ? ? .                    4 
# 
_cell.angle_alpha                  90.00 
_cell.angle_alpha_esd              ? 
_cell.angle_beta                   90.00 
_cell.angle_beta_esd               ? 
_cell.angle_gamma                  90.00 
_cell.angle_gamma_esd              ? 
_cell.entry_id                     8RWU 
_cell.details                      ? 
_cell.formula_units_Z              ? 
_cell.length_a                     78.490 
_cell.length_a_esd                 ? 
_cell.length_b                     78.490 
_cell.length_b_esd                 ? 
_cell.length_c                     123.880 
_cell.length_c_esd                 ? 
_cell.volume                       ? 
_cell.volume_esd                   ? 
_cell.Z_PDB                        16 
_cell.reciprocal_angle_alpha       ? 
_cell.reciprocal_angle_beta        ? 
_cell.reciprocal_angle_gamma       ? 
_cell.reciprocal_angle_alpha_esd   ? 
_cell.reciprocal_angle_beta_esd    ? 
_cell.reciprocal_angle_gamma_esd   ? 
_cell.reciprocal_length_a          ? 
_cell.reciprocal_length_b          ? 
_cell.reciprocal_length_c          ? 
_cell.reciprocal_length_a_esd      ? 
_cell.reciprocal_length_b_esd      ? 
_cell.reciprocal_length_c_esd      ? 
_cell.pdbx_unique_axis             ? 
_cell.pdbx_esd_method              ? 
# 
_symmetry.entry_id                         8RWU 
_symmetry.cell_setting                     ? 
_symmetry.Int_Tables_number                92 
_symmetry.space_group_name_Hall            ? 
_symmetry.space_group_name_H-M             'P 41 21 2' 
_symmetry.pdbx_full_space_group_name_H-M   ? 
# 
_exptl.absorpt_coefficient_mu     ? 
_exptl.absorpt_correction_T_max   ? 
_exptl.absorpt_correction_T_min   ? 
_exptl.absorpt_correction_type    ? 
_exptl.absorpt_process_details    ? 
_exptl.entry_id                   8RWU 
_exptl.crystals_number            1 
_exptl.details                    ? 
_exptl.method                     'X-RAY DIFFRACTION' 
_exptl.method_details             ? 
# 
_exptl_crystal.colour                       ? 
_exptl_crystal.density_diffrn               ? 
_exptl_crystal.density_Matthews             2.15 
_exptl_crystal.density_method               ? 
_exptl_crystal.density_percent_sol          42.88 
_exptl_crystal.description                  ? 
_exptl_crystal.F_000                        ? 
_exptl_crystal.id                           1 
_exptl_crystal.preparation                  ? 
_exptl_crystal.size_max                     ? 
_exptl_crystal.size_mid                     ? 
_exptl_crystal.size_min                     ? 
_exptl_crystal.size_rad                     ? 
_exptl_crystal.colour_lustre                ? 
_exptl_crystal.colour_modifier              ? 
_exptl_crystal.colour_primary               ? 
_exptl_crystal.density_meas                 ? 
_exptl_crystal.density_meas_esd             ? 
_exptl_crystal.density_meas_gt              ? 
_exptl_crystal.density_meas_lt              ? 
_exptl_crystal.density_meas_temp            ? 
_exptl_crystal.density_meas_temp_esd        ? 
_exptl_crystal.density_meas_temp_gt         ? 
_exptl_crystal.density_meas_temp_lt         ? 
_exptl_crystal.pdbx_crystal_image_url       ? 
_exptl_crystal.pdbx_crystal_image_format    ? 
_exptl_crystal.pdbx_mosaicity               ? 
_exptl_crystal.pdbx_mosaicity_esd           ? 
_exptl_crystal.pdbx_mosaic_method           ? 
_exptl_crystal.pdbx_mosaic_block_size       ? 
_exptl_crystal.pdbx_mosaic_block_size_esd   ? 
# 
_exptl_crystal_grow.apparatus       ? 
_exptl_crystal_grow.atmosphere      ? 
_exptl_crystal_grow.crystal_id      1 
_exptl_crystal_grow.details         ? 
_exptl_crystal_grow.method          'VAPOR DIFFUSION, SITTING DROP' 
_exptl_crystal_grow.method_ref      ? 
_exptl_crystal_grow.pH              6.5 
_exptl_crystal_grow.pressure        ? 
_exptl_crystal_grow.pressure_esd    ? 
_exptl_crystal_grow.seeding         ? 
_exptl_crystal_grow.seeding_ref     ? 
_exptl_crystal_grow.temp_details    ? 
_exptl_crystal_grow.temp_esd        ? 
_exptl_crystal_grow.time            ? 
_exptl_crystal_grow.pdbx_details    '30% PEG 400 , 0.1 M Mes pH 6.5, 0.1 M Sodium acetate' 
_exptl_crystal_grow.pdbx_pH_range   ? 
_exptl_crystal_grow.temp            291 
# 
_diffrn.ambient_environment              ? 
_diffrn.ambient_temp                     100 
_diffrn.ambient_temp_details             ? 
_diffrn.ambient_temp_esd                 ? 
_diffrn.crystal_id                       1 
_diffrn.crystal_support                  ? 
_diffrn.crystal_treatment                ? 
_diffrn.details                          ? 
_diffrn.id                               1 
_diffrn.ambient_pressure                 ? 
_diffrn.ambient_pressure_esd             ? 
_diffrn.ambient_pressure_gt              ? 
_diffrn.ambient_pressure_lt              ? 
_diffrn.ambient_temp_gt                  ? 
_diffrn.ambient_temp_lt                  ? 
_diffrn.pdbx_serial_crystal_experiment   N 
# 
_diffrn_detector.details                      ? 
_diffrn_detector.detector                     PIXEL 
_diffrn_detector.diffrn_id                    1 
_diffrn_detector.type                         'DECTRIS EIGER X 9M' 
_diffrn_detector.area_resol_mean              ? 
_diffrn_detector.dtime                        ? 
_diffrn_detector.pdbx_frames_total            ? 
_diffrn_detector.pdbx_collection_time_total   ? 
_diffrn_detector.pdbx_collection_date         2023-06-10 
_diffrn_detector.pdbx_frequency               ? 
_diffrn_detector.id                           ? 
_diffrn_detector.number_of_axes               ? 
# 
_diffrn_radiation.collimation                      ? 
_diffrn_radiation.diffrn_id                        1 
_diffrn_radiation.filter_edge                      ? 
_diffrn_radiation.inhomogeneity                    ? 
_diffrn_radiation.monochromator                    ? 
_diffrn_radiation.polarisn_norm                    ? 
_diffrn_radiation.polarisn_ratio                   ? 
_diffrn_radiation.probe                            ? 
_diffrn_radiation.type                             ? 
_diffrn_radiation.xray_symbol                      ? 
_diffrn_radiation.wavelength_id                    1 
_diffrn_radiation.pdbx_monochromatic_or_laue_m_l   M 
_diffrn_radiation.pdbx_wavelength_list             ? 
_diffrn_radiation.pdbx_wavelength                  ? 
_diffrn_radiation.pdbx_diffrn_protocol             'SINGLE WAVELENGTH' 
_diffrn_radiation.pdbx_analyzer                    ? 
_diffrn_radiation.pdbx_scattering_type             x-ray 
# 
_diffrn_radiation_wavelength.id           1 
_diffrn_radiation_wavelength.wavelength   0.980118 
_diffrn_radiation_wavelength.wt           1.0 
# 
_diffrn_source.current                     ? 
_diffrn_source.details                     ? 
_diffrn_source.diffrn_id                   1 
_diffrn_source.power                       ? 
_diffrn_source.size                        ? 
_diffrn_source.source                      SYNCHROTRON 
_diffrn_source.target                      ? 
_diffrn_source.type                        'SOLEIL BEAMLINE PROXIMA 2' 
_diffrn_source.voltage                     ? 
_diffrn_source.take-off_angle              ? 
_diffrn_source.pdbx_wavelength_list        0.980118 
_diffrn_source.pdbx_wavelength             ? 
_diffrn_source.pdbx_synchrotron_beamline   'PROXIMA 2' 
_diffrn_source.pdbx_synchrotron_site       SOLEIL 
# 
_reflns.B_iso_Wilson_estimate                          ? 
_reflns.entry_id                                       8RWU 
_reflns.data_reduction_details                         ? 
_reflns.data_reduction_method                          ? 
_reflns.d_resolution_high                              3.15 
_reflns.d_resolution_low                               50 
_reflns.details                                        ? 
_reflns.limit_h_max                                    ? 
_reflns.limit_h_min                                    ? 
_reflns.limit_k_max                                    ? 
_reflns.limit_k_min                                    ? 
_reflns.limit_l_max                                    ? 
_reflns.limit_l_min                                    ? 
_reflns.number_all                                     ? 
_reflns.number_obs                                     7133 
_reflns.observed_criterion                             ? 
_reflns.observed_criterion_F_max                       ? 
_reflns.observed_criterion_F_min                       ? 
_reflns.observed_criterion_I_max                       ? 
_reflns.observed_criterion_I_min                       ? 
_reflns.observed_criterion_sigma_F                     ? 
_reflns.observed_criterion_sigma_I                     ? 
_reflns.percent_possible_obs                           99.7 
_reflns.R_free_details                                 ? 
_reflns.Rmerge_F_all                                   ? 
_reflns.Rmerge_F_obs                                   ? 
_reflns.Friedel_coverage                               ? 
_reflns.number_gt                                      ? 
_reflns.threshold_expression                           ? 
_reflns.pdbx_redundancy                                25 
_reflns.pdbx_netI_over_av_sigmaI                       ? 
_reflns.pdbx_netI_over_sigmaI                          21.53 
_reflns.pdbx_res_netI_over_av_sigmaI_2                 ? 
_reflns.pdbx_res_netI_over_sigmaI_2                    ? 
_reflns.pdbx_chi_squared                               ? 
_reflns.pdbx_scaling_rejects                           ? 
_reflns.pdbx_d_res_high_opt                            ? 
_reflns.pdbx_d_res_low_opt                             ? 
_reflns.pdbx_d_res_opt_method                          ? 
_reflns.phase_calculation_details                      ? 
_reflns.pdbx_Rrim_I_all                                0.11800000000000001 
_reflns.pdbx_Rpim_I_all                                ? 
_reflns.pdbx_d_opt                                     ? 
_reflns.pdbx_number_measured_all                       ? 
_reflns.pdbx_diffrn_id                                 1 
_reflns.pdbx_ordinal                                   1 
_reflns.pdbx_CC_half                                   1.0 
_reflns.pdbx_CC_star                                   ? 
_reflns.pdbx_R_split                                   ? 
_reflns.pdbx_Rmerge_I_obs                              0.115 
_reflns.pdbx_Rmerge_I_all                              ? 
_reflns.pdbx_Rsym_value                                ? 
_reflns.pdbx_CC_split_method                           ? 
_reflns.pdbx_aniso_diffraction_limit_axis_1_ortho[1]   ? 
_reflns.pdbx_aniso_diffraction_limit_axis_1_ortho[2]   ? 
_reflns.pdbx_aniso_diffraction_limit_axis_1_ortho[3]   ? 
_reflns.pdbx_aniso_diffraction_limit_axis_2_ortho[1]   ? 
_reflns.pdbx_aniso_diffraction_limit_axis_2_ortho[2]   ? 
_reflns.pdbx_aniso_diffraction_limit_axis_2_ortho[3]   ? 
_reflns.pdbx_aniso_diffraction_limit_axis_3_ortho[1]   ? 
_reflns.pdbx_aniso_diffraction_limit_axis_3_ortho[2]   ? 
_reflns.pdbx_aniso_diffraction_limit_axis_3_ortho[3]   ? 
_reflns.pdbx_aniso_diffraction_limit_1                 ? 
_reflns.pdbx_aniso_diffraction_limit_2                 ? 
_reflns.pdbx_aniso_diffraction_limit_3                 ? 
_reflns.pdbx_aniso_B_tensor_eigenvector_1_ortho[1]     ? 
_reflns.pdbx_aniso_B_tensor_eigenvector_1_ortho[2]     ? 
_reflns.pdbx_aniso_B_tensor_eigenvector_1_ortho[3]     ? 
_reflns.pdbx_aniso_B_tensor_eigenvector_2_ortho[1]     ? 
_reflns.pdbx_aniso_B_tensor_eigenvector_2_ortho[2]     ? 
_reflns.pdbx_aniso_B_tensor_eigenvector_2_ortho[3]     ? 
_reflns.pdbx_aniso_B_tensor_eigenvector_3_ortho[1]     ? 
_reflns.pdbx_aniso_B_tensor_eigenvector_3_ortho[2]     ? 
_reflns.pdbx_aniso_B_tensor_eigenvector_3_ortho[3]     ? 
_reflns.pdbx_aniso_B_tensor_eigenvalue_1               ? 
_reflns.pdbx_aniso_B_tensor_eigenvalue_2               ? 
_reflns.pdbx_aniso_B_tensor_eigenvalue_3               ? 
_reflns.pdbx_orthogonalization_convention              ? 
_reflns.pdbx_percent_possible_ellipsoidal              ? 
_reflns.pdbx_percent_possible_spherical                ? 
_reflns.pdbx_percent_possible_ellipsoidal_anomalous    ? 
_reflns.pdbx_percent_possible_spherical_anomalous      ? 
_reflns.pdbx_redundancy_anomalous                      ? 
_reflns.pdbx_CC_half_anomalous                         ? 
_reflns.pdbx_absDiff_over_sigma_anomalous              ? 
_reflns.pdbx_percent_possible_anomalous                ? 
_reflns.pdbx_observed_signal_threshold                 ? 
_reflns.pdbx_signal_type                               ? 
_reflns.pdbx_signal_details                            ? 
_reflns.pdbx_signal_software_id                        ? 
# 
loop_
_reflns_shell.d_res_high 
_reflns_shell.d_res_low 
_reflns_shell.meanI_over_sigI_all 
_reflns_shell.meanI_over_sigI_obs 
_reflns_shell.number_measured_all 
_reflns_shell.number_measured_obs 
_reflns_shell.number_possible 
_reflns_shell.number_unique_all 
_reflns_shell.number_unique_obs 
_reflns_shell.percent_possible_obs 
_reflns_shell.Rmerge_F_all 
_reflns_shell.Rmerge_F_obs 
_reflns_shell.meanI_over_sigI_gt 
_reflns_shell.meanI_over_uI_all 
_reflns_shell.meanI_over_uI_gt 
_reflns_shell.number_measured_gt 
_reflns_shell.number_unique_gt 
_reflns_shell.percent_possible_gt 
_reflns_shell.Rmerge_F_gt 
_reflns_shell.Rmerge_I_gt 
_reflns_shell.pdbx_redundancy 
_reflns_shell.pdbx_chi_squared 
_reflns_shell.pdbx_netI_over_sigmaI_all 
_reflns_shell.pdbx_netI_over_sigmaI_obs 
_reflns_shell.pdbx_Rrim_I_all 
_reflns_shell.pdbx_Rpim_I_all 
_reflns_shell.pdbx_rejects 
_reflns_shell.pdbx_ordinal 
_reflns_shell.pdbx_diffrn_id 
_reflns_shell.pdbx_CC_half 
_reflns_shell.pdbx_CC_star 
_reflns_shell.pdbx_R_split 
_reflns_shell.percent_possible_all 
_reflns_shell.Rmerge_I_all 
_reflns_shell.Rmerge_I_obs 
_reflns_shell.pdbx_Rsym_value 
_reflns_shell.pdbx_percent_possible_ellipsoidal 
_reflns_shell.pdbx_percent_possible_spherical 
_reflns_shell.pdbx_percent_possible_ellipsoidal_anomalous 
_reflns_shell.pdbx_percent_possible_spherical_anomalous 
_reflns_shell.pdbx_redundancy_anomalous 
_reflns_shell.pdbx_CC_half_anomalous 
_reflns_shell.pdbx_absDiff_over_sigma_anomalous 
_reflns_shell.pdbx_percent_possible_anomalous 
3.15 3.34 ? 1.18 ? ? ? ? 1106 ? ? ? ? ? ? ? ? ? ? ? ? ? ? ? 3.084 ? ? 1 1 0.495 ? ? ? ? 3.024 ? ? ? ? ? ? ? ? ? 
3.34 3.57 ? ?    ? ? ? ? 1058 ? ? ? ? ? ? ? ? ? ? ? ? ? ? ? 1.372 ? ? 2 1 0.856 ? ? ? ? 1.345 ? ? ? ? ? ? ? ? ? 
3.57 3.85 ? ?    ? ? ? ? 979  ? ? ? ? ? ? ? ? ? ? ? ? ? ? ? 0.669 ? ? 3 1 0.97  ? ? ? ? 0.657 ? ? ? ? ? ? ? ? ? 
3.85 4.22 ? ?    ? ? ? ? 911  ? ? ? ? ? ? ? ? ? ? ? ? ? ? ? 0.307 ? ? 4 1 0.993 ? ? ? ? 0.301 ? ? ? ? ? ? ? ? ? 
4.22 4.71 ? ?    ? ? ? ? 833  ? ? ? ? ? ? ? ? ? ? ? ? ? ? ? 0.156 ? ? 5 1 0.997 ? ? ? ? 0.153 ? ? ? ? ? ? ? ? ? 
4.71 5.43 ? ?    ? ? ? ? 754  ? ? ? ? ? ? ? ? ? ? ? ? ? ? ? 0.112 ? ? 6 1 0.998 ? ? ? ? 0.11  ? ? ? ? ? ? ? ? ? 
5.43 6.63 ? ?    ? ? ? ? 645  ? ? ? ? ? ? ? ? ? ? ? ? ? ? ? 0.107 ? ? 7 1 0.998 ? ? ? ? 0.105 ? ? ? ? ? ? ? ? ? 
6.63 9.3  ? ?    ? ? ? ? 520  ? ? ? ? ? ? ? ? ? ? ? ? ? ? ? 0.046 ? ? 8 1 1.0   ? ? ? ? 0.045 ? ? ? ? ? ? ? ? ? 
# 
_refine.aniso_B[1][1]                            ? 
_refine.aniso_B[1][2]                            ? 
_refine.aniso_B[1][3]                            ? 
_refine.aniso_B[2][2]                            ? 
_refine.aniso_B[2][3]                            ? 
_refine.aniso_B[3][3]                            ? 
_refine.B_iso_max                                ? 
_refine.B_iso_mean                               ? 
_refine.B_iso_min                                ? 
_refine.correlation_coeff_Fo_to_Fc               ? 
_refine.correlation_coeff_Fo_to_Fc_free          ? 
_refine.details                                  ? 
_refine.diff_density_max                         ? 
_refine.diff_density_max_esd                     ? 
_refine.diff_density_min                         ? 
_refine.diff_density_min_esd                     ? 
_refine.diff_density_rms                         ? 
_refine.diff_density_rms_esd                     ? 
_refine.entry_id                                 8RWU 
_refine.pdbx_refine_id                           'X-RAY DIFFRACTION' 
_refine.ls_abs_structure_details                 ? 
_refine.ls_abs_structure_Flack                   ? 
_refine.ls_abs_structure_Flack_esd               ? 
_refine.ls_abs_structure_Rogers                  ? 
_refine.ls_abs_structure_Rogers_esd              ? 
_refine.ls_d_res_high                            3.15 
_refine.ls_d_res_low                             48.62 
_refine.ls_extinction_coef                       ? 
_refine.ls_extinction_coef_esd                   ? 
_refine.ls_extinction_expression                 ? 
_refine.ls_extinction_method                     ? 
_refine.ls_goodness_of_fit_all                   ? 
_refine.ls_goodness_of_fit_all_esd               ? 
_refine.ls_goodness_of_fit_obs                   ? 
_refine.ls_goodness_of_fit_obs_esd               ? 
_refine.ls_hydrogen_treatment                    ? 
_refine.ls_matrix_type                           ? 
_refine.ls_number_constraints                    ? 
_refine.ls_number_parameters                     ? 
_refine.ls_number_reflns_all                     ? 
_refine.ls_number_reflns_obs                     7119 
_refine.ls_number_reflns_R_free                  356 
_refine.ls_number_reflns_R_work                  ? 
_refine.ls_number_restraints                     ? 
_refine.ls_percent_reflns_obs                    99.69 
_refine.ls_percent_reflns_R_free                 5.00 
_refine.ls_R_factor_all                          ? 
_refine.ls_R_factor_obs                          0.2286 
_refine.ls_R_factor_R_free                       0.2737 
_refine.ls_R_factor_R_free_error                 ? 
_refine.ls_R_factor_R_free_error_details         ? 
_refine.ls_R_factor_R_work                       0.2262 
_refine.ls_R_Fsqd_factor_obs                     ? 
_refine.ls_R_I_factor_obs                        ? 
_refine.ls_redundancy_reflns_all                 ? 
_refine.ls_redundancy_reflns_obs                 ? 
_refine.ls_restrained_S_all                      ? 
_refine.ls_restrained_S_obs                      ? 
_refine.ls_shift_over_esd_max                    ? 
_refine.ls_shift_over_esd_mean                   ? 
_refine.ls_structure_factor_coef                 ? 
_refine.ls_weighting_details                     ? 
_refine.ls_weighting_scheme                      ? 
_refine.ls_wR_factor_all                         ? 
_refine.ls_wR_factor_obs                         ? 
_refine.ls_wR_factor_R_free                      ? 
_refine.ls_wR_factor_R_work                      ? 
_refine.occupancy_max                            ? 
_refine.occupancy_min                            ? 
_refine.solvent_model_details                    'FLAT BULK SOLVENT MODEL' 
_refine.solvent_model_param_bsol                 ? 
_refine.solvent_model_param_ksol                 ? 
_refine.pdbx_R_complete                          ? 
_refine.ls_R_factor_gt                           ? 
_refine.ls_goodness_of_fit_gt                    ? 
_refine.ls_goodness_of_fit_ref                   ? 
_refine.ls_shift_over_su_max                     ? 
_refine.ls_shift_over_su_max_lt                  ? 
_refine.ls_shift_over_su_mean                    ? 
_refine.ls_shift_over_su_mean_lt                 ? 
_refine.pdbx_ls_sigma_I                          ? 
_refine.pdbx_ls_sigma_F                          1.34 
_refine.pdbx_ls_sigma_Fsqd                       ? 
_refine.pdbx_data_cutoff_high_absF               ? 
_refine.pdbx_data_cutoff_high_rms_absF           ? 
_refine.pdbx_data_cutoff_low_absF                ? 
_refine.pdbx_isotropic_thermal_model             ? 
_refine.pdbx_ls_cross_valid_method               'FREE R-VALUE' 
_refine.pdbx_method_to_determine_struct          'MOLECULAR REPLACEMENT' 
_refine.pdbx_starting_model                      ? 
_refine.pdbx_stereochemistry_target_values       ML 
_refine.pdbx_R_Free_selection_details            ? 
_refine.pdbx_stereochem_target_val_spec_case     ? 
_refine.pdbx_overall_ESU_R                       ? 
_refine.pdbx_overall_ESU_R_Free                  ? 
_refine.pdbx_solvent_vdw_probe_radii             1.10 
_refine.pdbx_solvent_ion_probe_radii             ? 
_refine.pdbx_solvent_shrinkage_radii             0.90 
_refine.pdbx_real_space_R                        ? 
_refine.pdbx_density_correlation                 ? 
_refine.pdbx_pd_number_of_powder_patterns        ? 
_refine.pdbx_pd_number_of_points                 ? 
_refine.pdbx_pd_meas_number_of_points            ? 
_refine.pdbx_pd_proc_ls_prof_R_factor            ? 
_refine.pdbx_pd_proc_ls_prof_wR_factor           ? 
_refine.pdbx_pd_Marquardt_correlation_coeff      ? 
_refine.pdbx_pd_Fsqrd_R_factor                   ? 
_refine.pdbx_pd_ls_matrix_band_width             ? 
_refine.pdbx_overall_phase_error                 34.20 
_refine.pdbx_overall_SU_R_free_Cruickshank_DPI   ? 
_refine.pdbx_overall_SU_R_free_Blow_DPI          ? 
_refine.pdbx_overall_SU_R_Blow_DPI               ? 
_refine.pdbx_TLS_residual_ADP_flag               ? 
_refine.pdbx_diffrn_id                           1 
_refine.overall_SU_B                             ? 
_refine.overall_SU_ML                            0.59 
_refine.overall_SU_R_Cruickshank_DPI             ? 
_refine.overall_SU_R_free                        ? 
_refine.overall_FOM_free_R_set                   ? 
_refine.overall_FOM_work_R_set                   ? 
_refine.pdbx_average_fsc_overall                 ? 
_refine.pdbx_average_fsc_work                    ? 
_refine.pdbx_average_fsc_free                    ? 
# 
_refine_hist.pdbx_refine_id                   'X-RAY DIFFRACTION' 
_refine_hist.cycle_id                         LAST 
_refine_hist.details                          ? 
_refine_hist.d_res_high                       3.15 
_refine_hist.d_res_low                        48.62 
_refine_hist.number_atoms_solvent             0 
_refine_hist.number_atoms_total               1453 
_refine_hist.number_reflns_all                ? 
_refine_hist.number_reflns_obs                ? 
_refine_hist.number_reflns_R_free             ? 
_refine_hist.number_reflns_R_work             ? 
_refine_hist.R_factor_all                     ? 
_refine_hist.R_factor_obs                     ? 
_refine_hist.R_factor_R_free                  ? 
_refine_hist.R_factor_R_work                  ? 
_refine_hist.pdbx_number_residues_total       ? 
_refine_hist.pdbx_B_iso_mean_ligand           ? 
_refine_hist.pdbx_B_iso_mean_solvent          ? 
_refine_hist.pdbx_number_atoms_protein        1453 
_refine_hist.pdbx_number_atoms_nucleic_acid   0 
_refine_hist.pdbx_number_atoms_ligand         0 
_refine_hist.pdbx_number_atoms_lipid          ? 
_refine_hist.pdbx_number_atoms_carb           ? 
_refine_hist.pdbx_pseudo_atom_details         ? 
# 
loop_
_refine_ls_restr.pdbx_refine_id 
_refine_ls_restr.criterion 
_refine_ls_restr.dev_ideal 
_refine_ls_restr.dev_ideal_target 
_refine_ls_restr.number 
_refine_ls_restr.rejects 
_refine_ls_restr.type 
_refine_ls_restr.weight 
_refine_ls_restr.pdbx_restraint_function 
'X-RAY DIFFRACTION' ? 0.004 ? 1477 ? f_bond_d           ? ? 
'X-RAY DIFFRACTION' ? 0.727 ? 2003 ? f_angle_d          ? ? 
'X-RAY DIFFRACTION' ? 5.249 ? 196  ? f_dihedral_angle_d ? ? 
'X-RAY DIFFRACTION' ? 0.042 ? 238  ? f_chiral_restr     ? ? 
'X-RAY DIFFRACTION' ? 0.005 ? 252  ? f_plane_restr      ? ? 
# 
loop_
_refine_ls_shell.pdbx_refine_id 
_refine_ls_shell.d_res_high 
_refine_ls_shell.d_res_low 
_refine_ls_shell.number_reflns_all 
_refine_ls_shell.number_reflns_obs 
_refine_ls_shell.number_reflns_R_free 
_refine_ls_shell.number_reflns_R_work 
_refine_ls_shell.percent_reflns_obs 
_refine_ls_shell.percent_reflns_R_free 
_refine_ls_shell.R_factor_all 
_refine_ls_shell.R_factor_obs 
_refine_ls_shell.R_factor_R_free_error 
_refine_ls_shell.R_factor_R_work 
_refine_ls_shell.redundancy_reflns_all 
_refine_ls_shell.redundancy_reflns_obs 
_refine_ls_shell.wR_factor_all 
_refine_ls_shell.wR_factor_obs 
_refine_ls_shell.wR_factor_R_free 
_refine_ls_shell.wR_factor_R_work 
_refine_ls_shell.pdbx_R_complete 
_refine_ls_shell.pdbx_total_number_of_bins_used 
_refine_ls_shell.pdbx_phase_error 
_refine_ls_shell.pdbx_fsc_work 
_refine_ls_shell.pdbx_fsc_free 
_refine_ls_shell.R_factor_R_free 
'X-RAY DIFFRACTION' 3.15 3.61  . . 114 2174 99.00  . . . . 0.3397 . . . . . . . . . . . 0.3843 
'X-RAY DIFFRACTION' 3.61 4.54  . . 117 2226 100.00 . . . . 0.2515 . . . . . . . . . . . 0.3015 
'X-RAY DIFFRACTION' 4.55 48.62 . . 125 2363 100.00 . . . . 0.1992 . . . . . . . . . . . 0.2455 
# 
_struct.entry_id                     8RWU 
_struct.title                        'ACDC domain of the AP2-I transcription factor from Plasmodium vivax' 
_struct.pdbx_model_details           ? 
_struct.pdbx_formula_weight          ? 
_struct.pdbx_formula_weight_method   ? 
_struct.pdbx_model_type_details      ? 
_struct.pdbx_CASP_flag               N 
# 
_struct_keywords.entry_id        8RWU 
_struct_keywords.text            
'AP2-coincident domain mainly at the C-terminus, orthogonal four helix bundle, TRANSCRIPTION, UNKNOWN FUNCTION' 
_struct_keywords.pdbx_keywords   'UNKNOWN FUNCTION' 
# 
loop_
_struct_asym.id 
_struct_asym.pdbx_blank_PDB_chainid_flag 
_struct_asym.pdbx_modified 
_struct_asym.entity_id 
_struct_asym.details 
A N N 1 ? 
B N N 1 ? 
# 
_struct_ref.id                         1 
_struct_ref.db_name                    UNP 
_struct_ref.db_code                    A0A564ZT73_PLAVI 
_struct_ref.pdbx_db_accession          A0A564ZT73 
_struct_ref.pdbx_db_isoform            ? 
_struct_ref.entity_id                  1 
_struct_ref.pdbx_seq_one_letter_code   
;ASLNEHEGEVAYDKKEDAEISMHMNEQDKLDVPSLVEICKQQLIVILKDMCADSNSSDEKASFMYHLNRLRSAVTVVDLH
NYIAVFGPCLSYNKLPSTWNISVCDYLKQQLNILRAADSQQSSSNHVSYLELHNDYEDIIHDKKGNATTTASNSMQGNMN
SNNLNSQLSMKGSSIHMNSANSTSNVSGNATGNASGHISIN
;
_struct_ref.pdbx_align_begin           29 
# 
loop_
_struct_ref_seq.align_id 
_struct_ref_seq.ref_id 
_struct_ref_seq.pdbx_PDB_id_code 
_struct_ref_seq.pdbx_strand_id 
_struct_ref_seq.seq_align_beg 
_struct_ref_seq.pdbx_seq_align_beg_ins_code 
_struct_ref_seq.seq_align_end 
_struct_ref_seq.pdbx_seq_align_end_ins_code 
_struct_ref_seq.pdbx_db_accession 
_struct_ref_seq.db_align_beg 
_struct_ref_seq.pdbx_db_align_beg_ins_code 
_struct_ref_seq.db_align_end 
_struct_ref_seq.pdbx_db_align_end_ins_code 
_struct_ref_seq.pdbx_auth_seq_align_beg 
_struct_ref_seq.pdbx_auth_seq_align_end 
1 1 8RWU A 2 ? 202 ? A0A564ZT73 29 ? 229 ? 29 229 
2 1 8RWU B 2 ? 202 ? A0A564ZT73 29 ? 229 ? 29 229 
# 
loop_
_struct_ref_seq_dif.align_id 
_struct_ref_seq_dif.pdbx_pdb_id_code 
_struct_ref_seq_dif.mon_id 
_struct_ref_seq_dif.pdbx_pdb_strand_id 
_struct_ref_seq_dif.seq_num 
_struct_ref_seq_dif.pdbx_pdb_ins_code 
_struct_ref_seq_dif.pdbx_seq_db_name 
_struct_ref_seq_dif.pdbx_seq_db_accession_code 
_struct_ref_seq_dif.db_mon_id 
_struct_ref_seq_dif.pdbx_seq_db_seq_num 
_struct_ref_seq_dif.details 
_struct_ref_seq_dif.pdbx_auth_seq_num 
_struct_ref_seq_dif.pdbx_ordinal 
1 8RWU MET A 1   ? UNP A0A564ZT73 ? ? 'initiating methionine' 28  1  
1 8RWU TRP A 203 ? UNP A0A564ZT73 ? ? 'expression tag'        230 2  
1 8RWU SER A 204 ? UNP A0A564ZT73 ? ? 'expression tag'        231 3  
1 8RWU HIS A 205 ? UNP A0A564ZT73 ? ? 'expression tag'        232 4  
1 8RWU PRO A 206 ? UNP A0A564ZT73 ? ? 'expression tag'        233 5  
1 8RWU GLN A 207 ? UNP A0A564ZT73 ? ? 'expression tag'        234 6  
1 8RWU PHE A 208 ? UNP A0A564ZT73 ? ? 'expression tag'        235 7  
1 8RWU GLU A 209 ? UNP A0A564ZT73 ? ? 'expression tag'        236 8  
1 8RWU LYS A 210 ? UNP A0A564ZT73 ? ? 'expression tag'        237 9  
2 8RWU MET B 1   ? UNP A0A564ZT73 ? ? 'initiating methionine' 28  10 
2 8RWU TRP B 203 ? UNP A0A564ZT73 ? ? 'expression tag'        230 11 
2 8RWU SER B 204 ? UNP A0A564ZT73 ? ? 'expression tag'        231 12 
2 8RWU HIS B 205 ? UNP A0A564ZT73 ? ? 'expression tag'        232 13 
2 8RWU PRO B 206 ? UNP A0A564ZT73 ? ? 'expression tag'        233 14 
2 8RWU GLN B 207 ? UNP A0A564ZT73 ? ? 'expression tag'        234 15 
2 8RWU PHE B 208 ? UNP A0A564ZT73 ? ? 'expression tag'        235 16 
2 8RWU GLU B 209 ? UNP A0A564ZT73 ? ? 'expression tag'        236 17 
2 8RWU LYS B 210 ? UNP A0A564ZT73 ? ? 'expression tag'        237 18 
# 
_pdbx_struct_assembly.id                   1 
_pdbx_struct_assembly.details              author_defined_assembly 
_pdbx_struct_assembly.method_details       ? 
_pdbx_struct_assembly.oligomeric_details   dimeric 
_pdbx_struct_assembly.oligomeric_count     2 
# 
loop_
_pdbx_struct_assembly_prop.biol_id 
_pdbx_struct_assembly_prop.type 
_pdbx_struct_assembly_prop.value 
_pdbx_struct_assembly_prop.details 
1 'ABSA (A^2)' 2710  ? 
1 MORE         -24   ? 
1 'SSA (A^2)'  10700 ? 
# 
_pdbx_struct_assembly_gen.assembly_id       1 
_pdbx_struct_assembly_gen.oper_expression   1 
_pdbx_struct_assembly_gen.asym_id_list      A,B 
# 
_pdbx_struct_assembly_auth_evidence.id                     1 
_pdbx_struct_assembly_auth_evidence.assembly_id            1 
_pdbx_struct_assembly_auth_evidence.experimental_support   'gel filtration' 
_pdbx_struct_assembly_auth_evidence.details                'Eluted as a monomer from the SEC column.' 
# 
_pdbx_struct_oper_list.id                   1 
_pdbx_struct_oper_list.type                 'identity operation' 
_pdbx_struct_oper_list.name                 1_555 
_pdbx_struct_oper_list.symmetry_operation   x,y,z 
_pdbx_struct_oper_list.matrix[1][1]         1.0000000000 
_pdbx_struct_oper_list.matrix[1][2]         0.0000000000 
_pdbx_struct_oper_list.matrix[1][3]         0.0000000000 
_pdbx_struct_oper_list.vector[1]            0.0000000000 
_pdbx_struct_oper_list.matrix[2][1]         0.0000000000 
_pdbx_struct_oper_list.matrix[2][2]         1.0000000000 
_pdbx_struct_oper_list.matrix[2][3]         0.0000000000 
_pdbx_struct_oper_list.vector[2]            0.0000000000 
_pdbx_struct_oper_list.matrix[3][1]         0.0000000000 
_pdbx_struct_oper_list.matrix[3][2]         0.0000000000 
_pdbx_struct_oper_list.matrix[3][3]         1.0000000000 
_pdbx_struct_oper_list.vector[3]            0.0000000000 
# 
loop_
_struct_conf.conf_type_id 
_struct_conf.id 
_struct_conf.pdbx_PDB_helix_id 
_struct_conf.beg_label_comp_id 
_struct_conf.beg_label_asym_id 
_struct_conf.beg_label_seq_id 
_struct_conf.pdbx_beg_PDB_ins_code 
_struct_conf.end_label_comp_id 
_struct_conf.end_label_asym_id 
_struct_conf.end_label_seq_id 
_struct_conf.pdbx_end_PDB_ins_code 
_struct_conf.beg_auth_comp_id 
_struct_conf.beg_auth_asym_id 
_struct_conf.beg_auth_seq_id 
_struct_conf.end_auth_comp_id 
_struct_conf.end_auth_asym_id 
_struct_conf.end_auth_seq_id 
_struct_conf.pdbx_PDB_helix_class 
_struct_conf.details 
_struct_conf.pdbx_PDB_helix_length 
HELX_P HELX_P1  AA1 LEU A 31  ? ALA A 53  ? LEU A 58  ALA A 80  1 ? 23 
HELX_P HELX_P2  AA2 SER A 57  ? ALA A 74  ? SER A 84  ALA A 101 1 ? 18 
HELX_P HELX_P3  AA3 LEU A 80  ? TYR A 93  ? LEU A 107 TYR A 120 1 ? 14 
HELX_P HELX_P4  AA4 LEU A 96  ? ASN A 101 ? LEU A 123 ASN A 128 1 ? 6  
HELX_P HELX_P5  AA5 SER A 103 ? SER A 120 ? SER A 130 SER A 147 1 ? 18 
HELX_P HELX_P6  AA6 VAL B 33  ? CYS B 52  ? VAL B 60  CYS B 79  1 ? 20 
HELX_P HELX_P7  AA7 SER B 57  ? SER B 73  ? SER B 84  SER B 100 1 ? 17 
HELX_P HELX_P8  AA8 THR B 76  ? SER B 92  ? THR B 103 SER B 119 1 ? 17 
HELX_P HELX_P9  AA9 TYR B 93  ? LYS B 95  ? TYR B 120 LYS B 122 5 ? 3  
HELX_P HELX_P10 AB1 SER B 103 ? ALA B 118 ? SER B 130 ALA B 145 1 ? 16 
# 
_struct_conf_type.id          HELX_P 
_struct_conf_type.criteria    ? 
_struct_conf_type.reference   ? 
# 
_pdbx_entry_details.entry_id                   8RWU 
_pdbx_entry_details.compound_details           ? 
_pdbx_entry_details.source_details             ? 
_pdbx_entry_details.nonpolymer_details         ? 
_pdbx_entry_details.sequence_details           ? 
_pdbx_entry_details.has_ligand_of_interest     ? 
_pdbx_entry_details.has_protein_modification   N 
# 
loop_
_pdbx_validate_torsion.id 
_pdbx_validate_torsion.PDB_model_num 
_pdbx_validate_torsion.auth_comp_id 
_pdbx_validate_torsion.auth_asym_id 
_pdbx_validate_torsion.auth_seq_id 
_pdbx_validate_torsion.PDB_ins_code 
_pdbx_validate_torsion.label_alt_id 
_pdbx_validate_torsion.phi 
_pdbx_validate_torsion.psi 
1 1 ASN A 83  ? ? -148.48 47.21  
2 1 ASN A 128 ? ? 60.90   67.30  
3 1 ASN B 83  ? ? -146.99 26.78  
4 1 TYR B 120 ? ? 71.49   -18.33 
# 
loop_
_pdbx_unobs_or_zero_occ_residues.id 
_pdbx_unobs_or_zero_occ_residues.PDB_model_num 
_pdbx_unobs_or_zero_occ_residues.polymer_flag 
_pdbx_unobs_or_zero_occ_residues.occupancy_flag 
_pdbx_unobs_or_zero_occ_residues.auth_asym_id 
_pdbx_unobs_or_zero_occ_residues.auth_comp_id 
_pdbx_unobs_or_zero_occ_residues.auth_seq_id 
_pdbx_unobs_or_zero_occ_residues.PDB_ins_code 
_pdbx_unobs_or_zero_occ_residues.label_asym_id 
_pdbx_unobs_or_zero_occ_residues.label_comp_id 
_pdbx_unobs_or_zero_occ_residues.label_seq_id 
1   1 Y 1 A MET 28  ? A MET 1   
2   1 Y 1 A ALA 29  ? A ALA 2   
3   1 Y 1 A SER 30  ? A SER 3   
4   1 Y 1 A LEU 31  ? A LEU 4   
5   1 Y 1 A ASN 32  ? A ASN 5   
6   1 Y 1 A GLU 33  ? A GLU 6   
7   1 Y 1 A HIS 34  ? A HIS 7   
8   1 Y 1 A GLU 35  ? A GLU 8   
9   1 Y 1 A GLY 36  ? A GLY 9   
10  1 Y 1 A GLU 37  ? A GLU 10  
11  1 Y 1 A VAL 38  ? A VAL 11  
12  1 Y 1 A ALA 39  ? A ALA 12  
13  1 Y 1 A TYR 40  ? A TYR 13  
14  1 Y 1 A ASP 41  ? A ASP 14  
15  1 Y 1 A LYS 42  ? A LYS 15  
16  1 Y 1 A LYS 43  ? A LYS 16  
17  1 Y 1 A GLU 44  ? A GLU 17  
18  1 Y 1 A ASP 45  ? A ASP 18  
19  1 Y 1 A ALA 46  ? A ALA 19  
20  1 Y 1 A GLU 47  ? A GLU 20  
21  1 Y 1 A ILE 48  ? A ILE 21  
22  1 Y 1 A SER 49  ? A SER 22  
23  1 Y 1 A MET 50  ? A MET 23  
24  1 Y 1 A HIS 51  ? A HIS 24  
25  1 Y 1 A MET 52  ? A MET 25  
26  1 Y 1 A ASN 53  ? A ASN 26  
27  1 Y 1 A GLU 54  ? A GLU 27  
28  1 Y 1 A GLN 148 ? A GLN 121 
29  1 Y 1 A GLN 149 ? A GLN 122 
30  1 Y 1 A SER 150 ? A SER 123 
31  1 Y 1 A SER 151 ? A SER 124 
32  1 Y 1 A SER 152 ? A SER 125 
33  1 Y 1 A ASN 153 ? A ASN 126 
34  1 Y 1 A HIS 154 ? A HIS 127 
35  1 Y 1 A VAL 155 ? A VAL 128 
36  1 Y 1 A SER 156 ? A SER 129 
37  1 Y 1 A TYR 157 ? A TYR 130 
38  1 Y 1 A LEU 158 ? A LEU 131 
39  1 Y 1 A GLU 159 ? A GLU 132 
40  1 Y 1 A LEU 160 ? A LEU 133 
41  1 Y 1 A HIS 161 ? A HIS 134 
42  1 Y 1 A ASN 162 ? A ASN 135 
43  1 Y 1 A ASP 163 ? A ASP 136 
44  1 Y 1 A TYR 164 ? A TYR 137 
45  1 Y 1 A GLU 165 ? A GLU 138 
46  1 Y 1 A ASP 166 ? A ASP 139 
47  1 Y 1 A ILE 167 ? A ILE 140 
48  1 Y 1 A ILE 168 ? A ILE 141 
49  1 Y 1 A HIS 169 ? A HIS 142 
50  1 Y 1 A ASP 170 ? A ASP 143 
51  1 Y 1 A LYS 171 ? A LYS 144 
52  1 Y 1 A LYS 172 ? A LYS 145 
53  1 Y 1 A GLY 173 ? A GLY 146 
54  1 Y 1 A ASN 174 ? A ASN 147 
55  1 Y 1 A ALA 175 ? A ALA 148 
56  1 Y 1 A THR 176 ? A THR 149 
57  1 Y 1 A THR 177 ? A THR 150 
58  1 Y 1 A THR 178 ? A THR 151 
59  1 Y 1 A ALA 179 ? A ALA 152 
60  1 Y 1 A SER 180 ? A SER 153 
61  1 Y 1 A ASN 181 ? A ASN 154 
62  1 Y 1 A SER 182 ? A SER 155 
63  1 Y 1 A MET 183 ? A MET 156 
64  1 Y 1 A GLN 184 ? A GLN 157 
65  1 Y 1 A GLY 185 ? A GLY 158 
66  1 Y 1 A ASN 186 ? A ASN 159 
67  1 Y 1 A MET 187 ? A MET 160 
68  1 Y 1 A ASN 188 ? A ASN 161 
69  1 Y 1 A SER 189 ? A SER 162 
70  1 Y 1 A ASN 190 ? A ASN 163 
71  1 Y 1 A ASN 191 ? A ASN 164 
72  1 Y 1 A LEU 192 ? A LEU 165 
73  1 Y 1 A ASN 193 ? A ASN 166 
74  1 Y 1 A SER 194 ? A SER 167 
75  1 Y 1 A GLN 195 ? A GLN 168 
76  1 Y 1 A LEU 196 ? A LEU 169 
77  1 Y 1 A SER 197 ? A SER 170 
78  1 Y 1 A MET 198 ? A MET 171 
79  1 Y 1 A LYS 199 ? A LYS 172 
80  1 Y 1 A GLY 200 ? A GLY 173 
81  1 Y 1 A SER 201 ? A SER 174 
82  1 Y 1 A SER 202 ? A SER 175 
83  1 Y 1 A ILE 203 ? A ILE 176 
84  1 Y 1 A HIS 204 ? A HIS 177 
85  1 Y 1 A MET 205 ? A MET 178 
86  1 Y 1 A ASN 206 ? A ASN 179 
87  1 Y 1 A SER 207 ? A SER 180 
88  1 Y 1 A ALA 208 ? A ALA 181 
89  1 Y 1 A ASN 209 ? A ASN 182 
90  1 Y 1 A SER 210 ? A SER 183 
91  1 Y 1 A THR 211 ? A THR 184 
92  1 Y 1 A SER 212 ? A SER 185 
93  1 Y 1 A ASN 213 ? A ASN 186 
94  1 Y 1 A VAL 214 ? A VAL 187 
95  1 Y 1 A SER 215 ? A SER 188 
96  1 Y 1 A GLY 216 ? A GLY 189 
97  1 Y 1 A ASN 217 ? A ASN 190 
98  1 Y 1 A ALA 218 ? A ALA 191 
99  1 Y 1 A THR 219 ? A THR 192 
100 1 Y 1 A GLY 220 ? A GLY 193 
101 1 Y 1 A ASN 221 ? A ASN 194 
102 1 Y 1 A ALA 222 ? A ALA 195 
103 1 Y 1 A SER 223 ? A SER 196 
104 1 Y 1 A GLY 224 ? A GLY 197 
105 1 Y 1 A HIS 225 ? A HIS 198 
106 1 Y 1 A ILE 226 ? A ILE 199 
107 1 Y 1 A SER 227 ? A SER 200 
108 1 Y 1 A ILE 228 ? A ILE 201 
109 1 Y 1 A ASN 229 ? A ASN 202 
110 1 Y 1 A TRP 230 ? A TRP 203 
111 1 Y 1 A SER 231 ? A SER 204 
112 1 Y 1 A HIS 232 ? A HIS 205 
113 1 Y 1 A PRO 233 ? A PRO 206 
114 1 Y 1 A GLN 234 ? A GLN 207 
115 1 Y 1 A PHE 235 ? A PHE 208 
116 1 Y 1 A GLU 236 ? A GLU 209 
117 1 Y 1 A LYS 237 ? A LYS 210 
118 1 Y 1 B MET 28  ? B MET 1   
119 1 Y 1 B ALA 29  ? B ALA 2   
120 1 Y 1 B SER 30  ? B SER 3   
121 1 Y 1 B LEU 31  ? B LEU 4   
122 1 Y 1 B ASN 32  ? B ASN 5   
123 1 Y 1 B GLU 33  ? B GLU 6   
124 1 Y 1 B HIS 34  ? B HIS 7   
125 1 Y 1 B GLU 35  ? B GLU 8   
126 1 Y 1 B GLY 36  ? B GLY 9   
127 1 Y 1 B GLU 37  ? B GLU 10  
128 1 Y 1 B VAL 38  ? B VAL 11  
129 1 Y 1 B ALA 39  ? B ALA 12  
130 1 Y 1 B TYR 40  ? B TYR 13  
131 1 Y 1 B ASP 41  ? B ASP 14  
132 1 Y 1 B LYS 42  ? B LYS 15  
133 1 Y 1 B LYS 43  ? B LYS 16  
134 1 Y 1 B GLU 44  ? B GLU 17  
135 1 Y 1 B ASP 45  ? B ASP 18  
136 1 Y 1 B ALA 46  ? B ALA 19  
137 1 Y 1 B GLU 47  ? B GLU 20  
138 1 Y 1 B ILE 48  ? B ILE 21  
139 1 Y 1 B SER 49  ? B SER 22  
140 1 Y 1 B MET 50  ? B MET 23  
141 1 Y 1 B HIS 51  ? B HIS 24  
142 1 Y 1 B MET 52  ? B MET 25  
143 1 Y 1 B ASN 53  ? B ASN 26  
144 1 Y 1 B GLU 54  ? B GLU 27  
145 1 Y 1 B GLN 55  ? B GLN 28  
146 1 Y 1 B ASP 56  ? B ASP 29  
147 1 Y 1 B GLN 148 ? B GLN 121 
148 1 Y 1 B GLN 149 ? B GLN 122 
149 1 Y 1 B SER 150 ? B SER 123 
150 1 Y 1 B SER 151 ? B SER 124 
151 1 Y 1 B SER 152 ? B SER 125 
152 1 Y 1 B ASN 153 ? B ASN 126 
153 1 Y 1 B HIS 154 ? B HIS 127 
154 1 Y 1 B VAL 155 ? B VAL 128 
155 1 Y 1 B SER 156 ? B SER 129 
156 1 Y 1 B TYR 157 ? B TYR 130 
157 1 Y 1 B LEU 158 ? B LEU 131 
158 1 Y 1 B GLU 159 ? B GLU 132 
159 1 Y 1 B LEU 160 ? B LEU 133 
160 1 Y 1 B HIS 161 ? B HIS 134 
161 1 Y 1 B ASN 162 ? B ASN 135 
162 1 Y 1 B ASP 163 ? B ASP 136 
163 1 Y 1 B TYR 164 ? B TYR 137 
164 1 Y 1 B GLU 165 ? B GLU 138 
165 1 Y 1 B ASP 166 ? B ASP 139 
166 1 Y 1 B ILE 167 ? B ILE 140 
167 1 Y 1 B ILE 168 ? B ILE 141 
168 1 Y 1 B HIS 169 ? B HIS 142 
169 1 Y 1 B ASP 170 ? B ASP 143 
170 1 Y 1 B LYS 171 ? B LYS 144 
171 1 Y 1 B LYS 172 ? B LYS 145 
172 1 Y 1 B GLY 173 ? B GLY 146 
173 1 Y 1 B ASN 174 ? B ASN 147 
174 1 Y 1 B ALA 175 ? B ALA 148 
175 1 Y 1 B THR 176 ? B THR 149 
176 1 Y 1 B THR 177 ? B THR 150 
177 1 Y 1 B THR 178 ? B THR 151 
178 1 Y 1 B ALA 179 ? B ALA 152 
179 1 Y 1 B SER 180 ? B SER 153 
180 1 Y 1 B ASN 181 ? B ASN 154 
181 1 Y 1 B SER 182 ? B SER 155 
182 1 Y 1 B MET 183 ? B MET 156 
183 1 Y 1 B GLN 184 ? B GLN 157 
184 1 Y 1 B GLY 185 ? B GLY 158 
185 1 Y 1 B ASN 186 ? B ASN 159 
186 1 Y 1 B MET 187 ? B MET 160 
187 1 Y 1 B ASN 188 ? B ASN 161 
188 1 Y 1 B SER 189 ? B SER 162 
189 1 Y 1 B ASN 190 ? B ASN 163 
190 1 Y 1 B ASN 191 ? B ASN 164 
191 1 Y 1 B LEU 192 ? B LEU 165 
192 1 Y 1 B ASN 193 ? B ASN 166 
193 1 Y 1 B SER 194 ? B SER 167 
194 1 Y 1 B GLN 195 ? B GLN 168 
195 1 Y 1 B LEU 196 ? B LEU 169 
196 1 Y 1 B SER 197 ? B SER 170 
197 1 Y 1 B MET 198 ? B MET 171 
198 1 Y 1 B LYS 199 ? B LYS 172 
199 1 Y 1 B GLY 200 ? B GLY 173 
200 1 Y 1 B SER 201 ? B SER 174 
201 1 Y 1 B SER 202 ? B SER 175 
202 1 Y 1 B ILE 203 ? B ILE 176 
203 1 Y 1 B HIS 204 ? B HIS 177 
204 1 Y 1 B MET 205 ? B MET 178 
205 1 Y 1 B ASN 206 ? B ASN 179 
206 1 Y 1 B SER 207 ? B SER 180 
207 1 Y 1 B ALA 208 ? B ALA 181 
208 1 Y 1 B ASN 209 ? B ASN 182 
209 1 Y 1 B SER 210 ? B SER 183 
210 1 Y 1 B THR 211 ? B THR 184 
211 1 Y 1 B SER 212 ? B SER 185 
212 1 Y 1 B ASN 213 ? B ASN 186 
213 1 Y 1 B VAL 214 ? B VAL 187 
214 1 Y 1 B SER 215 ? B SER 188 
215 1 Y 1 B GLY 216 ? B GLY 189 
216 1 Y 1 B ASN 217 ? B ASN 190 
217 1 Y 1 B ALA 218 ? B ALA 191 
218 1 Y 1 B THR 219 ? B THR 192 
219 1 Y 1 B GLY 220 ? B GLY 193 
220 1 Y 1 B ASN 221 ? B ASN 194 
221 1 Y 1 B ALA 222 ? B ALA 195 
222 1 Y 1 B SER 223 ? B SER 196 
223 1 Y 1 B GLY 224 ? B GLY 197 
224 1 Y 1 B HIS 225 ? B HIS 198 
225 1 Y 1 B ILE 226 ? B ILE 199 
226 1 Y 1 B SER 227 ? B SER 200 
227 1 Y 1 B ILE 228 ? B ILE 201 
228 1 Y 1 B ASN 229 ? B ASN 202 
229 1 Y 1 B TRP 230 ? B TRP 203 
230 1 Y 1 B SER 231 ? B SER 204 
231 1 Y 1 B HIS 232 ? B HIS 205 
232 1 Y 1 B PRO 233 ? B PRO 206 
233 1 Y 1 B GLN 234 ? B GLN 207 
234 1 Y 1 B PHE 235 ? B PHE 208 
235 1 Y 1 B GLU 236 ? B GLU 209 
236 1 Y 1 B LYS 237 ? B LYS 210 
# 
loop_
_chem_comp_atom.comp_id 
_chem_comp_atom.atom_id 
_chem_comp_atom.type_symbol 
_chem_comp_atom.pdbx_aromatic_flag 
_chem_comp_atom.pdbx_stereo_config 
_chem_comp_atom.pdbx_ordinal 
ALA N    N N N 1   
ALA CA   C N S 2   
ALA C    C N N 3   
ALA O    O N N 4   
ALA CB   C N N 5   
ALA OXT  O N N 6   
ALA H    H N N 7   
ALA H2   H N N 8   
ALA HA   H N N 9   
ALA HB1  H N N 10  
ALA HB2  H N N 11  
ALA HB3  H N N 12  
ALA HXT  H N N 13  
ARG N    N N N 14  
ARG CA   C N S 15  
ARG C    C N N 16  
ARG O    O N N 17  
ARG CB   C N N 18  
ARG CG   C N N 19  
ARG CD   C N N 20  
ARG NE   N N N 21  
ARG CZ   C N N 22  
ARG NH1  N N N 23  
ARG NH2  N N N 24  
ARG OXT  O N N 25  
ARG H    H N N 26  
ARG H2   H N N 27  
ARG HA   H N N 28  
ARG HB2  H N N 29  
ARG HB3  H N N 30  
ARG HG2  H N N 31  
ARG HG3  H N N 32  
ARG HD2  H N N 33  
ARG HD3  H N N 34  
ARG HE   H N N 35  
ARG HH11 H N N 36  
ARG HH12 H N N 37  
ARG HH21 H N N 38  
ARG HH22 H N N 39  
ARG HXT  H N N 40  
ASN N    N N N 41  
ASN CA   C N S 42  
ASN C    C N N 43  
ASN O    O N N 44  
ASN CB   C N N 45  
ASN CG   C N N 46  
ASN OD1  O N N 47  
ASN ND2  N N N 48  
ASN OXT  O N N 49  
ASN H    H N N 50  
ASN H2   H N N 51  
ASN HA   H N N 52  
ASN HB2  H N N 53  
ASN HB3  H N N 54  
ASN HD21 H N N 55  
ASN HD22 H N N 56  
ASN HXT  H N N 57  
ASP N    N N N 58  
ASP CA   C N S 59  
ASP C    C N N 60  
ASP O    O N N 61  
ASP CB   C N N 62  
ASP CG   C N N 63  
ASP OD1  O N N 64  
ASP OD2  O N N 65  
ASP OXT  O N N 66  
ASP H    H N N 67  
ASP H2   H N N 68  
ASP HA   H N N 69  
ASP HB2  H N N 70  
ASP HB3  H N N 71  
ASP HD2  H N N 72  
ASP HXT  H N N 73  
CYS N    N N N 74  
CYS CA   C N R 75  
CYS C    C N N 76  
CYS O    O N N 77  
CYS CB   C N N 78  
CYS SG   S N N 79  
CYS OXT  O N N 80  
CYS H    H N N 81  
CYS H2   H N N 82  
CYS HA   H N N 83  
CYS HB2  H N N 84  
CYS HB3  H N N 85  
CYS HG   H N N 86  
CYS HXT  H N N 87  
GLN N    N N N 88  
GLN CA   C N S 89  
GLN C    C N N 90  
GLN O    O N N 91  
GLN CB   C N N 92  
GLN CG   C N N 93  
GLN CD   C N N 94  
GLN OE1  O N N 95  
GLN NE2  N N N 96  
GLN OXT  O N N 97  
GLN H    H N N 98  
GLN H2   H N N 99  
GLN HA   H N N 100 
GLN HB2  H N N 101 
GLN HB3  H N N 102 
GLN HG2  H N N 103 
GLN HG3  H N N 104 
GLN HE21 H N N 105 
GLN HE22 H N N 106 
GLN HXT  H N N 107 
GLU N    N N N 108 
GLU CA   C N S 109 
GLU C    C N N 110 
GLU O    O N N 111 
GLU CB   C N N 112 
GLU CG   C N N 113 
GLU CD   C N N 114 
GLU OE1  O N N 115 
GLU OE2  O N N 116 
GLU OXT  O N N 117 
GLU H    H N N 118 
GLU H2   H N N 119 
GLU HA   H N N 120 
GLU HB2  H N N 121 
GLU HB3  H N N 122 
GLU HG2  H N N 123 
GLU HG3  H N N 124 
GLU HE2  H N N 125 
GLU HXT  H N N 126 
GLY N    N N N 127 
GLY CA   C N N 128 
GLY C    C N N 129 
GLY O    O N N 130 
GLY OXT  O N N 131 
GLY H    H N N 132 
GLY H2   H N N 133 
GLY HA2  H N N 134 
GLY HA3  H N N 135 
GLY HXT  H N N 136 
HIS N    N N N 137 
HIS CA   C N S 138 
HIS C    C N N 139 
HIS O    O N N 140 
HIS CB   C N N 141 
HIS CG   C Y N 142 
HIS ND1  N Y N 143 
HIS CD2  C Y N 144 
HIS CE1  C Y N 145 
HIS NE2  N Y N 146 
HIS OXT  O N N 147 
HIS H    H N N 148 
HIS H2   H N N 149 
HIS HA   H N N 150 
HIS HB2  H N N 151 
HIS HB3  H N N 152 
HIS HD1  H N N 153 
HIS HD2  H N N 154 
HIS HE1  H N N 155 
HIS HE2  H N N 156 
HIS HXT  H N N 157 
ILE N    N N N 158 
ILE CA   C N S 159 
ILE C    C N N 160 
ILE O    O N N 161 
ILE CB   C N S 162 
ILE CG1  C N N 163 
ILE CG2  C N N 164 
ILE CD1  C N N 165 
ILE OXT  O N N 166 
ILE H    H N N 167 
ILE H2   H N N 168 
ILE HA   H N N 169 
ILE HB   H N N 170 
ILE HG12 H N N 171 
ILE HG13 H N N 172 
ILE HG21 H N N 173 
ILE HG22 H N N 174 
ILE HG23 H N N 175 
ILE HD11 H N N 176 
ILE HD12 H N N 177 
ILE HD13 H N N 178 
ILE HXT  H N N 179 
LEU N    N N N 180 
LEU CA   C N S 181 
LEU C    C N N 182 
LEU O    O N N 183 
LEU CB   C N N 184 
LEU CG   C N N 185 
LEU CD1  C N N 186 
LEU CD2  C N N 187 
LEU OXT  O N N 188 
LEU H    H N N 189 
LEU H2   H N N 190 
LEU HA   H N N 191 
LEU HB2  H N N 192 
LEU HB3  H N N 193 
LEU HG   H N N 194 
LEU HD11 H N N 195 
LEU HD12 H N N 196 
LEU HD13 H N N 197 
LEU HD21 H N N 198 
LEU HD22 H N N 199 
LEU HD23 H N N 200 
LEU HXT  H N N 201 
LYS N    N N N 202 
LYS CA   C N S 203 
LYS C    C N N 204 
LYS O    O N N 205 
LYS CB   C N N 206 
LYS CG   C N N 207 
LYS CD   C N N 208 
LYS CE   C N N 209 
LYS NZ   N N N 210 
LYS OXT  O N N 211 
LYS H    H N N 212 
LYS H2   H N N 213 
LYS HA   H N N 214 
LYS HB2  H N N 215 
LYS HB3  H N N 216 
LYS HG2  H N N 217 
LYS HG3  H N N 218 
LYS HD2  H N N 219 
LYS HD3  H N N 220 
LYS HE2  H N N 221 
LYS HE3  H N N 222 
LYS HZ1  H N N 223 
LYS HZ2  H N N 224 
LYS HZ3  H N N 225 
LYS HXT  H N N 226 
MET N    N N N 227 
MET CA   C N S 228 
MET C    C N N 229 
MET O    O N N 230 
MET CB   C N N 231 
MET CG   C N N 232 
MET SD   S N N 233 
MET CE   C N N 234 
MET OXT  O N N 235 
MET H    H N N 236 
MET H2   H N N 237 
MET HA   H N N 238 
MET HB2  H N N 239 
MET HB3  H N N 240 
MET HG2  H N N 241 
MET HG3  H N N 242 
MET HE1  H N N 243 
MET HE2  H N N 244 
MET HE3  H N N 245 
MET HXT  H N N 246 
PHE N    N N N 247 
PHE CA   C N S 248 
PHE C    C N N 249 
PHE O    O N N 250 
PHE CB   C N N 251 
PHE CG   C Y N 252 
PHE CD1  C Y N 253 
PHE CD2  C Y N 254 
PHE CE1  C Y N 255 
PHE CE2  C Y N 256 
PHE CZ   C Y N 257 
PHE OXT  O N N 258 
PHE H    H N N 259 
PHE H2   H N N 260 
PHE HA   H N N 261 
PHE HB2  H N N 262 
PHE HB3  H N N 263 
PHE HD1  H N N 264 
PHE HD2  H N N 265 
PHE HE1  H N N 266 
PHE HE2  H N N 267 
PHE HZ   H N N 268 
PHE HXT  H N N 269 
PRO N    N N N 270 
PRO CA   C N S 271 
PRO C    C N N 272 
PRO O    O N N 273 
PRO CB   C N N 274 
PRO CG   C N N 275 
PRO CD   C N N 276 
PRO OXT  O N N 277 
PRO H    H N N 278 
PRO HA   H N N 279 
PRO HB2  H N N 280 
PRO HB3  H N N 281 
PRO HG2  H N N 282 
PRO HG3  H N N 283 
PRO HD2  H N N 284 
PRO HD3  H N N 285 
PRO HXT  H N N 286 
SER N    N N N 287 
SER CA   C N S 288 
SER C    C N N 289 
SER O    O N N 290 
SER CB   C N N 291 
SER OG   O N N 292 
SER OXT  O N N 293 
SER H    H N N 294 
SER H2   H N N 295 
SER HA   H N N 296 
SER HB2  H N N 297 
SER HB3  H N N 298 
SER HG   H N N 299 
SER HXT  H N N 300 
THR N    N N N 301 
THR CA   C N S 302 
THR C    C N N 303 
THR O    O N N 304 
THR CB   C N R 305 
THR OG1  O N N 306 
THR CG2  C N N 307 
THR OXT  O N N 308 
THR H    H N N 309 
THR H2   H N N 310 
THR HA   H N N 311 
THR HB   H N N 312 
THR HG1  H N N 313 
THR HG21 H N N 314 
THR HG22 H N N 315 
THR HG23 H N N 316 
THR HXT  H N N 317 
TRP N    N N N 318 
TRP CA   C N S 319 
TRP C    C N N 320 
TRP O    O N N 321 
TRP CB   C N N 322 
TRP CG   C Y N 323 
TRP CD1  C Y N 324 
TRP CD2  C Y N 325 
TRP NE1  N Y N 326 
TRP CE2  C Y N 327 
TRP CE3  C Y N 328 
TRP CZ2  C Y N 329 
TRP CZ3  C Y N 330 
TRP CH2  C Y N 331 
TRP OXT  O N N 332 
TRP H    H N N 333 
TRP H2   H N N 334 
TRP HA   H N N 335 
TRP HB2  H N N 336 
TRP HB3  H N N 337 
TRP HD1  H N N 338 
TRP HE1  H N N 339 
TRP HE3  H N N 340 
TRP HZ2  H N N 341 
TRP HZ3  H N N 342 
TRP HH2  H N N 343 
TRP HXT  H N N 344 
TYR N    N N N 345 
TYR CA   C N S 346 
TYR C    C N N 347 
TYR O    O N N 348 
TYR CB   C N N 349 
TYR CG   C Y N 350 
TYR CD1  C Y N 351 
TYR CD2  C Y N 352 
TYR CE1  C Y N 353 
TYR CE2  C Y N 354 
TYR CZ   C Y N 355 
TYR OH   O N N 356 
TYR OXT  O N N 357 
TYR H    H N N 358 
TYR H2   H N N 359 
TYR HA   H N N 360 
TYR HB2  H N N 361 
TYR HB3  H N N 362 
TYR HD1  H N N 363 
TYR HD2  H N N 364 
TYR HE1  H N N 365 
TYR HE2  H N N 366 
TYR HH   H N N 367 
TYR HXT  H N N 368 
VAL N    N N N 369 
VAL CA   C N S 370 
VAL C    C N N 371 
VAL O    O N N 372 
VAL CB   C N N 373 
VAL CG1  C N N 374 
VAL CG2  C N N 375 
VAL OXT  O N N 376 
VAL H    H N N 377 
VAL H2   H N N 378 
VAL HA   H N N 379 
VAL HB   H N N 380 
VAL HG11 H N N 381 
VAL HG12 H N N 382 
VAL HG13 H N N 383 
VAL HG21 H N N 384 
VAL HG22 H N N 385 
VAL HG23 H N N 386 
VAL HXT  H N N 387 
# 
loop_
_chem_comp_bond.comp_id 
_chem_comp_bond.atom_id_1 
_chem_comp_bond.atom_id_2 
_chem_comp_bond.value_order 
_chem_comp_bond.pdbx_aromatic_flag 
_chem_comp_bond.pdbx_stereo_config 
_chem_comp_bond.pdbx_ordinal 
ALA N   CA   sing N N 1   
ALA N   H    sing N N 2   
ALA N   H2   sing N N 3   
ALA CA  C    sing N N 4   
ALA CA  CB   sing N N 5   
ALA CA  HA   sing N N 6   
ALA C   O    doub N N 7   
ALA C   OXT  sing N N 8   
ALA CB  HB1  sing N N 9   
ALA CB  HB2  sing N N 10  
ALA CB  HB3  sing N N 11  
ALA OXT HXT  sing N N 12  
ARG N   CA   sing N N 13  
ARG N   H    sing N N 14  
ARG N   H2   sing N N 15  
ARG CA  C    sing N N 16  
ARG CA  CB   sing N N 17  
ARG CA  HA   sing N N 18  
ARG C   O    doub N N 19  
ARG C   OXT  sing N N 20  
ARG CB  CG   sing N N 21  
ARG CB  HB2  sing N N 22  
ARG CB  HB3  sing N N 23  
ARG CG  CD   sing N N 24  
ARG CG  HG2  sing N N 25  
ARG CG  HG3  sing N N 26  
ARG CD  NE   sing N N 27  
ARG CD  HD2  sing N N 28  
ARG CD  HD3  sing N N 29  
ARG NE  CZ   sing N N 30  
ARG NE  HE   sing N N 31  
ARG CZ  NH1  sing N N 32  
ARG CZ  NH2  doub N N 33  
ARG NH1 HH11 sing N N 34  
ARG NH1 HH12 sing N N 35  
ARG NH2 HH21 sing N N 36  
ARG NH2 HH22 sing N N 37  
ARG OXT HXT  sing N N 38  
ASN N   CA   sing N N 39  
ASN N   H    sing N N 40  
ASN N   H2   sing N N 41  
ASN CA  C    sing N N 42  
ASN CA  CB   sing N N 43  
ASN CA  HA   sing N N 44  
ASN C   O    doub N N 45  
ASN C   OXT  sing N N 46  
ASN CB  CG   sing N N 47  
ASN CB  HB2  sing N N 48  
ASN CB  HB3  sing N N 49  
ASN CG  OD1  doub N N 50  
ASN CG  ND2  sing N N 51  
ASN ND2 HD21 sing N N 52  
ASN ND2 HD22 sing N N 53  
ASN OXT HXT  sing N N 54  
ASP N   CA   sing N N 55  
ASP N   H    sing N N 56  
ASP N   H2   sing N N 57  
ASP CA  C    sing N N 58  
ASP CA  CB   sing N N 59  
ASP CA  HA   sing N N 60  
ASP C   O    doub N N 61  
ASP C   OXT  sing N N 62  
ASP CB  CG   sing N N 63  
ASP CB  HB2  sing N N 64  
ASP CB  HB3  sing N N 65  
ASP CG  OD1  doub N N 66  
ASP CG  OD2  sing N N 67  
ASP OD2 HD2  sing N N 68  
ASP OXT HXT  sing N N 69  
CYS N   CA   sing N N 70  
CYS N   H    sing N N 71  
CYS N   H2   sing N N 72  
CYS CA  C    sing N N 73  
CYS CA  CB   sing N N 74  
CYS CA  HA   sing N N 75  
CYS C   O    doub N N 76  
CYS C   OXT  sing N N 77  
CYS CB  SG   sing N N 78  
CYS CB  HB2  sing N N 79  
CYS CB  HB3  sing N N 80  
CYS SG  HG   sing N N 81  
CYS OXT HXT  sing N N 82  
GLN N   CA   sing N N 83  
GLN N   H    sing N N 84  
GLN N   H2   sing N N 85  
GLN CA  C    sing N N 86  
GLN CA  CB   sing N N 87  
GLN CA  HA   sing N N 88  
GLN C   O    doub N N 89  
GLN C   OXT  sing N N 90  
GLN CB  CG   sing N N 91  
GLN CB  HB2  sing N N 92  
GLN CB  HB3  sing N N 93  
GLN CG  CD   sing N N 94  
GLN CG  HG2  sing N N 95  
GLN CG  HG3  sing N N 96  
GLN CD  OE1  doub N N 97  
GLN CD  NE2  sing N N 98  
GLN NE2 HE21 sing N N 99  
GLN NE2 HE22 sing N N 100 
GLN OXT HXT  sing N N 101 
GLU N   CA   sing N N 102 
GLU N   H    sing N N 103 
GLU N   H2   sing N N 104 
GLU CA  C    sing N N 105 
GLU CA  CB   sing N N 106 
GLU CA  HA   sing N N 107 
GLU C   O    doub N N 108 
GLU C   OXT  sing N N 109 
GLU CB  CG   sing N N 110 
GLU CB  HB2  sing N N 111 
GLU CB  HB3  sing N N 112 
GLU CG  CD   sing N N 113 
GLU CG  HG2  sing N N 114 
GLU CG  HG3  sing N N 115 
GLU CD  OE1  doub N N 116 
GLU CD  OE2  sing N N 117 
GLU OE2 HE2  sing N N 118 
GLU OXT HXT  sing N N 119 
GLY N   CA   sing N N 120 
GLY N   H    sing N N 121 
GLY N   H2   sing N N 122 
GLY CA  C    sing N N 123 
GLY CA  HA2  sing N N 124 
GLY CA  HA3  sing N N 125 
GLY C   O    doub N N 126 
GLY C   OXT  sing N N 127 
GLY OXT HXT  sing N N 128 
HIS N   CA   sing N N 129 
HIS N   H    sing N N 130 
HIS N   H2   sing N N 131 
HIS CA  C    sing N N 132 
HIS CA  CB   sing N N 133 
HIS CA  HA   sing N N 134 
HIS C   O    doub N N 135 
HIS C   OXT  sing N N 136 
HIS CB  CG   sing N N 137 
HIS CB  HB2  sing N N 138 
HIS CB  HB3  sing N N 139 
HIS CG  ND1  sing Y N 140 
HIS CG  CD2  doub Y N 141 
HIS ND1 CE1  doub Y N 142 
HIS ND1 HD1  sing N N 143 
HIS CD2 NE2  sing Y N 144 
HIS CD2 HD2  sing N N 145 
HIS CE1 NE2  sing Y N 146 
HIS CE1 HE1  sing N N 147 
HIS NE2 HE2  sing N N 148 
HIS OXT HXT  sing N N 149 
ILE N   CA   sing N N 150 
ILE N   H    sing N N 151 
ILE N   H2   sing N N 152 
ILE CA  C    sing N N 153 
ILE CA  CB   sing N N 154 
ILE CA  HA   sing N N 155 
ILE C   O    doub N N 156 
ILE C   OXT  sing N N 157 
ILE CB  CG1  sing N N 158 
ILE CB  CG2  sing N N 159 
ILE CB  HB   sing N N 160 
ILE CG1 CD1  sing N N 161 
ILE CG1 HG12 sing N N 162 
ILE CG1 HG13 sing N N 163 
ILE CG2 HG21 sing N N 164 
ILE CG2 HG22 sing N N 165 
ILE CG2 HG23 sing N N 166 
ILE CD1 HD11 sing N N 167 
ILE CD1 HD12 sing N N 168 
ILE CD1 HD13 sing N N 169 
ILE OXT HXT  sing N N 170 
LEU N   CA   sing N N 171 
LEU N   H    sing N N 172 
LEU N   H2   sing N N 173 
LEU CA  C    sing N N 174 
LEU CA  CB   sing N N 175 
LEU CA  HA   sing N N 176 
LEU C   O    doub N N 177 
LEU C   OXT  sing N N 178 
LEU CB  CG   sing N N 179 
LEU CB  HB2  sing N N 180 
LEU CB  HB3  sing N N 181 
LEU CG  CD1  sing N N 182 
LEU CG  CD2  sing N N 183 
LEU CG  HG   sing N N 184 
LEU CD1 HD11 sing N N 185 
LEU CD1 HD12 sing N N 186 
LEU CD1 HD13 sing N N 187 
LEU CD2 HD21 sing N N 188 
LEU CD2 HD22 sing N N 189 
LEU CD2 HD23 sing N N 190 
LEU OXT HXT  sing N N 191 
LYS N   CA   sing N N 192 
LYS N   H    sing N N 193 
LYS N   H2   sing N N 194 
LYS CA  C    sing N N 195 
LYS CA  CB   sing N N 196 
LYS CA  HA   sing N N 197 
LYS C   O    doub N N 198 
LYS C   OXT  sing N N 199 
LYS CB  CG   sing N N 200 
LYS CB  HB2  sing N N 201 
LYS CB  HB3  sing N N 202 
LYS CG  CD   sing N N 203 
LYS CG  HG2  sing N N 204 
LYS CG  HG3  sing N N 205 
LYS CD  CE   sing N N 206 
LYS CD  HD2  sing N N 207 
LYS CD  HD3  sing N N 208 
LYS CE  NZ   sing N N 209 
LYS CE  HE2  sing N N 210 
LYS CE  HE3  sing N N 211 
LYS NZ  HZ1  sing N N 212 
LYS NZ  HZ2  sing N N 213 
LYS NZ  HZ3  sing N N 214 
LYS OXT HXT  sing N N 215 
MET N   CA   sing N N 216 
MET N   H    sing N N 217 
MET N   H2   sing N N 218 
MET CA  C    sing N N 219 
MET CA  CB   sing N N 220 
MET CA  HA   sing N N 221 
MET C   O    doub N N 222 
MET C   OXT  sing N N 223 
MET CB  CG   sing N N 224 
MET CB  HB2  sing N N 225 
MET CB  HB3  sing N N 226 
MET CG  SD   sing N N 227 
MET CG  HG2  sing N N 228 
MET CG  HG3  sing N N 229 
MET SD  CE   sing N N 230 
MET CE  HE1  sing N N 231 
MET CE  HE2  sing N N 232 
MET CE  HE3  sing N N 233 
MET OXT HXT  sing N N 234 
PHE N   CA   sing N N 235 
PHE N   H    sing N N 236 
PHE N   H2   sing N N 237 
PHE CA  C    sing N N 238 
PHE CA  CB   sing N N 239 
PHE CA  HA   sing N N 240 
PHE C   O    doub N N 241 
PHE C   OXT  sing N N 242 
PHE CB  CG   sing N N 243 
PHE CB  HB2  sing N N 244 
PHE CB  HB3  sing N N 245 
PHE CG  CD1  doub Y N 246 
PHE CG  CD2  sing Y N 247 
PHE CD1 CE1  sing Y N 248 
PHE CD1 HD1  sing N N 249 
PHE CD2 CE2  doub Y N 250 
PHE CD2 HD2  sing N N 251 
PHE CE1 CZ   doub Y N 252 
PHE CE1 HE1  sing N N 253 
PHE CE2 CZ   sing Y N 254 
PHE CE2 HE2  sing N N 255 
PHE CZ  HZ   sing N N 256 
PHE OXT HXT  sing N N 257 
PRO N   CA   sing N N 258 
PRO N   CD   sing N N 259 
PRO N   H    sing N N 260 
PRO CA  C    sing N N 261 
PRO CA  CB   sing N N 262 
PRO CA  HA   sing N N 263 
PRO C   O    doub N N 264 
PRO C   OXT  sing N N 265 
PRO CB  CG   sing N N 266 
PRO CB  HB2  sing N N 267 
PRO CB  HB3  sing N N 268 
PRO CG  CD   sing N N 269 
PRO CG  HG2  sing N N 270 
PRO CG  HG3  sing N N 271 
PRO CD  HD2  sing N N 272 
PRO CD  HD3  sing N N 273 
PRO OXT HXT  sing N N 274 
SER N   CA   sing N N 275 
SER N   H    sing N N 276 
SER N   H2   sing N N 277 
SER CA  C    sing N N 278 
SER CA  CB   sing N N 279 
SER CA  HA   sing N N 280 
SER C   O    doub N N 281 
SER C   OXT  sing N N 282 
SER CB  OG   sing N N 283 
SER CB  HB2  sing N N 284 
SER CB  HB3  sing N N 285 
SER OG  HG   sing N N 286 
SER OXT HXT  sing N N 287 
THR N   CA   sing N N 288 
THR N   H    sing N N 289 
THR N   H2   sing N N 290 
THR CA  C    sing N N 291 
THR CA  CB   sing N N 292 
THR CA  HA   sing N N 293 
THR C   O    doub N N 294 
THR C   OXT  sing N N 295 
THR CB  OG1  sing N N 296 
THR CB  CG2  sing N N 297 
THR CB  HB   sing N N 298 
THR OG1 HG1  sing N N 299 
THR CG2 HG21 sing N N 300 
THR CG2 HG22 sing N N 301 
THR CG2 HG23 sing N N 302 
THR OXT HXT  sing N N 303 
TRP N   CA   sing N N 304 
TRP N   H    sing N N 305 
TRP N   H2   sing N N 306 
TRP CA  C    sing N N 307 
TRP CA  CB   sing N N 308 
TRP CA  HA   sing N N 309 
TRP C   O    doub N N 310 
TRP C   OXT  sing N N 311 
TRP CB  CG   sing N N 312 
TRP CB  HB2  sing N N 313 
TRP CB  HB3  sing N N 314 
TRP CG  CD1  doub Y N 315 
TRP CG  CD2  sing Y N 316 
TRP CD1 NE1  sing Y N 317 
TRP CD1 HD1  sing N N 318 
TRP CD2 CE2  doub Y N 319 
TRP CD2 CE3  sing Y N 320 
TRP NE1 CE2  sing Y N 321 
TRP NE1 HE1  sing N N 322 
TRP CE2 CZ2  sing Y N 323 
TRP CE3 CZ3  doub Y N 324 
TRP CE3 HE3  sing N N 325 
TRP CZ2 CH2  doub Y N 326 
TRP CZ2 HZ2  sing N N 327 
TRP CZ3 CH2  sing Y N 328 
TRP CZ3 HZ3  sing N N 329 
TRP CH2 HH2  sing N N 330 
TRP OXT HXT  sing N N 331 
TYR N   CA   sing N N 332 
TYR N   H    sing N N 333 
TYR N   H2   sing N N 334 
TYR CA  C    sing N N 335 
TYR CA  CB   sing N N 336 
TYR CA  HA   sing N N 337 
TYR C   O    doub N N 338 
TYR C   OXT  sing N N 339 
TYR CB  CG   sing N N 340 
TYR CB  HB2  sing N N 341 
TYR CB  HB3  sing N N 342 
TYR CG  CD1  doub Y N 343 
TYR CG  CD2  sing Y N 344 
TYR CD1 CE1  sing Y N 345 
TYR CD1 HD1  sing N N 346 
TYR CD2 CE2  doub Y N 347 
TYR CD2 HD2  sing N N 348 
TYR CE1 CZ   doub Y N 349 
TYR CE1 HE1  sing N N 350 
TYR CE2 CZ   sing Y N 351 
TYR CE2 HE2  sing N N 352 
TYR CZ  OH   sing N N 353 
TYR OH  HH   sing N N 354 
TYR OXT HXT  sing N N 355 
VAL N   CA   sing N N 356 
VAL N   H    sing N N 357 
VAL N   H2   sing N N 358 
VAL CA  C    sing N N 359 
VAL CA  CB   sing N N 360 
VAL CA  HA   sing N N 361 
VAL C   O    doub N N 362 
VAL C   OXT  sing N N 363 
VAL CB  CG1  sing N N 364 
VAL CB  CG2  sing N N 365 
VAL CB  HB   sing N N 366 
VAL CG1 HG11 sing N N 367 
VAL CG1 HG12 sing N N 368 
VAL CG1 HG13 sing N N 369 
VAL CG2 HG21 sing N N 370 
VAL CG2 HG22 sing N N 371 
VAL CG2 HG23 sing N N 372 
VAL OXT HXT  sing N N 373 
# 
_pdbx_audit_support.funding_organization   'Not funded' 
_pdbx_audit_support.country                ? 
_pdbx_audit_support.grant_number           ? 
_pdbx_audit_support.ordinal                1 
# 
_pdbx_initial_refinement_model.id               1 
_pdbx_initial_refinement_model.entity_id_list   ? 
_pdbx_initial_refinement_model.type             'in silico model' 
_pdbx_initial_refinement_model.source_name      AlphaFold 
_pdbx_initial_refinement_model.accession_code   ? 
_pdbx_initial_refinement_model.details          ? 
# 
_atom_sites.entry_id                    8RWU 
_atom_sites.Cartn_transf_matrix[1][1]   ? 
_atom_sites.Cartn_transf_matrix[1][2]   ? 
_atom_sites.Cartn_transf_matrix[1][3]   ? 
_atom_sites.Cartn_transf_matrix[2][1]   ? 
_atom_sites.Cartn_transf_matrix[2][2]   ? 
_atom_sites.Cartn_transf_matrix[2][3]   ? 
_atom_sites.Cartn_transf_matrix[3][1]   ? 
_atom_sites.Cartn_transf_matrix[3][2]   ? 
_atom_sites.Cartn_transf_matrix[3][3]   ? 
_atom_sites.Cartn_transf_vector[1]      ? 
_atom_sites.Cartn_transf_vector[2]      ? 
_atom_sites.Cartn_transf_vector[3]      ? 
_atom_sites.Cartn_transform_axes        ? 
_atom_sites.fract_transf_matrix[1][1]   -0.01023459 
_atom_sites.fract_transf_matrix[1][2]   0.00256109 
_atom_sites.fract_transf_matrix[1][3]   0.00714154 
_atom_sites.fract_transf_matrix[2][1]   -0.00181360 
_atom_sites.fract_transf_matrix[2][2]   0.01081865 
_atom_sites.fract_transf_matrix[2][3]   -0.00647884 
_atom_sites.fract_transf_matrix[3][1]   -0.00466765 
_atom_sites.fract_transf_matrix[3][2]   -0.00394182 
_atom_sites.fract_transf_matrix[3][3]   -0.00527563 
_atom_sites.fract_transf_vector[1]      0.151190 
_atom_sites.fract_transf_vector[2]      -0.311374 
_atom_sites.fract_transf_vector[3]      0.134119 
_atom_sites.solution_primary            ? 
_atom_sites.solution_secondary          ? 
_atom_sites.solution_hydrogens          ? 
_atom_sites.special_details             ? 
# 
loop_
_atom_type.symbol 
C 
N 
O 
S 
# 
loop_
_atom_site.group_PDB 
_atom_site.id 
_atom_site.type_symbol 
_atom_site.label_atom_id 
_atom_site.label_alt_id 
_atom_site.label_comp_id 
_atom_site.label_asym_id 
_atom_site.label_entity_id 
_atom_site.label_seq_id 
_atom_site.pdbx_PDB_ins_code 
_atom_site.Cartn_x 
_atom_site.Cartn_y 
_atom_site.Cartn_z 
_atom_site.occupancy 
_atom_site.B_iso_or_equiv 
_atom_site.pdbx_formal_charge 
_atom_site.auth_seq_id 
_atom_site.auth_comp_id 
_atom_site.auth_asym_id 
_atom_site.auth_atom_id 
_atom_site.pdbx_PDB_model_num 
ATOM 1    N N   . GLN A 1 28  ? -27.479 -6.637  -7.395  1.00 141.13 ? 55  GLN A N   1 
ATOM 2    C CA  . GLN A 1 28  ? -27.579 -5.373  -6.676  1.00 142.55 ? 55  GLN A CA  1 
ATOM 3    C C   . GLN A 1 28  ? -26.182 -4.860  -6.305  1.00 145.15 ? 55  GLN A C   1 
ATOM 4    O O   . GLN A 1 28  ? -25.959 -3.658  -6.199  1.00 161.81 ? 55  GLN A O   1 
ATOM 5    C CB  . GLN A 1 28  ? -28.472 -5.519  -5.430  1.00 146.70 ? 55  GLN A CB  1 
ATOM 6    C CG  . GLN A 1 28  ? -27.819 -6.079  -4.152  1.00 156.27 ? 55  GLN A CG  1 
ATOM 7    C CD  . GLN A 1 28  ? -27.163 -7.449  -4.301  1.00 153.49 ? 55  GLN A CD  1 
ATOM 8    O OE1 . GLN A 1 28  ? -27.323 -8.132  -5.312  1.00 140.81 ? 55  GLN A OE1 1 
ATOM 9    N NE2 . GLN A 1 28  ? -26.425 -7.859  -3.273  1.00 134.77 ? 55  GLN A NE2 1 
ATOM 10   N N   . ASP A 1 29  ? -25.252 -5.791  -6.105  1.00 142.30 ? 56  ASP A N   1 
ATOM 11   C CA  . ASP A 1 29  ? -23.820 -5.525  -6.023  1.00 133.62 ? 56  ASP A CA  1 
ATOM 12   C C   . ASP A 1 29  ? -23.107 -6.498  -6.950  1.00 132.13 ? 56  ASP A C   1 
ATOM 13   O O   . ASP A 1 29  ? -22.034 -7.032  -6.649  1.00 127.02 ? 56  ASP A O   1 
ATOM 14   C CB  . ASP A 1 29  ? -23.317 -5.626  -4.581  1.00 140.69 ? 56  ASP A CB  1 
ATOM 15   C CG  . ASP A 1 29  ? -21.836 -5.295  -4.442  1.00 151.55 ? 56  ASP A CG  1 
ATOM 16   O OD1 . ASP A 1 29  ? -21.412 -4.225  -4.929  1.00 145.40 ? 56  ASP A OD1 1 
ATOM 17   O OD2 . ASP A 1 29  ? -21.097 -6.109  -3.847  1.00 157.76 ? 56  ASP A OD2 1 
ATOM 18   N N   . LYS A 1 30  ? -23.733 -6.757  -8.096  1.00 133.77 ? 57  LYS A N   1 
ATOM 19   C CA  . LYS A 1 30  ? -23.266 -7.747  -9.052  1.00 123.92 ? 57  LYS A CA  1 
ATOM 20   C C   . LYS A 1 30  ? -22.782 -7.107  -10.347 1.00 112.31 ? 57  LYS A C   1 
ATOM 21   O O   . LYS A 1 30  ? -21.638 -7.330  -10.747 1.00 120.78 ? 57  LYS A O   1 
ATOM 22   C CB  . LYS A 1 30  ? -24.378 -8.764  -9.335  1.00 135.53 ? 57  LYS A CB  1 
ATOM 23   C CG  . LYS A 1 30  ? -24.396 -9.949  -8.385  1.00 127.30 ? 57  LYS A CG  1 
ATOM 24   C CD  . LYS A 1 30  ? -25.097 -9.632  -7.070  1.00 137.68 ? 57  LYS A CD  1 
ATOM 25   C CE  . LYS A 1 30  ? -24.865 -10.736 -6.052  1.00 149.71 ? 57  LYS A CE  1 
ATOM 26   N NZ  . LYS A 1 30  ? -24.923 -10.268 -4.640  1.00 147.72 ? 57  LYS A NZ  1 
ATOM 27   N N   . LEU A 1 31  ? -23.619 -6.309  -11.013 1.00 109.16 ? 58  LEU A N   1 
ATOM 28   C CA  . LEU A 1 31  ? -23.210 -5.728  -12.290 1.00 112.70 ? 58  LEU A CA  1 
ATOM 29   C C   . LEU A 1 31  ? -22.034 -4.775  -12.135 1.00 119.58 ? 58  LEU A C   1 
ATOM 30   O O   . LEU A 1 31  ? -21.314 -4.525  -13.109 1.00 106.09 ? 58  LEU A O   1 
ATOM 31   C CB  . LEU A 1 31  ? -24.377 -4.995  -12.962 1.00 106.44 ? 58  LEU A CB  1 
ATOM 32   C CG  . LEU A 1 31  ? -25.444 -5.779  -13.731 1.00 105.91 ? 58  LEU A CG  1 
ATOM 33   C CD1 . LEU A 1 31  ? -26.037 -6.895  -12.892 1.00 126.62 ? 58  LEU A CD1 1 
ATOM 34   C CD2 . LEU A 1 31  ? -26.518 -4.821  -14.190 1.00 108.96 ? 58  LEU A CD2 1 
ATOM 35   N N   . ASP A 1 32  ? -21.826 -4.240  -10.931 1.00 114.70 ? 59  ASP A N   1 
ATOM 36   C CA  . ASP A 1 32  ? -20.700 -3.345  -10.691 1.00 108.18 ? 59  ASP A CA  1 
ATOM 37   C C   . ASP A 1 32  ? -19.375 -4.070  -10.916 1.00 100.69 ? 59  ASP A C   1 
ATOM 38   O O   . ASP A 1 32  ? -18.519 -3.604  -11.682 1.00 108.07 ? 59  ASP A O   1 
ATOM 39   C CB  . ASP A 1 32  ? -20.774 -2.790  -9.265  1.00 116.19 ? 59  ASP A CB  1 
ATOM 40   C CG  . ASP A 1 32  ? -22.178 -2.361  -8.863  1.00 134.45 ? 59  ASP A CG  1 
ATOM 41   O OD1 . ASP A 1 32  ? -23.063 -3.232  -8.746  1.00 144.90 ? 59  ASP A OD1 1 
ATOM 42   O OD2 . ASP A 1 32  ? -22.395 -1.147  -8.663  1.00 139.95 ? 59  ASP A OD2 1 
ATOM 43   N N   . VAL A 1 33  ? -19.240 -5.257  -10.311 1.00 95.59  ? 60  VAL A N   1 
ATOM 44   C CA  . VAL A 1 33  ? -17.925 -5.893  -10.169 1.00 91.28  ? 60  VAL A CA  1 
ATOM 45   C C   . VAL A 1 33  ? -17.223 -6.127  -11.502 1.00 92.94  ? 60  VAL A C   1 
ATOM 46   O O   . VAL A 1 33  ? -16.016 -5.827  -11.593 1.00 104.70 ? 60  VAL A O   1 
ATOM 47   C CB  . VAL A 1 33  ? -18.062 -7.187  -9.349  1.00 98.26  ? 60  VAL A CB  1 
ATOM 48   C CG1 . VAL A 1 33  ? -16.699 -7.805  -9.084  1.00 102.13 ? 60  VAL A CG1 1 
ATOM 49   C CG2 . VAL A 1 33  ? -18.798 -6.912  -8.048  1.00 96.15  ? 60  VAL A CG2 1 
ATOM 50   N N   . PRO A 1 34  ? -17.860 -6.672  -12.544 1.00 95.96  ? 61  PRO A N   1 
ATOM 51   C CA  . PRO A 1 34  ? -17.112 -6.899  -13.796 1.00 89.75  ? 61  PRO A CA  1 
ATOM 52   C C   . PRO A 1 34  ? -16.565 -5.619  -14.408 1.00 94.36  ? 61  PRO A C   1 
ATOM 53   O O   . PRO A 1 34  ? -15.380 -5.554  -14.766 1.00 103.92 ? 61  PRO A O   1 
ATOM 54   C CB  . PRO A 1 34  ? -18.148 -7.580  -14.703 1.00 92.53  ? 61  PRO A CB  1 
ATOM 55   C CG  . PRO A 1 34  ? -19.144 -8.171  -13.775 1.00 79.19  ? 61  PRO A CG  1 
ATOM 56   C CD  . PRO A 1 34  ? -19.216 -7.246  -12.613 1.00 95.99  ? 61  PRO A CD  1 
ATOM 57   N N   . SER A 1 35  ? -17.401 -4.585  -14.526 1.00 101.71 ? 62  SER A N   1 
ATOM 58   C CA  . SER A 1 35  ? -16.941 -3.326  -15.101 1.00 89.96  ? 62  SER A CA  1 
ATOM 59   C C   . SER A 1 35  ? -15.824 -2.706  -14.268 1.00 96.36  ? 62  SER A C   1 
ATOM 60   O O   . SER A 1 35  ? -14.801 -2.268  -14.816 1.00 86.39  ? 62  SER A O   1 
ATOM 61   C CB  . SER A 1 35  ? -18.117 -2.362  -15.246 1.00 87.48  ? 62  SER A CB  1 
ATOM 62   O OG  . SER A 1 35  ? -19.244 -3.019  -15.802 1.00 86.47  ? 62  SER A OG  1 
ATOM 63   N N   . LEU A 1 36  ? -15.991 -2.660  -12.939 1.00 88.04  ? 63  LEU A N   1 
ATOM 64   C CA  . LEU A 1 36  ? -14.945 -2.055  -12.119 1.00 75.49  ? 63  LEU A CA  1 
ATOM 65   C C   . LEU A 1 36  ? -13.648 -2.847  -12.197 1.00 84.48  ? 63  LEU A C   1 
ATOM 66   O O   . LEU A 1 36  ? -12.564 -2.255  -12.279 1.00 78.41  ? 63  LEU A O   1 
ATOM 67   C CB  . LEU A 1 36  ? -15.381 -1.910  -10.662 1.00 79.66  ? 63  LEU A CB  1 
ATOM 68   C CG  . LEU A 1 36  ? -16.582 -1.036  -10.307 1.00 83.27  ? 63  LEU A CG  1 
ATOM 69   C CD1 . LEU A 1 36  ? -17.460 -1.761  -9.317  1.00 89.41  ? 63  LEU A CD1 1 
ATOM 70   C CD2 . LEU A 1 36  ? -16.142 0.315   -9.761  1.00 80.37  ? 63  LEU A CD2 1 
ATOM 71   N N   . VAL A 1 37  ? -13.726 -4.182  -12.160 1.00 87.42  ? 64  VAL A N   1 
ATOM 72   C CA  . VAL A 1 37  ? -12.502 -4.973  -12.194 1.00 95.68  ? 64  VAL A CA  1 
ATOM 73   C C   . VAL A 1 37  ? -11.812 -4.804  -13.535 1.00 90.43  ? 64  VAL A C   1 
ATOM 74   O O   . VAL A 1 37  ? -10.581 -4.751  -13.600 1.00 103.18 ? 64  VAL A O   1 
ATOM 75   C CB  . VAL A 1 37  ? -12.785 -6.458  -11.867 1.00 77.64  ? 64  VAL A CB  1 
ATOM 76   C CG1 . VAL A 1 37  ? -13.506 -7.158  -13.001 1.00 112.79 ? 64  VAL A CG1 1 
ATOM 77   C CG2 . VAL A 1 37  ? -11.495 -7.188  -11.540 1.00 82.79  ? 64  VAL A CG2 1 
ATOM 78   N N   . GLU A 1 38  ? -12.581 -4.635  -14.614 1.00 90.94  ? 65  GLU A N   1 
ATOM 79   C CA  . GLU A 1 38  ? -11.968 -4.412  -15.918 1.00 90.45  ? 65  GLU A CA  1 
ATOM 80   C C   . GLU A 1 38  ? -11.235 -3.075  -15.966 1.00 95.36  ? 65  GLU A C   1 
ATOM 81   O O   . GLU A 1 38  ? -10.068 -3.004  -16.382 1.00 101.97 ? 65  GLU A O   1 
ATOM 82   C CB  . GLU A 1 38  ? -13.034 -4.492  -17.010 1.00 90.87  ? 65  GLU A CB  1 
ATOM 83   C CG  . GLU A 1 38  ? -12.506 -4.247  -18.408 1.00 113.60 ? 65  GLU A CG  1 
ATOM 84   C CD  . GLU A 1 38  ? -11.245 -5.036  -18.694 1.00 116.20 ? 65  GLU A CD  1 
ATOM 85   O OE1 . GLU A 1 38  ? -11.196 -6.232  -18.340 1.00 123.74 ? 65  GLU A OE1 1 
ATOM 86   O OE2 . GLU A 1 38  ? -10.308 -4.461  -19.284 1.00 120.69 ? 65  GLU A OE2 1 
ATOM 87   N N   . ILE A 1 39  ? -11.903 -2.001  -15.535 1.00 83.96  ? 66  ILE A N   1 
ATOM 88   C CA  . ILE A 1 39  ? -11.287 -0.675  -15.601 1.00 79.96  ? 66  ILE A CA  1 
ATOM 89   C C   . ILE A 1 39  ? -10.040 -0.628  -14.722 1.00 83.27  ? 66  ILE A C   1 
ATOM 90   O O   . ILE A 1 39  ? -8.958  -0.184  -15.149 1.00 97.33  ? 66  ILE A O   1 
ATOM 91   C CB  . ILE A 1 39  ? -12.300 0.411   -15.192 1.00 79.93  ? 66  ILE A CB  1 
ATOM 92   C CG1 . ILE A 1 39  ? -13.585 0.307   -16.006 1.00 72.52  ? 66  ILE A CG1 1 
ATOM 93   C CG2 . ILE A 1 39  ? -11.733 1.769   -15.480 1.00 108.78 ? 66  ILE A CG2 1 
ATOM 94   C CD1 . ILE A 1 39  ? -13.358 0.002   -17.457 1.00 105.97 ? 66  ILE A CD1 1 
ATOM 95   N N   . CYS A 1 40  ? -10.177 -1.089  -13.475 1.00 82.51  ? 67  CYS A N   1 
ATOM 96   C CA  . CYS A 1 40  ? -9.053  -1.083  -12.550 1.00 94.42  ? 67  CYS A CA  1 
ATOM 97   C C   . CYS A 1 40  ? -7.919  -1.957  -13.063 1.00 88.03  ? 67  CYS A C   1 
ATOM 98   O O   . CYS A 1 40  ? -6.742  -1.614  -12.898 1.00 99.28  ? 67  CYS A O   1 
ATOM 99   C CB  . CYS A 1 40  ? -9.510  -1.546  -11.167 1.00 94.22  ? 67  CYS A CB  1 
ATOM 100  S SG  . CYS A 1 40  ? -8.223  -1.478  -9.906  1.00 111.60 ? 67  CYS A SG  1 
ATOM 101  N N   . LYS A 1 41  ? -8.249  -3.082  -13.705 1.00 91.26  ? 68  LYS A N   1 
ATOM 102  C CA  . LYS A 1 41  ? -7.215  -3.905  -14.310 1.00 85.66  ? 68  LYS A CA  1 
ATOM 103  C C   . LYS A 1 41  ? -6.430  -3.114  -15.340 1.00 90.98  ? 68  LYS A C   1 
ATOM 104  O O   . LYS A 1 41  ? -5.200  -3.069  -15.274 1.00 101.86 ? 68  LYS A O   1 
ATOM 105  C CB  . LYS A 1 41  ? -7.818  -5.160  -14.940 1.00 87.50  ? 68  LYS A CB  1 
ATOM 106  C CG  . LYS A 1 41  ? -6.835  -6.323  -14.989 1.00 101.07 ? 68  LYS A CG  1 
ATOM 107  C CD  . LYS A 1 41  ? -7.427  -7.549  -15.663 1.00 97.67  ? 68  LYS A CD  1 
ATOM 108  C CE  . LYS A 1 41  ? -8.535  -8.169  -14.840 1.00 80.21  ? 68  LYS A CE  1 
ATOM 109  N NZ  . LYS A 1 41  ? -8.817  -9.553  -15.306 1.00 85.27  ? 68  LYS A NZ  1 
ATOM 110  N N   . GLN A 1 42  ? -7.126  -2.488  -16.297 1.00 83.41  ? 69  GLN A N   1 
ATOM 111  C CA  . GLN A 1 42  ? -6.445  -1.684  -17.315 1.00 81.39  ? 69  GLN A CA  1 
ATOM 112  C C   . GLN A 1 42  ? -5.461  -0.704  -16.682 1.00 88.47  ? 69  GLN A C   1 
ATOM 113  O O   . GLN A 1 42  ? -4.287  -0.618  -17.083 1.00 100.82 ? 69  GLN A O   1 
ATOM 114  C CB  . GLN A 1 42  ? -7.464  -0.925  -18.167 1.00 82.59  ? 69  GLN A CB  1 
ATOM 115  C CG  . GLN A 1 42  ? -8.403  -1.792  -18.984 1.00 90.29  ? 69  GLN A CG  1 
ATOM 116  C CD  . GLN A 1 42  ? -9.545  -0.993  -19.584 1.00 102.92 ? 69  GLN A CD  1 
ATOM 117  O OE1 . GLN A 1 42  ? -9.452  0.226   -19.732 1.00 119.72 ? 69  GLN A OE1 1 
ATOM 118  N NE2 . GLN A 1 42  ? -10.630 -1.676  -19.928 1.00 89.57  ? 69  GLN A NE2 1 
ATOM 119  N N   . GLN A 1 43  ? -5.930  0.047   -15.681 1.00 94.50  ? 70  GLN A N   1 
ATOM 120  C CA  . GLN A 1 43  ? -5.042  1.001   -15.016 1.00 90.01  ? 70  GLN A CA  1 
ATOM 121  C C   . GLN A 1 43  ? -3.838  0.295   -14.391 1.00 87.29  ? 70  GLN A C   1 
ATOM 122  O O   . GLN A 1 43  ? -2.704  0.795   -14.456 1.00 85.99  ? 70  GLN A O   1 
ATOM 123  C CB  . GLN A 1 43  ? -5.812  1.791   -13.959 1.00 99.40  ? 70  GLN A CB  1 
ATOM 124  C CG  . GLN A 1 43  ? -7.131  2.369   -14.442 1.00 112.24 ? 70  GLN A CG  1 
ATOM 125  C CD  . GLN A 1 43  ? -6.983  3.192   -15.704 1.00 108.66 ? 70  GLN A CD  1 
ATOM 126  O OE1 . GLN A 1 43  ? -7.660  2.944   -16.702 1.00 119.79 ? 70  GLN A OE1 1 
ATOM 127  N NE2 . GLN A 1 43  ? -6.094  4.179   -15.665 1.00 99.84  ? 70  GLN A NE2 1 
ATOM 128  N N   . LEU A 1 44  ? -4.064  -0.881  -13.801 1.00 85.71  ? 71  LEU A N   1 
ATOM 129  C CA  . LEU A 1 44  ? -2.975  -1.609  -13.160 1.00 70.06  ? 71  LEU A CA  1 
ATOM 130  C C   . LEU A 1 44  ? -1.964  -2.124  -14.179 1.00 79.83  ? 71  LEU A C   1 
ATOM 131  O O   . LEU A 1 44  ? -0.765  -2.171  -13.891 1.00 92.88  ? 71  LEU A O   1 
ATOM 132  C CB  . LEU A 1 44  ? -3.534  -2.757  -12.321 1.00 73.28  ? 71  LEU A CB  1 
ATOM 133  C CG  . LEU A 1 44  ? -4.245  -2.341  -11.032 1.00 74.00  ? 71  LEU A CG  1 
ATOM 134  C CD1 . LEU A 1 44  ? -4.849  -3.547  -10.329 1.00 95.25  ? 71  LEU A CD1 1 
ATOM 135  C CD2 . LEU A 1 44  ? -3.304  -1.591  -10.104 1.00 66.85  ? 71  LEU A CD2 1 
ATOM 136  N N   . ILE A 1 45  ? -2.420  -2.528  -15.367 1.00 82.30  ? 72  ILE A N   1 
ATOM 137  C CA  . ILE A 1 45  ? -1.466  -2.914  -16.405 1.00 91.08  ? 72  ILE A CA  1 
ATOM 138  C C   . ILE A 1 45  ? -0.613  -1.721  -16.790 1.00 87.62  ? 72  ILE A C   1 
ATOM 139  O O   . ILE A 1 45  ? 0.604   -1.844  -16.967 1.00 89.72  ? 72  ILE A O   1 
ATOM 140  C CB  . ILE A 1 45  ? -2.142  -3.520  -17.654 1.00 97.74  ? 72  ILE A CB  1 
ATOM 141  C CG1 . ILE A 1 45  ? -2.872  -4.828  -17.362 1.00 91.16  ? 72  ILE A CG1 1 
ATOM 142  C CG2 . ILE A 1 45  ? -1.113  -3.747  -18.755 1.00 96.57  ? 72  ILE A CG2 1 
ATOM 143  C CD1 . ILE A 1 45  ? -4.360  -4.730  -17.448 1.00 100.30 ? 72  ILE A CD1 1 
ATOM 144  N N   . VAL A 1 46  ? -1.235  -0.549  -16.934 1.00 85.66  ? 73  VAL A N   1 
ATOM 145  C CA  . VAL A 1 46  ? -0.455  0.649   -17.252 1.00 75.75  ? 73  VAL A CA  1 
ATOM 146  C C   . VAL A 1 46  ? 0.640   0.863   -16.208 1.00 90.23  ? 73  VAL A C   1 
ATOM 147  O O   . VAL A 1 46  ? 1.821   1.047   -16.540 1.00 86.29  ? 73  VAL A O   1 
ATOM 148  C CB  . VAL A 1 46  ? -1.374  1.879   -17.367 1.00 79.41  ? 73  VAL A CB  1 
ATOM 149  C CG1 . VAL A 1 46  ? -0.572  3.157   -17.180 1.00 93.85  ? 73  VAL A CG1 1 
ATOM 150  C CG2 . VAL A 1 46  ? -2.090  1.883   -18.707 1.00 97.81  ? 73  VAL A CG2 1 
ATOM 151  N N   . ILE A 1 47  ? 0.267   0.807   -14.927 1.00 88.65  ? 74  ILE A N   1 
ATOM 152  C CA  . ILE A 1 47  ? 1.230   1.081   -13.859 1.00 73.46  ? 74  ILE A CA  1 
ATOM 153  C C   . ILE A 1 47  ? 2.326   0.014   -13.820 1.00 88.02  ? 74  ILE A C   1 
ATOM 154  O O   . ILE A 1 47  ? 3.518   0.326   -13.671 1.00 93.98  ? 74  ILE A O   1 
ATOM 155  C CB  . ILE A 1 47  ? 0.507   1.203   -12.504 1.00 71.77  ? 74  ILE A CB  1 
ATOM 156  C CG1 . ILE A 1 47  ? -0.361  2.465   -12.463 1.00 74.55  ? 74  ILE A CG1 1 
ATOM 157  C CG2 . ILE A 1 47  ? 1.506   1.222   -11.361 1.00 90.06  ? 74  ILE A CG2 1 
ATOM 158  C CD1 . ILE A 1 47  ? -1.410  2.454   -11.366 1.00 73.68  ? 74  ILE A CD1 1 
ATOM 159  N N   . LEU A 1 48  ? 1.944   -1.258  -13.950 1.00 99.25  ? 75  LEU A N   1 
ATOM 160  C CA  . LEU A 1 48  ? 2.918   -2.342  -13.879 1.00 97.10  ? 75  LEU A CA  1 
ATOM 161  C C   . LEU A 1 48  ? 3.896   -2.277  -15.044 1.00 94.21  ? 75  LEU A C   1 
ATOM 162  O O   . LEU A 1 48  ? 5.098   -2.516  -14.874 1.00 102.72 ? 75  LEU A O   1 
ATOM 163  C CB  . LEU A 1 48  ? 2.191   -3.686  -13.861 1.00 84.63  ? 75  LEU A CB  1 
ATOM 164  C CG  . LEU A 1 48  ? 2.990   -4.942  -13.517 1.00 111.37 ? 75  LEU A CG  1 
ATOM 165  C CD1 . LEU A 1 48  ? 3.647   -4.804  -12.152 1.00 92.03  ? 75  LEU A CD1 1 
ATOM 166  C CD2 . LEU A 1 48  ? 2.082   -6.160  -13.568 1.00 106.32 ? 75  LEU A CD2 1 
ATOM 167  N N   . LYS A 1 49  ? 3.391   -1.964  -16.241 1.00 104.71 ? 76  LYS A N   1 
ATOM 168  C CA  . LYS A 1 49  ? 4.268   -1.775  -17.388 1.00 104.89 ? 76  LYS A CA  1 
ATOM 169  C C   . LYS A 1 49  ? 5.237   -0.631  -17.146 1.00 93.86  ? 76  LYS A C   1 
ATOM 170  O O   . LYS A 1 49  ? 6.427   -0.738  -17.462 1.00 102.94 ? 76  LYS A O   1 
ATOM 171  C CB  . LYS A 1 49  ? 3.437   -1.509  -18.640 1.00 82.89  ? 76  LYS A CB  1 
ATOM 172  C CG  . LYS A 1 49  ? 4.236   -1.542  -19.924 1.00 101.40 ? 76  LYS A CG  1 
ATOM 173  C CD  . LYS A 1 49  ? 3.418   -0.998  -21.076 1.00 104.12 ? 76  LYS A CD  1 
ATOM 174  C CE  . LYS A 1 49  ? 2.019   -1.582  -21.081 1.00 109.12 ? 76  LYS A CE  1 
ATOM 175  N NZ  . LYS A 1 49  ? 1.349   -1.349  -22.385 1.00 101.82 ? 76  LYS A NZ  1 
ATOM 176  N N   . ASP A 1 50  ? 4.742   0.475   -16.582 1.00 92.80  ? 77  ASP A N   1 
ATOM 177  C CA  . ASP A 1 50  ? 5.629   1.580   -16.239 1.00 94.12  ? 77  ASP A CA  1 
ATOM 178  C C   . ASP A 1 50  ? 6.751   1.129   -15.313 1.00 104.14 ? 77  ASP A C   1 
ATOM 179  O O   . ASP A 1 50  ? 7.910   1.523   -15.488 1.00 103.66 ? 77  ASP A O   1 
ATOM 180  C CB  . ASP A 1 50  ? 4.834   2.709   -15.589 1.00 100.96 ? 77  ASP A CB  1 
ATOM 181  C CG  . ASP A 1 50  ? 5.684   3.928   -15.309 1.00 105.21 ? 77  ASP A CG  1 
ATOM 182  O OD1 . ASP A 1 50  ? 6.171   4.542   -16.278 1.00 125.13 ? 77  ASP A OD1 1 
ATOM 183  O OD2 . ASP A 1 50  ? 5.868   4.267   -14.120 1.00 107.16 ? 77  ASP A OD2 1 
ATOM 184  N N   . MET A 1 51  ? 6.427   0.299   -14.322 1.00 106.50 ? 78  MET A N   1 
ATOM 185  C CA  . MET A 1 51  ? 7.431   -0.057  -13.323 1.00 96.27  ? 78  MET A CA  1 
ATOM 186  C C   . MET A 1 51  ? 8.444   -1.071  -13.852 1.00 112.84 ? 78  MET A C   1 
ATOM 187  O O   . MET A 1 51  ? 9.656   -0.852  -13.751 1.00 137.86 ? 78  MET A O   1 
ATOM 188  C CB  . MET A 1 51  ? 6.765   -0.603  -12.063 1.00 108.17 ? 78  MET A CB  1 
ATOM 189  C CG  . MET A 1 51  ? 6.292   0.464   -11.101 1.00 110.97 ? 78  MET A CG  1 
ATOM 190  S SD  . MET A 1 51  ? 5.178   -0.244  -9.887  1.00 119.30 ? 78  MET A SD  1 
ATOM 191  C CE  . MET A 1 51  ? 6.375   -1.059  -8.839  1.00 104.16 ? 78  MET A CE  1 
ATOM 192  N N   . CYS A 1 52  ? 7.974   -2.190  -14.409 1.00 115.51 ? 79  CYS A N   1 
ATOM 193  C CA  . CYS A 1 52  ? 8.833   -3.355  -14.584 1.00 117.61 ? 79  CYS A CA  1 
ATOM 194  C C   . CYS A 1 52  ? 9.155   -3.707  -16.032 1.00 132.56 ? 79  CYS A C   1 
ATOM 195  O O   . CYS A 1 52  ? 10.008  -4.574  -16.257 1.00 130.82 ? 79  CYS A O   1 
ATOM 196  C CB  . CYS A 1 52  ? 8.196   -4.576  -13.903 1.00 101.91 ? 79  CYS A CB  1 
ATOM 197  S SG  . CYS A 1 52  ? 8.041   -4.456  -12.104 1.00 138.59 ? 79  CYS A SG  1 
ATOM 198  N N   . ALA A 1 53  ? 8.519   -3.071  -17.017 1.00 135.08 ? 80  ALA A N   1 
ATOM 199  C CA  . ALA A 1 53  ? 8.745   -3.467  -18.405 1.00 114.14 ? 80  ALA A CA  1 
ATOM 200  C C   . ALA A 1 53  ? 10.019  -2.869  -18.992 1.00 132.88 ? 80  ALA A C   1 
ATOM 201  O O   . ALA A 1 53  ? 10.598  -3.450  -19.917 1.00 148.51 ? 80  ALA A O   1 
ATOM 202  C CB  . ALA A 1 53  ? 7.546   -3.078  -19.270 1.00 116.68 ? 80  ALA A CB  1 
ATOM 203  N N   . ASP A 1 54  ? 10.472  -1.727  -18.472 1.00 153.73 ? 81  ASP A N   1 
ATOM 204  C CA  . ASP A 1 54  ? 11.620  -1.041  -19.061 1.00 167.89 ? 81  ASP A CA  1 
ATOM 205  C C   . ASP A 1 54  ? 12.912  -1.835  -18.877 1.00 163.84 ? 81  ASP A C   1 
ATOM 206  O O   . ASP A 1 54  ? 13.678  -2.020  -19.830 1.00 154.25 ? 81  ASP A O   1 
ATOM 207  C CB  . ASP A 1 54  ? 11.763  0.371   -18.473 1.00 169.98 ? 81  ASP A CB  1 
ATOM 208  C CG  . ASP A 1 54  ? 11.719  0.400   -16.942 1.00 171.08 ? 81  ASP A CG  1 
ATOM 209  O OD1 . ASP A 1 54  ? 11.398  -0.620  -16.295 1.00 166.91 ? 81  ASP A OD1 1 
ATOM 210  O OD2 . ASP A 1 54  ? 12.026  1.469   -16.373 1.00 169.59 ? 81  ASP A OD2 1 
ATOM 211  N N   . SER A 1 55  ? 13.170  -2.310  -17.662 1.00 161.67 ? 82  SER A N   1 
ATOM 212  C CA  . SER A 1 55  ? 14.416  -2.983  -17.328 1.00 164.71 ? 82  SER A CA  1 
ATOM 213  C C   . SER A 1 55  ? 14.402  -4.435  -17.817 1.00 162.48 ? 82  SER A C   1 
ATOM 214  O O   . SER A 1 55  ? 13.382  -4.951  -18.285 1.00 157.76 ? 82  SER A O   1 
ATOM 215  C CB  . SER A 1 55  ? 14.663  -2.888  -15.822 1.00 170.81 ? 82  SER A CB  1 
ATOM 216  O OG  . SER A 1 55  ? 13.509  -3.258  -15.083 1.00 164.97 ? 82  SER A OG  1 
ATOM 217  N N   . ASN A 1 56  ? 15.553  -5.100  -17.704 1.00 177.24 ? 83  ASN A N   1 
ATOM 218  C CA  . ASN A 1 56  ? 15.776  -6.359  -18.415 1.00 170.27 ? 83  ASN A CA  1 
ATOM 219  C C   . ASN A 1 56  ? 16.699  -7.314  -17.649 1.00 164.03 ? 83  ASN A C   1 
ATOM 220  O O   . ASN A 1 56  ? 17.620  -7.906  -18.213 1.00 170.98 ? 83  ASN A O   1 
ATOM 221  C CB  . ASN A 1 56  ? 16.315  -6.085  -19.821 1.00 169.17 ? 83  ASN A CB  1 
ATOM 222  C CG  . ASN A 1 56  ? 17.612  -5.280  -19.813 1.00 172.42 ? 83  ASN A CG  1 
ATOM 223  O OD1 . ASN A 1 56  ? 18.522  -5.536  -19.027 1.00 174.20 ? 83  ASN A OD1 1 
ATOM 224  N ND2 . ASN A 1 56  ? 17.697  -4.302  -20.706 1.00 172.99 ? 83  ASN A ND2 1 
ATOM 225  N N   . SER A 1 57  ? 16.449  -7.501  -16.358 1.00 160.24 ? 84  SER A N   1 
ATOM 226  C CA  . SER A 1 57  ? 17.085  -8.593  -15.634 1.00 148.97 ? 84  SER A CA  1 
ATOM 227  C C   . SER A 1 57  ? 16.185  -9.826  -15.680 1.00 151.23 ? 84  SER A C   1 
ATOM 228  O O   . SER A 1 57  ? 14.979  -9.731  -15.904 1.00 171.65 ? 84  SER A O   1 
ATOM 229  C CB  . SER A 1 57  ? 17.385  -8.191  -14.188 1.00 144.20 ? 84  SER A CB  1 
ATOM 230  O OG  . SER A 1 57  ? 17.813  -9.301  -13.418 1.00 145.60 ? 84  SER A OG  1 
ATOM 231  N N   . SER A 1 58  ? 16.788  -10.998 -15.475 1.00 147.69 ? 85  SER A N   1 
ATOM 232  C CA  . SER A 1 58  ? 16.067  -12.252 -15.683 1.00 157.29 ? 85  SER A CA  1 
ATOM 233  C C   . SER A 1 58  ? 14.951  -12.439 -14.657 1.00 158.67 ? 85  SER A C   1 
ATOM 234  O O   . SER A 1 58  ? 13.773  -12.580 -15.015 1.00 165.96 ? 85  SER A O   1 
ATOM 235  C CB  . SER A 1 58  ? 17.048  -13.425 -15.642 1.00 161.97 ? 85  SER A CB  1 
ATOM 236  O OG  . SER A 1 58  ? 17.908  -13.323 -14.521 1.00 169.57 ? 85  SER A OG  1 
ATOM 237  N N   . ASP A 1 59  ? 15.306  -12.451 -13.368 1.00 159.11 ? 86  ASP A N   1 
ATOM 238  C CA  . ASP A 1 59  ? 14.310  -12.710 -12.333 1.00 156.39 ? 86  ASP A CA  1 
ATOM 239  C C   . ASP A 1 59  ? 13.244  -11.619 -12.270 1.00 156.88 ? 86  ASP A C   1 
ATOM 240  O O   . ASP A 1 59  ? 12.111  -11.887 -11.856 1.00 161.79 ? 86  ASP A O   1 
ATOM 241  C CB  . ASP A 1 59  ? 14.991  -12.906 -10.973 1.00 161.20 ? 86  ASP A CB  1 
ATOM 242  C CG  . ASP A 1 59  ? 15.703  -11.655 -10.466 1.00 178.91 ? 86  ASP A CG  1 
ATOM 243  O OD1 . ASP A 1 59  ? 15.809  -10.653 -11.203 1.00 171.44 ? 86  ASP A OD1 1 
ATOM 244  O OD2 . ASP A 1 59  ? 16.150  -11.676 -9.300  1.00 193.71 ? 86  ASP A OD2 1 
ATOM 245  N N   . GLU A 1 60  ? 13.558  -10.401 -12.712 1.00 152.88 ? 87  GLU A N   1 
ATOM 246  C CA  . GLU A 1 60  ? 12.525  -9.374  -12.755 1.00 146.24 ? 87  GLU A CA  1 
ATOM 247  C C   . GLU A 1 60  ? 11.631  -9.514  -13.984 1.00 147.70 ? 87  GLU A C   1 
ATOM 248  O O   . GLU A 1 60  ? 10.451  -9.161  -13.915 1.00 144.16 ? 87  GLU A O   1 
ATOM 249  C CB  . GLU A 1 60  ? 13.156  -7.986  -12.695 1.00 148.52 ? 87  GLU A CB  1 
ATOM 250  C CG  . GLU A 1 60  ? 13.994  -7.704  -13.891 1.00 169.45 ? 87  GLU A CG  1 
ATOM 251  C CD  . GLU A 1 60  ? 14.339  -6.256  -14.060 1.00 173.26 ? 87  GLU A CD  1 
ATOM 252  O OE1 . GLU A 1 60  ? 14.625  -5.569  -13.056 1.00 169.31 ? 87  GLU A OE1 1 
ATOM 253  O OE2 . GLU A 1 60  ? 14.336  -5.818  -15.222 1.00 173.90 ? 87  GLU A OE2 1 
ATOM 254  N N   . LYS A 1 61  ? 12.153  -10.034 -15.103 1.00 137.20 ? 88  LYS A N   1 
ATOM 255  C CA  . LYS A 1 61  ? 11.262  -10.515 -16.158 1.00 130.84 ? 88  LYS A CA  1 
ATOM 256  C C   . LYS A 1 61  ? 10.304  -11.561 -15.610 1.00 121.91 ? 88  LYS A C   1 
ATOM 257  O O   . LYS A 1 61  ? 9.108   -11.548 -15.925 1.00 122.50 ? 88  LYS A O   1 
ATOM 258  C CB  . LYS A 1 61  ? 12.050  -11.108 -17.329 1.00 135.86 ? 88  LYS A CB  1 
ATOM 259  C CG  . LYS A 1 61  ? 12.962  -10.159 -18.085 1.00 140.59 ? 88  LYS A CG  1 
ATOM 260  C CD  . LYS A 1 61  ? 13.611  -10.877 -19.267 1.00 115.14 ? 88  LYS A CD  1 
ATOM 261  C CE  . LYS A 1 61  ? 14.748  -10.067 -19.881 1.00 139.23 ? 88  LYS A CE  1 
ATOM 262  N NZ  . LYS A 1 61  ? 14.278  -8.862  -20.615 1.00 133.79 ? 88  LYS A NZ  1 
ATOM 263  N N   . ALA A 1 62  ? 10.817  -12.480 -14.788 1.00 133.14 ? 89  ALA A N   1 
ATOM 264  C CA  . ALA A 1 62  ? 9.957   -13.506 -14.208 1.00 142.39 ? 89  ALA A CA  1 
ATOM 265  C C   . ALA A 1 62  ? 8.896   -12.894 -13.299 1.00 140.22 ? 89  ALA A C   1 
ATOM 266  O O   . ALA A 1 62  ? 7.730   -13.300 -13.338 1.00 143.38 ? 89  ALA A O   1 
ATOM 267  C CB  . ALA A 1 62  ? 10.798  -14.529 -13.444 1.00 147.76 ? 89  ALA A CB  1 
ATOM 268  N N   . SER A 1 63  ? 9.279   -11.915 -12.476 1.00 123.82 ? 90  SER A N   1 
ATOM 269  C CA  . SER A 1 63  ? 8.314   -11.275 -11.583 1.00 119.10 ? 90  SER A CA  1 
ATOM 270  C C   . SER A 1 63  ? 7.278   -10.471 -12.364 1.00 130.92 ? 90  SER A C   1 
ATOM 271  O O   . SER A 1 63  ? 6.093   -10.447 -12.001 1.00 125.71 ? 90  SER A O   1 
ATOM 272  C CB  . SER A 1 63  ? 9.041   -10.379 -10.579 1.00 120.70 ? 90  SER A CB  1 
ATOM 273  O OG  . SER A 1 63  ? 9.325   -9.107  -11.132 1.00 128.39 ? 90  SER A OG  1 
ATOM 274  N N   . PHE A 1 64  ? 7.711   -9.798  -13.431 1.00 122.50 ? 91  PHE A N   1 
ATOM 275  C CA  . PHE A 1 64  ? 6.789   -9.099  -14.317 1.00 96.14  ? 91  PHE A CA  1 
ATOM 276  C C   . PHE A 1 64  ? 5.770   -10.070 -14.896 1.00 108.25 ? 91  PHE A C   1 
ATOM 277  O O   . PHE A 1 64  ? 4.559   -9.839  -14.812 1.00 114.64 ? 91  PHE A O   1 
ATOM 278  C CB  . PHE A 1 64  ? 7.591   -8.406  -15.421 1.00 104.72 ? 91  PHE A CB  1 
ATOM 279  C CG  . PHE A 1 64  ? 6.784   -7.493  -16.305 1.00 99.22  ? 91  PHE A CG  1 
ATOM 280  C CD1 . PHE A 1 64  ? 6.131   -6.392  -15.781 1.00 108.02 ? 91  PHE A CD1 1 
ATOM 281  C CD2 . PHE A 1 64  ? 6.722   -7.711  -17.668 1.00 101.16 ? 91  PHE A CD2 1 
ATOM 282  C CE1 . PHE A 1 64  ? 5.414   -5.537  -16.600 1.00 106.31 ? 91  PHE A CE1 1 
ATOM 283  C CE2 . PHE A 1 64  ? 6.003   -6.864  -18.492 1.00 108.33 ? 91  PHE A CE2 1 
ATOM 284  C CZ  . PHE A 1 64  ? 5.349   -5.776  -17.959 1.00 89.07  ? 91  PHE A CZ  1 
ATOM 285  N N   . MET A 1 65  ? 6.250   -11.176 -15.473 1.00 108.86 ? 92  MET A N   1 
ATOM 286  C CA  . MET A 1 65  ? 5.358   -12.203 -16.009 1.00 105.66 ? 92  MET A CA  1 
ATOM 287  C C   . MET A 1 65  ? 4.403   -12.720 -14.938 1.00 112.43 ? 92  MET A C   1 
ATOM 288  O O   . MET A 1 65  ? 3.211   -12.932 -15.206 1.00 118.57 ? 92  MET A O   1 
ATOM 289  C CB  . MET A 1 65  ? 6.188   -13.354 -16.582 1.00 109.35 ? 92  MET A CB  1 
ATOM 290  C CG  . MET A 1 65  ? 6.878   -13.039 -17.903 1.00 98.98  ? 92  MET A CG  1 
ATOM 291  S SD  . MET A 1 65  ? 5.740   -12.794 -19.279 1.00 134.99 ? 92  MET A SD  1 
ATOM 292  C CE  . MET A 1 65  ? 4.921   -14.386 -19.320 1.00 120.03 ? 92  MET A CE  1 
ATOM 293  N N   . TYR A 1 66  ? 4.915   -12.939 -13.723 1.00 106.74 ? 93  TYR A N   1 
ATOM 294  C CA  . TYR A 1 66  ? 4.078   -13.384 -12.612 1.00 112.50 ? 93  TYR A CA  1 
ATOM 295  C C   . TYR A 1 66  ? 2.930   -12.420 -12.362 1.00 114.04 ? 93  TYR A C   1 
ATOM 296  O O   . TYR A 1 66  ? 1.764   -12.827 -12.296 1.00 99.99  ? 93  TYR A O   1 
ATOM 297  C CB  . TYR A 1 66  ? 4.918   -13.530 -11.345 1.00 108.57 ? 93  TYR A CB  1 
ATOM 298  C CG  . TYR A 1 66  ? 4.080   -13.709 -10.101 1.00 105.86 ? 93  TYR A CG  1 
ATOM 299  C CD1 . TYR A 1 66  ? 3.438   -14.908 -9.838  1.00 116.32 ? 93  TYR A CD1 1 
ATOM 300  C CD2 . TYR A 1 66  ? 3.903   -12.659 -9.205  1.00 100.82 ? 93  TYR A CD2 1 
ATOM 301  C CE1 . TYR A 1 66  ? 2.659   -15.071 -8.708  1.00 114.12 ? 93  TYR A CE1 1 
ATOM 302  C CE2 . TYR A 1 66  ? 3.123   -12.811 -8.074  1.00 108.86 ? 93  TYR A CE2 1 
ATOM 303  C CZ  . TYR A 1 66  ? 2.504   -14.020 -7.829  1.00 96.70  ? 93  TYR A CZ  1 
ATOM 304  O OH  . TYR A 1 66  ? 1.729   -14.174 -6.702  1.00 104.17 ? 93  TYR A OH  1 
ATOM 305  N N   . HIS A 1 67  ? 3.247   -11.137 -12.192 1.00 112.63 ? 94  HIS A N   1 
ATOM 306  C CA  . HIS A 1 67  ? 2.204   -10.169 -11.882 1.00 88.04  ? 94  HIS A CA  1 
ATOM 307  C C   . HIS A 1 67  ? 1.235   -9.992  -13.047 1.00 100.62 ? 94  HIS A C   1 
ATOM 308  O O   . HIS A 1 67  ? 0.038   -9.784  -12.824 1.00 91.20  ? 94  HIS A O   1 
ATOM 309  C CB  . HIS A 1 67  ? 2.829   -8.836  -11.477 1.00 104.63 ? 94  HIS A CB  1 
ATOM 310  C CG  . HIS A 1 67  ? 3.515   -8.873  -10.146 1.00 111.16 ? 94  HIS A CG  1 
ATOM 311  N ND1 . HIS A 1 67  ? 2.844   -9.119  -8.967  1.00 97.80  ? 94  HIS A ND1 1 
ATOM 312  C CD2 . HIS A 1 67  ? 4.813   -8.684  -9.807  1.00 100.18 ? 94  HIS A CD2 1 
ATOM 313  C CE1 . HIS A 1 67  ? 3.699   -9.087  -7.961  1.00 93.55  ? 94  HIS A CE1 1 
ATOM 314  N NE2 . HIS A 1 67  ? 4.899   -8.823  -8.443  1.00 108.51 ? 94  HIS A NE2 1 
ATOM 315  N N   . LEU A 1 68  ? 1.720   -10.091 -14.287 1.00 96.68  ? 95  LEU A N   1 
ATOM 316  C CA  . LEU A 1 68  ? 0.817   -10.054 -15.438 1.00 88.45  ? 95  LEU A CA  1 
ATOM 317  C C   . LEU A 1 68  ? -0.171  -11.209 -15.418 1.00 88.64  ? 95  LEU A C   1 
ATOM 318  O O   . LEU A 1 68  ? -1.371  -11.014 -15.644 1.00 97.21  ? 95  LEU A O   1 
ATOM 319  C CB  . LEU A 1 68  ? 1.609   -10.061 -16.741 1.00 82.88  ? 95  LEU A CB  1 
ATOM 320  C CG  . LEU A 1 68  ? 1.942   -8.700  -17.340 1.00 85.31  ? 95  LEU A CG  1 
ATOM 321  C CD1 . LEU A 1 68  ? 3.181   -8.113  -16.751 1.00 105.02 ? 95  LEU A CD1 1 
ATOM 322  C CD2 . LEU A 1 68  ? 2.123   -8.884  -18.818 1.00 109.11 ? 95  LEU A CD2 1 
ATOM 323  N N   . ASN A 1 69  ? 0.315   -12.428 -15.176 1.00 92.58  ? 96  ASN A N   1 
ATOM 324  C CA  . ASN A 1 69  ? -0.594  -13.566 -15.110 1.00 100.40 ? 96  ASN A CA  1 
ATOM 325  C C   . ASN A 1 69  ? -1.563  -13.415 -13.945 1.00 97.59  ? 96  ASN A C   1 
ATOM 326  O O   . ASN A 1 69  ? -2.746  -13.765 -14.055 1.00 100.58 ? 96  ASN A O   1 
ATOM 327  C CB  . ASN A 1 69  ? 0.205   -14.862 -14.991 1.00 111.55 ? 96  ASN A CB  1 
ATOM 328  C CG  . ASN A 1 69  ? -0.658  -16.093 -15.149 1.00 121.06 ? 96  ASN A CG  1 
ATOM 329  O OD1 . ASN A 1 69  ? -1.371  -16.239 -16.143 1.00 117.99 ? 96  ASN A OD1 1 
ATOM 330  N ND2 . ASN A 1 69  ? -0.599  -16.988 -14.174 1.00 135.62 ? 96  ASN A ND2 1 
ATOM 331  N N   . ARG A 1 70  ? -1.075  -12.877 -12.824 1.00 103.96 ? 97  ARG A N   1 
ATOM 332  C CA  . ARG A 1 70  ? -1.924  -12.623 -11.665 1.00 91.72  ? 97  ARG A CA  1 
ATOM 333  C C   . ARG A 1 70  ? -3.060  -11.668 -12.015 1.00 96.01  ? 97  ARG A C   1 
ATOM 334  O O   . ARG A 1 70  ? -4.223  -11.917 -11.678 1.00 98.03  ? 97  ARG A O   1 
ATOM 335  C CB  . ARG A 1 70  ? -1.069  -12.060 -10.530 1.00 95.44  ? 97  ARG A CB  1 
ATOM 336  C CG  . ARG A 1 70  ? -1.809  -11.777 -9.239  1.00 110.08 ? 97  ARG A CG  1 
ATOM 337  C CD  . ARG A 1 70  ? -1.998  -13.026 -8.396  1.00 110.98 ? 97  ARG A CD  1 
ATOM 338  N NE  . ARG A 1 70  ? -2.480  -12.681 -7.063  1.00 119.82 ? 97  ARG A NE  1 
ATOM 339  C CZ  . ARG A 1 70  ? -1.726  -12.138 -6.116  1.00 133.05 ? 97  ARG A CZ  1 
ATOM 340  N NH1 . ARG A 1 70  ? -0.439  -11.901 -6.307  1.00 131.77 ? 97  ARG A NH1 1 
ATOM 341  N NH2 . ARG A 1 70  ? -2.281  -11.820 -4.949  1.00 134.21 ? 97  ARG A NH2 1 
ATOM 342  N N   . LEU A 1 71  ? -2.738  -10.563 -12.695 1.00 91.88  ? 98  LEU A N   1 
ATOM 343  C CA  . LEU A 1 71  ? -3.774  -9.626  -13.127 1.00 95.79  ? 98  LEU A CA  1 
ATOM 344  C C   . LEU A 1 71  ? -4.725  -10.272 -14.128 1.00 93.67  ? 98  LEU A C   1 
ATOM 345  O O   . LEU A 1 71  ? -5.940  -10.053 -14.065 1.00 90.40  ? 98  LEU A O   1 
ATOM 346  C CB  . LEU A 1 71  ? -3.141  -8.368  -13.729 1.00 87.73  ? 98  LEU A CB  1 
ATOM 347  C CG  . LEU A 1 71  ? -2.781  -7.201  -12.804 1.00 85.43  ? 98  LEU A CG  1 
ATOM 348  C CD1 . LEU A 1 71  ? -4.039  -6.568  -12.240 1.00 104.15 ? 98  LEU A CD1 1 
ATOM 349  C CD2 . LEU A 1 71  ? -1.862  -7.628  -11.679 1.00 113.23 ? 98  LEU A CD2 1 
ATOM 350  N N   . ARG A 1 72  ? -4.192  -11.069 -15.056 1.00 97.28  ? 99  ARG A N   1 
ATOM 351  C CA  . ARG A 1 72  ? -5.040  -11.723 -16.046 1.00 98.15  ? 99  ARG A CA  1 
ATOM 352  C C   . ARG A 1 72  ? -6.055  -12.641 -15.380 1.00 101.62 ? 99  ARG A C   1 
ATOM 353  O O   . ARG A 1 72  ? -7.212  -12.714 -15.809 1.00 108.04 ? 99  ARG A O   1 
ATOM 354  C CB  . ARG A 1 72  ? -4.184  -12.515 -17.032 1.00 109.07 ? 99  ARG A CB  1 
ATOM 355  C CG  . ARG A 1 72  ? -4.970  -13.091 -18.201 1.00 130.63 ? 99  ARG A CG  1 
ATOM 356  C CD  . ARG A 1 72  ? -4.125  -14.070 -19.001 1.00 136.45 ? 99  ARG A CD  1 
ATOM 357  N NE  . ARG A 1 72  ? -3.668  -15.188 -18.181 1.00 133.66 ? 99  ARG A NE  1 
ATOM 358  C CZ  . ARG A 1 72  ? -4.457  -16.155 -17.727 1.00 135.06 ? 99  ARG A CZ  1 
ATOM 359  N NH1 . ARG A 1 72  ? -5.749  -16.184 -18.009 1.00 124.22 ? 99  ARG A NH1 1 
ATOM 360  N NH2 . ARG A 1 72  ? -3.935  -17.119 -16.974 1.00 131.50 ? 99  ARG A NH2 1 
ATOM 361  N N   . SER A 1 73  ? -5.641  -13.346 -14.327 1.00 105.36 ? 100 SER A N   1 
ATOM 362  C CA  . SER A 1 73  ? -6.520  -14.301 -13.666 1.00 95.19  ? 100 SER A CA  1 
ATOM 363  C C   . SER A 1 73  ? -7.486  -13.653 -12.680 1.00 106.71 ? 100 SER A C   1 
ATOM 364  O O   . SER A 1 73  ? -8.380  -14.345 -12.179 1.00 109.81 ? 100 SER A O   1 
ATOM 365  C CB  . SER A 1 73  ? -5.688  -15.364 -12.945 1.00 103.66 ? 100 SER A CB  1 
ATOM 366  O OG  . SER A 1 73  ? -4.617  -14.781 -12.222 1.00 117.02 ? 100 SER A OG  1 
ATOM 367  N N   . ALA A 1 74  ? -7.342  -12.360 -12.395 1.00 102.44 ? 101 ALA A N   1 
ATOM 368  C CA  . ALA A 1 74  ? -8.231  -11.699 -11.447 1.00 98.97  ? 101 ALA A CA  1 
ATOM 369  C C   . ALA A 1 74  ? -9.632  -11.559 -12.028 1.00 112.22 ? 101 ALA A C   1 
ATOM 370  O O   . ALA A 1 74  ? -9.806  -11.209 -13.198 1.00 106.32 ? 101 ALA A O   1 
ATOM 371  C CB  . ALA A 1 74  ? -7.681  -10.324 -11.066 1.00 96.58  ? 101 ALA A CB  1 
ATOM 372  N N   . VAL A 1 75  ? -10.641 -11.829 -11.199 1.00 109.94 ? 102 VAL A N   1 
ATOM 373  C CA  . VAL A 1 75  ? -12.022 -11.869 -11.667 1.00 122.40 ? 102 VAL A CA  1 
ATOM 374  C C   . VAL A 1 75  ? -12.885 -10.900 -10.867 1.00 108.41 ? 102 VAL A C   1 
ATOM 375  O O   . VAL A 1 75  ? -13.812 -10.283 -11.406 1.00 113.68 ? 102 VAL A O   1 
ATOM 376  C CB  . VAL A 1 75  ? -12.588 -13.300 -11.590 1.00 95.10  ? 102 VAL A CB  1 
ATOM 377  C CG1 . VAL A 1 75  ? -13.999 -13.347 -12.154 1.00 110.34 ? 102 VAL A CG1 1 
ATOM 378  C CG2 . VAL A 1 75  ? -11.685 -14.269 -12.335 1.00 119.52 ? 102 VAL A CG2 1 
ATOM 379  N N   . THR A 1 76  ? -12.593 -10.757 -9.580  1.00 94.19  ? 103 THR A N   1 
ATOM 380  C CA  . THR A 1 76  ? -13.391 -9.928  -8.692  1.00 100.44 ? 103 THR A CA  1 
ATOM 381  C C   . THR A 1 76  ? -12.528 -8.846  -8.057  1.00 102.33 ? 103 THR A C   1 
ATOM 382  O O   . THR A 1 76  ? -11.305 -8.811  -8.217  1.00 107.38 ? 103 THR A O   1 
ATOM 383  C CB  . THR A 1 76  ? -14.064 -10.774 -7.603  1.00 98.59  ? 103 THR A CB  1 
ATOM 384  O OG1 . THR A 1 76  ? -13.062 -11.455 -6.836  1.00 98.89  ? 103 THR A OG1 1 
ATOM 385  C CG2 . THR A 1 76  ? -15.010 -11.788 -8.227  1.00 104.80 ? 103 THR A CG2 1 
ATOM 386  N N   . VAL A 1 77  ? -13.197 -7.948  -7.331  1.00 90.72  ? 104 VAL A N   1 
ATOM 387  C CA  . VAL A 1 77  ? -12.499 -6.846  -6.679  1.00 84.94  ? 104 VAL A CA  1 
ATOM 388  C C   . VAL A 1 77  ? -11.567 -7.366  -5.595  1.00 99.72  ? 104 VAL A C   1 
ATOM 389  O O   . VAL A 1 77  ? -10.493 -6.800  -5.361  1.00 123.15 ? 104 VAL A O   1 
ATOM 390  C CB  . VAL A 1 77  ? -13.521 -5.834  -6.119  1.00 102.86 ? 104 VAL A CB  1 
ATOM 391  C CG1 . VAL A 1 77  ? -12.844 -4.823  -5.211  1.00 92.99  ? 104 VAL A CG1 1 
ATOM 392  C CG2 . VAL A 1 77  ? -14.237 -5.127  -7.261  1.00 100.22 ? 104 VAL A CG2 1 
ATOM 393  N N   . VAL A 1 78  ? -11.944 -8.462  -4.933  1.00 111.08 ? 105 VAL A N   1 
ATOM 394  C CA  . VAL A 1 78  ? -11.131 -8.971  -3.837  1.00 108.01 ? 105 VAL A CA  1 
ATOM 395  C C   . VAL A 1 78  ? -9.839  -9.610  -4.335  1.00 102.12 ? 105 VAL A C   1 
ATOM 396  O O   . VAL A 1 78  ? -8.874  -9.715  -3.570  1.00 112.79 ? 105 VAL A O   1 
ATOM 397  C CB  . VAL A 1 78  ? -11.948 -9.963  -2.990  1.00 109.57 ? 105 VAL A CB  1 
ATOM 398  C CG1 . VAL A 1 78  ? -13.237 -9.308  -2.514  1.00 107.66 ? 105 VAL A CG1 1 
ATOM 399  C CG2 . VAL A 1 78  ? -12.242 -11.229 -3.775  1.00 112.73 ? 105 VAL A CG2 1 
ATOM 400  N N   . ASP A 1 79  ? -9.786  -10.032 -5.602  1.00 100.51 ? 106 ASP A N   1 
ATOM 401  C CA  . ASP A 1 79  ? -8.564  -10.646 -6.115  1.00 102.58 ? 106 ASP A CA  1 
ATOM 402  C C   . ASP A 1 79  ? -7.445  -9.621  -6.257  1.00 102.20 ? 106 ASP A C   1 
ATOM 403  O O   . ASP A 1 79  ? -6.281  -9.921  -5.969  1.00 116.81 ? 106 ASP A O   1 
ATOM 404  C CB  . ASP A 1 79  ? -8.833  -11.335 -7.455  1.00 109.65 ? 106 ASP A CB  1 
ATOM 405  C CG  . ASP A 1 79  ? -9.888  -12.423 -7.356  1.00 120.36 ? 106 ASP A CG  1 
ATOM 406  O OD1 . ASP A 1 79  ? -9.773  -13.283 -6.460  1.00 137.12 ? 106 ASP A OD1 1 
ATOM 407  O OD2 . ASP A 1 79  ? -10.818 -12.436 -8.188  1.00 112.56 ? 106 ASP A OD2 1 
ATOM 408  N N   . LEU A 1 80  ? -7.778  -8.406  -6.694  1.00 97.26  ? 107 LEU A N   1 
ATOM 409  C CA  . LEU A 1 80  ? -6.812  -7.327  -6.859  1.00 101.85 ? 107 LEU A CA  1 
ATOM 410  C C   . LEU A 1 80  ? -6.996  -6.213  -5.830  1.00 97.04  ? 107 LEU A C   1 
ATOM 411  O O   . LEU A 1 80  ? -6.529  -5.086  -6.040  1.00 105.68 ? 107 LEU A O   1 
ATOM 412  C CB  . LEU A 1 80  ? -6.868  -6.804  -8.297  1.00 119.75 ? 107 LEU A CB  1 
ATOM 413  C CG  . LEU A 1 80  ? -8.161  -6.248  -8.910  1.00 98.65  ? 107 LEU A CG  1 
ATOM 414  C CD1 . LEU A 1 80  ? -8.422  -4.797  -8.572  1.00 138.53 ? 107 LEU A CD1 1 
ATOM 415  C CD2 . LEU A 1 80  ? -8.146  -6.450  -10.417 1.00 70.50  ? 107 LEU A CD2 1 
ATOM 416  N N   . HIS A 1 81  ? -7.680  -6.518  -4.722  1.00 114.03 ? 108 HIS A N   1 
ATOM 417  C CA  . HIS A 1 81  ? -7.666  -5.656  -3.543  1.00 108.31 ? 108 HIS A CA  1 
ATOM 418  C C   . HIS A 1 81  ? -6.254  -5.229  -3.173  1.00 106.39 ? 108 HIS A C   1 
ATOM 419  O O   . HIS A 1 81  ? -6.006  -4.057  -2.875  1.00 115.14 ? 108 HIS A O   1 
ATOM 420  C CB  . HIS A 1 81  ? -8.328  -6.385  -2.367  1.00 114.42 ? 108 HIS A CB  1 
ATOM 421  C CG  . HIS A 1 81  ? -8.137  -5.711  -1.039  1.00 126.78 ? 108 HIS A CG  1 
ATOM 422  N ND1 . HIS A 1 81  ? -6.912  -5.626  -0.411  1.00 127.15 ? 108 HIS A ND1 1 
ATOM 423  C CD2 . HIS A 1 81  ? -9.020  -5.094  -0.221  1.00 134.18 ? 108 HIS A CD2 1 
ATOM 424  C CE1 . HIS A 1 81  ? -7.048  -4.979  0.733   1.00 122.78 ? 108 HIS A CE1 1 
ATOM 425  N NE2 . HIS A 1 81  ? -8.318  -4.646  0.873   1.00 129.37 ? 108 HIS A NE2 1 
ATOM 426  N N   . ASN A 1 82  ? -5.321  -6.179  -3.151  1.00 100.65 ? 109 ASN A N   1 
ATOM 427  C CA  . ASN A 1 82  ? -3.971  -5.864  -2.706  1.00 93.93  ? 109 ASN A CA  1 
ATOM 428  C C   . ASN A 1 82  ? -3.286  -4.900  -3.666  1.00 98.86  ? 109 ASN A C   1 
ATOM 429  O O   . ASN A 1 82  ? -2.582  -3.981  -3.232  1.00 99.02  ? 109 ASN A O   1 
ATOM 430  C CB  . ASN A 1 82  ? -3.166  -7.149  -2.558  1.00 118.12 ? 109 ASN A CB  1 
ATOM 431  C CG  . ASN A 1 82  ? -3.929  -8.234  -1.824  1.00 133.98 ? 109 ASN A CG  1 
ATOM 432  O OD1 . ASN A 1 82  ? -4.830  -8.862  -2.381  1.00 136.12 ? 109 ASN A OD1 1 
ATOM 433  N ND2 . ASN A 1 82  ? -3.580  -8.450  -0.562  1.00 128.23 ? 109 ASN A ND2 1 
ATOM 434  N N   . TYR A 1 83  ? -3.487  -5.087  -4.971  1.00 109.04 ? 110 TYR A N   1 
ATOM 435  C CA  . TYR A 1 83  ? -2.912  -4.163  -5.944  1.00 81.28  ? 110 TYR A CA  1 
ATOM 436  C C   . TYR A 1 83  ? -3.528  -2.776  -5.815  1.00 86.37  ? 110 TYR A C   1 
ATOM 437  O O   . TYR A 1 83  ? -2.822  -1.764  -5.933  1.00 92.22  ? 110 TYR A O   1 
ATOM 438  C CB  . TYR A 1 83  ? -3.094  -4.712  -7.356  1.00 76.48  ? 110 TYR A CB  1 
ATOM 439  C CG  . TYR A 1 83  ? -2.249  -5.930  -7.645  1.00 74.35  ? 110 TYR A CG  1 
ATOM 440  C CD1 . TYR A 1 83  ? -0.874  -5.823  -7.818  1.00 87.43  ? 110 TYR A CD1 1 
ATOM 441  C CD2 . TYR A 1 83  ? -2.822  -7.191  -7.730  1.00 91.91  ? 110 TYR A CD2 1 
ATOM 442  C CE1 . TYR A 1 83  ? -0.097  -6.938  -8.081  1.00 91.53  ? 110 TYR A CE1 1 
ATOM 443  C CE2 . TYR A 1 83  ? -2.055  -8.308  -7.990  1.00 98.89  ? 110 TYR A CE2 1 
ATOM 444  C CZ  . TYR A 1 83  ? -0.695  -8.177  -8.164  1.00 103.92 ? 110 TYR A CZ  1 
ATOM 445  O OH  . TYR A 1 83  ? 0.067   -9.293  -8.421  1.00 108.74 ? 110 TYR A OH  1 
ATOM 446  N N   . ILE A 1 84  ? -4.842  -2.704  -5.572  1.00 81.29  ? 111 ILE A N   1 
ATOM 447  C CA  . ILE A 1 84  ? -5.451  -1.411  -5.269  1.00 77.69  ? 111 ILE A CA  1 
ATOM 448  C C   . ILE A 1 84  ? -4.785  -0.790  -4.049  1.00 98.60  ? 111 ILE A C   1 
ATOM 449  O O   . ILE A 1 84  ? -4.479  0.406   -4.032  1.00 98.69  ? 111 ILE A O   1 
ATOM 450  C CB  . ILE A 1 84  ? -6.971  -1.541  -5.066  1.00 79.14  ? 111 ILE A CB  1 
ATOM 451  C CG1 . ILE A 1 84  ? -7.643  -2.135  -6.296  1.00 81.57  ? 111 ILE A CG1 1 
ATOM 452  C CG2 . ILE A 1 84  ? -7.587  -0.183  -4.749  1.00 86.30  ? 111 ILE A CG2 1 
ATOM 453  C CD1 . ILE A 1 84  ? -9.077  -2.519  -6.038  1.00 111.69 ? 111 ILE A CD1 1 
ATOM 454  N N   . ALA A 1 85  ? -4.544  -1.593  -3.013  1.00 99.43  ? 112 ALA A N   1 
ATOM 455  C CA  . ALA A 1 85  ? -3.918  -1.073  -1.801  1.00 96.72  ? 112 ALA A CA  1 
ATOM 456  C C   . ALA A 1 85  ? -2.538  -0.497  -2.099  1.00 99.66  ? 112 ALA A C   1 
ATOM 457  O O   . ALA A 1 85  ? -2.199  0.599   -1.642  1.00 106.58 ? 112 ALA A O   1 
ATOM 458  C CB  . ALA A 1 85  ? -3.831  -2.172  -0.741  1.00 89.75  ? 112 ALA A CB  1 
ATOM 459  N N   . VAL A 1 86  ? -1.731  -1.219  -2.880  1.00 91.45  ? 113 VAL A N   1 
ATOM 460  C CA  . VAL A 1 86  ? -0.383  -0.740  -3.183  1.00 105.96 ? 113 VAL A CA  1 
ATOM 461  C C   . VAL A 1 86  ? -0.426  0.541   -4.007  1.00 91.44  ? 113 VAL A C   1 
ATOM 462  O O   . VAL A 1 86  ? 0.311   1.494   -3.729  1.00 89.12  ? 113 VAL A O   1 
ATOM 463  C CB  . VAL A 1 86  ? 0.454   -1.829  -3.882  1.00 93.35  ? 113 VAL A CB  1 
ATOM 464  C CG1 . VAL A 1 86  ? 1.910   -1.437  -3.868  1.00 95.93  ? 113 VAL A CG1 1 
ATOM 465  C CG2 . VAL A 1 86  ? 0.317   -3.147  -3.164  1.00 90.72  ? 113 VAL A CG2 1 
ATOM 466  N N   . PHE A 1 87  ? -1.286  0.594   -5.027  1.00 95.21  ? 114 PHE A N   1 
ATOM 467  C CA  . PHE A 1 87  ? -1.203  1.658   -6.023  1.00 96.23  ? 114 PHE A CA  1 
ATOM 468  C C   . PHE A 1 87  ? -2.313  2.700   -5.913  1.00 87.57  ? 114 PHE A C   1 
ATOM 469  O O   . PHE A 1 87  ? -2.492  3.486   -6.848  1.00 100.56 ? 114 PHE A O   1 
ATOM 470  C CB  . PHE A 1 87  ? -1.192  1.047   -7.426  1.00 85.36  ? 114 PHE A CB  1 
ATOM 471  C CG  . PHE A 1 87  ? -0.014  0.150   -7.685  1.00 87.01  ? 114 PHE A CG  1 
ATOM 472  C CD1 . PHE A 1 87  ? 1.279   0.616   -7.515  1.00 94.58  ? 114 PHE A CD1 1 
ATOM 473  C CD2 . PHE A 1 87  ? -0.201  -1.165  -8.080  1.00 101.23 ? 114 PHE A CD2 1 
ATOM 474  C CE1 . PHE A 1 87  ? 2.365   -0.208  -7.750  1.00 109.69 ? 114 PHE A CE1 1 
ATOM 475  C CE2 . PHE A 1 87  ? 0.881   -1.995  -8.314  1.00 99.87  ? 114 PHE A CE2 1 
ATOM 476  C CZ  . PHE A 1 87  ? 2.165   -1.516  -8.149  1.00 103.67 ? 114 PHE A CZ  1 
ATOM 477  N N   . GLY A 1 88  ? -3.048  2.734   -4.800  1.00 79.66  ? 115 GLY A N   1 
ATOM 478  C CA  . GLY A 1 88  ? -4.126  3.676   -4.586  1.00 83.49  ? 115 GLY A CA  1 
ATOM 479  C C   . GLY A 1 88  ? -3.893  5.092   -5.072  1.00 91.56  ? 115 GLY A C   1 
ATOM 480  O O   . GLY A 1 88  ? -4.651  5.614   -5.896  1.00 101.56 ? 115 GLY A O   1 
ATOM 481  N N   . PRO A 1 89  ? -2.852  5.752   -4.558  1.00 103.50 ? 116 PRO A N   1 
ATOM 482  C CA  . PRO A 1 89  ? -2.582  7.130   -5.004  1.00 96.08  ? 116 PRO A CA  1 
ATOM 483  C C   . PRO A 1 89  ? -2.229  7.230   -6.477  1.00 95.51  ? 116 PRO A C   1 
ATOM 484  O O   . PRO A 1 89  ? -2.485  8.270   -7.095  1.00 98.29  ? 116 PRO A O   1 
ATOM 485  C CB  . PRO A 1 89  ? -1.414  7.571   -4.108  1.00 104.87 ? 116 PRO A CB  1 
ATOM 486  C CG  . PRO A 1 89  ? -1.394  6.607   -2.970  1.00 101.20 ? 116 PRO A CG  1 
ATOM 487  C CD  . PRO A 1 89  ? -1.934  5.321   -3.491  1.00 98.22  ? 116 PRO A CD  1 
ATOM 488  N N   . CYS A 1 90  ? -1.651  6.179   -7.062  1.00 95.60  ? 117 CYS A N   1 
ATOM 489  C CA  . CYS A 1 90  ? -1.318  6.214   -8.482  1.00 90.26  ? 117 CYS A CA  1 
ATOM 490  C C   . CYS A 1 90  ? -2.576  6.186   -9.344  1.00 86.99  ? 117 CYS A C   1 
ATOM 491  O O   . CYS A 1 90  ? -2.716  6.987   -10.275 1.00 90.98  ? 117 CYS A O   1 
ATOM 492  C CB  . CYS A 1 90  ? -0.391  5.050   -8.835  1.00 102.98 ? 117 CYS A CB  1 
ATOM 493  S SG  . CYS A 1 90  ? 1.321   5.269   -8.298  1.00 101.51 ? 117 CYS A SG  1 
ATOM 494  N N   . LEU A 1 91  ? -3.506  5.273   -9.053  1.00 98.85  ? 118 LEU A N   1 
ATOM 495  C CA  . LEU A 1 91  ? -4.746  5.234   -9.823  1.00 98.50  ? 118 LEU A CA  1 
ATOM 496  C C   . LEU A 1 91  ? -5.592  6.475   -9.560  1.00 90.76  ? 118 LEU A C   1 
ATOM 497  O O   . LEU A 1 91  ? -6.074  7.117   -10.499 1.00 92.35  ? 118 LEU A O   1 
ATOM 498  C CB  . LEU A 1 91  ? -5.551  3.968   -9.510  1.00 84.92  ? 118 LEU A CB  1 
ATOM 499  C CG  . LEU A 1 91  ? -4.917  2.576   -9.610  1.00 87.36  ? 118 LEU A CG  1 
ATOM 500  C CD1 . LEU A 1 91  ? -4.711  1.967   -8.237  1.00 93.42  ? 118 LEU A CD1 1 
ATOM 501  C CD2 . LEU A 1 91  ? -5.757  1.654   -10.469 1.00 85.69  ? 118 LEU A CD2 1 
ATOM 502  N N   . SER A 1 92  ? -5.763  6.835   -8.285  1.00 94.03  ? 119 SER A N   1 
ATOM 503  C CA  . SER A 1 92  ? -6.671  7.922   -7.926  1.00 95.88  ? 119 SER A CA  1 
ATOM 504  C C   . SER A 1 92  ? -6.282  9.234   -8.597  1.00 102.74 ? 119 SER A C   1 
ATOM 505  O O   . SER A 1 92  ? -7.152  10.029  -8.970  1.00 119.78 ? 119 SER A O   1 
ATOM 506  C CB  . SER A 1 92  ? -6.704  8.094   -6.407  1.00 94.67  ? 119 SER A CB  1 
ATOM 507  O OG  . SER A 1 92  ? -7.194  6.929   -5.768  1.00 105.59 ? 119 SER A OG  1 
ATOM 508  N N   . TYR A 1 93  ? -4.982  9.481   -8.763  1.00 103.60 ? 120 TYR A N   1 
ATOM 509  C CA  . TYR A 1 93  ? -4.499  10.755  -9.281  1.00 85.94  ? 120 TYR A CA  1 
ATOM 510  C C   . TYR A 1 93  ? -3.852  10.625  -10.657 1.00 94.40  ? 120 TYR A C   1 
ATOM 511  O O   . TYR A 1 93  ? -3.173  11.555  -11.105 1.00 106.00 ? 120 TYR A O   1 
ATOM 512  C CB  . TYR A 1 93  ? -3.529  11.390  -8.283  1.00 96.76  ? 120 TYR A CB  1 
ATOM 513  C CG  . TYR A 1 93  ? -4.172  11.707  -6.949  1.00 107.82 ? 120 TYR A CG  1 
ATOM 514  C CD1 . TYR A 1 93  ? -5.180  12.660  -6.853  1.00 107.37 ? 120 TYR A CD1 1 
ATOM 515  C CD2 . TYR A 1 93  ? -3.781  11.049  -5.790  1.00 100.68 ? 120 TYR A CD2 1 
ATOM 516  C CE1 . TYR A 1 93  ? -5.775  12.951  -5.641  1.00 107.90 ? 120 TYR A CE1 1 
ATOM 517  C CE2 . TYR A 1 93  ? -4.371  11.335  -4.571  1.00 93.37  ? 120 TYR A CE2 1 
ATOM 518  C CZ  . TYR A 1 93  ? -5.368  12.286  -4.504  1.00 110.17 ? 120 TYR A CZ  1 
ATOM 519  O OH  . TYR A 1 93  ? -5.960  12.576  -3.297  1.00 117.90 ? 120 TYR A OH  1 
ATOM 520  N N   . ASN A 1 94  ? -4.055  9.495   -11.337 1.00 102.26 ? 121 ASN A N   1 
ATOM 521  C CA  . ASN A 1 94  ? -3.578  9.284   -12.706 1.00 96.50  ? 121 ASN A CA  1 
ATOM 522  C C   . ASN A 1 94  ? -2.073  9.525   -12.819 1.00 97.33  ? 121 ASN A C   1 
ATOM 523  O O   . ASN A 1 94  ? -1.589  10.190  -13.737 1.00 96.98  ? 121 ASN A O   1 
ATOM 524  C CB  . ASN A 1 94  ? -4.349  10.162  -13.694 1.00 72.44  ? 121 ASN A CB  1 
ATOM 525  C CG  . ASN A 1 94  ? -5.777  9.693   -13.905 1.00 95.48  ? 121 ASN A CG  1 
ATOM 526  O OD1 . ASN A 1 94  ? -6.151  8.595   -13.495 1.00 111.85 ? 121 ASN A OD1 1 
ATOM 527  N ND2 . ASN A 1 94  ? -6.584  10.531  -14.545 1.00 99.81  ? 121 ASN A ND2 1 
ATOM 528  N N   . LYS A 1 95  ? -1.329  8.971   -11.869 1.00 92.62  ? 122 LYS A N   1 
ATOM 529  C CA  . LYS A 1 95  ? 0.118   9.107   -11.817 1.00 82.44  ? 122 LYS A CA  1 
ATOM 530  C C   . LYS A 1 95  ? 0.795   7.780   -12.133 1.00 90.01  ? 122 LYS A C   1 
ATOM 531  O O   . LYS A 1 95  ? 0.228   6.700   -11.942 1.00 106.64 ? 122 LYS A O   1 
ATOM 532  C CB  . LYS A 1 95  ? 0.575   9.602   -10.441 1.00 93.82  ? 122 LYS A CB  1 
ATOM 533  C CG  . LYS A 1 95  ? -0.043  10.917  -10.007 1.00 94.30  ? 122 LYS A CG  1 
ATOM 534  C CD  . LYS A 1 95  ? 0.509   12.075  -10.818 1.00 92.47  ? 122 LYS A CD  1 
ATOM 535  C CE  . LYS A 1 95  ? 0.098   13.406  -10.221 1.00 105.73 ? 122 LYS A CE  1 
ATOM 536  N NZ  . LYS A 1 95  ? 0.591   14.561  -11.019 1.00 117.15 ? 122 LYS A NZ  1 
ATOM 537  N N   . LEU A 1 96  ? 2.029   7.878   -12.627 1.00 87.29  ? 123 LEU A N   1 
ATOM 538  C CA  . LEU A 1 96  ? 2.884   6.731   -12.871 1.00 94.60  ? 123 LEU A CA  1 
ATOM 539  C C   . LEU A 1 96  ? 4.088   6.778   -11.938 1.00 95.75  ? 123 LEU A C   1 
ATOM 540  O O   . LEU A 1 96  ? 4.650   7.855   -11.712 1.00 98.57  ? 123 LEU A O   1 
ATOM 541  C CB  . LEU A 1 96  ? 3.361   6.684   -14.331 1.00 86.52  ? 123 LEU A CB  1 
ATOM 542  C CG  . LEU A 1 96  ? 2.379   6.114   -15.363 1.00 90.50  ? 123 LEU A CG  1 
ATOM 543  C CD1 . LEU A 1 96  ? 1.255   7.091   -15.674 1.00 116.06 ? 123 LEU A CD1 1 
ATOM 544  C CD2 . LEU A 1 96  ? 3.101   5.729   -16.644 1.00 106.07 ? 123 LEU A CD2 1 
ATOM 545  N N   . PRO A 1 97  ? 4.493   5.638   -11.369 1.00 89.32  ? 124 PRO A N   1 
ATOM 546  C CA  . PRO A 1 97  ? 5.548   5.674   -10.338 1.00 93.16  ? 124 PRO A CA  1 
ATOM 547  C C   . PRO A 1 97  ? 6.872   6.232   -10.829 1.00 116.05 ? 124 PRO A C   1 
ATOM 548  O O   . PRO A 1 97  ? 7.554   6.942   -10.080 1.00 116.05 ? 124 PRO A O   1 
ATOM 549  C CB  . PRO A 1 97  ? 5.676   4.204   -9.913  1.00 95.92  ? 124 PRO A CB  1 
ATOM 550  C CG  . PRO A 1 97  ? 4.402   3.555   -10.327 1.00 101.60 ? 124 PRO A CG  1 
ATOM 551  C CD  . PRO A 1 97  ? 3.879   4.307   -11.508 1.00 94.12  ? 124 PRO A CD  1 
ATOM 552  N N   . SER A 1 98  ? 7.258   5.936   -12.070 1.00 108.51 ? 125 SER A N   1 
ATOM 553  C CA  . SER A 1 98  ? 8.544   6.393   -12.582 1.00 98.41  ? 125 SER A CA  1 
ATOM 554  C C   . SER A 1 98  ? 8.555   7.872   -12.947 1.00 102.21 ? 125 SER A C   1 
ATOM 555  O O   . SER A 1 98  ? 9.631   8.415   -13.215 1.00 123.54 ? 125 SER A O   1 
ATOM 556  C CB  . SER A 1 98  ? 8.949   5.571   -13.807 1.00 95.04  ? 125 SER A CB  1 
ATOM 557  O OG  . SER A 1 98  ? 8.171   5.928   -14.935 1.00 105.32 ? 125 SER A OG  1 
ATOM 558  N N   . THR A 1 99  ? 7.398   8.535   -12.964 1.00 106.90 ? 126 THR A N   1 
ATOM 559  C CA  . THR A 1 99  ? 7.318   9.930   -13.372 1.00 109.02 ? 126 THR A CA  1 
ATOM 560  C C   . THR A 1 99  ? 6.788   10.861  -12.293 1.00 111.03 ? 126 THR A C   1 
ATOM 561  O O   . THR A 1 99  ? 6.849   12.081  -12.477 1.00 122.13 ? 126 THR A O   1 
ATOM 562  C CB  . THR A 1 99  ? 6.427   10.076  -14.615 1.00 102.94 ? 126 THR A CB  1 
ATOM 563  O OG1 . THR A 1 99  ? 5.072   9.761   -14.274 1.00 117.80 ? 126 THR A OG1 1 
ATOM 564  C CG2 . THR A 1 99  ? 6.891   9.135   -15.717 1.00 95.22  ? 126 THR A CG2 1 
ATOM 565  N N   . TRP A 1 100 ? 6.278   10.331  -11.179 1.00 104.34 ? 127 TRP A N   1 
ATOM 566  C CA  . TRP A 1 100 ? 5.592   11.173  -10.203 1.00 109.69 ? 127 TRP A CA  1 
ATOM 567  C C   . TRP A 1 100 ? 6.563   12.123  -9.512  1.00 119.54 ? 127 TRP A C   1 
ATOM 568  O O   . TRP A 1 100 ? 6.301   13.327  -9.407  1.00 126.93 ? 127 TRP A O   1 
ATOM 569  C CB  . TRP A 1 100 ? 4.864   10.297  -9.183  1.00 104.25 ? 127 TRP A CB  1 
ATOM 570  C CG  . TRP A 1 100 ? 3.796   11.014  -8.416  1.00 104.07 ? 127 TRP A CG  1 
ATOM 571  C CD1 . TRP A 1 100 ? 3.644   12.364  -8.282  1.00 104.34 ? 127 TRP A CD1 1 
ATOM 572  C CD2 . TRP A 1 100 ? 2.722   10.417  -7.680  1.00 121.19 ? 127 TRP A CD2 1 
ATOM 573  N NE1 . TRP A 1 100 ? 2.547   12.643  -7.505  1.00 106.87 ? 127 TRP A NE1 1 
ATOM 574  C CE2 . TRP A 1 100 ? 1.961   11.466  -7.125  1.00 117.72 ? 127 TRP A CE2 1 
ATOM 575  C CE3 . TRP A 1 100 ? 2.330   9.097   -7.436  1.00 114.52 ? 127 TRP A CE3 1 
ATOM 576  C CZ2 . TRP A 1 100 ? 0.833   11.235  -6.339  1.00 106.62 ? 127 TRP A CZ2 1 
ATOM 577  C CZ3 . TRP A 1 100 ? 1.209   8.871   -6.657  1.00 109.35 ? 127 TRP A CZ3 1 
ATOM 578  C CH2 . TRP A 1 100 ? 0.474   9.934   -6.118  1.00 103.90 ? 127 TRP A CH2 1 
ATOM 579  N N   . ASN A 1 101 ? 7.691   11.596  -9.034  1.00 111.57 ? 128 ASN A N   1 
ATOM 580  C CA  . ASN A 1 101 ? 8.730   12.379  -8.363  1.00 130.77 ? 128 ASN A CA  1 
ATOM 581  C C   . ASN A 1 101 ? 8.171   13.047  -7.100  1.00 119.32 ? 128 ASN A C   1 
ATOM 582  O O   . ASN A 1 101 ? 8.015   14.266  -7.004  1.00 102.44 ? 128 ASN A O   1 
ATOM 583  C CB  . ASN A 1 101 ? 9.346   13.407  -9.323  1.00 132.96 ? 128 ASN A CB  1 
ATOM 584  C CG  . ASN A 1 101 ? 10.405  14.271  -8.660  1.00 135.07 ? 128 ASN A CG  1 
ATOM 585  O OD1 . ASN A 1 101 ? 11.309  13.766  -7.992  1.00 134.68 ? 128 ASN A OD1 1 
ATOM 586  N ND2 . ASN A 1 101 ? 10.296  15.582  -8.841  1.00 117.66 ? 128 ASN A ND2 1 
ATOM 587  N N   . ILE A 1 102 ? 7.843   12.186  -6.135  1.00 119.87 ? 129 ILE A N   1 
ATOM 588  C CA  . ILE A 1 102 ? 7.553   12.599  -4.767  1.00 102.00 ? 129 ILE A CA  1 
ATOM 589  C C   . ILE A 1 102 ? 8.225   11.601  -3.834  1.00 117.15 ? 129 ILE A C   1 
ATOM 590  O O   . ILE A 1 102 ? 8.538   10.471  -4.215  1.00 112.88 ? 129 ILE A O   1 
ATOM 591  C CB  . ILE A 1 102 ? 6.042   12.687  -4.451  1.00 107.94 ? 129 ILE A CB  1 
ATOM 592  C CG1 . ILE A 1 102 ? 5.387   11.309  -4.555  1.00 101.19 ? 129 ILE A CG1 1 
ATOM 593  C CG2 . ILE A 1 102 ? 5.350   13.697  -5.357  1.00 129.79 ? 129 ILE A CG2 1 
ATOM 594  C CD1 . ILE A 1 102 ? 3.900   11.332  -4.305  1.00 99.97  ? 129 ILE A CD1 1 
ATOM 595  N N   . SER A 1 103 ? 8.442   12.035  -2.597  1.00 106.46 ? 130 SER A N   1 
ATOM 596  C CA  . SER A 1 103 ? 9.146   11.209  -1.631  1.00 100.37 ? 130 SER A CA  1 
ATOM 597  C C   . SER A 1 103 ? 8.268   10.044  -1.177  1.00 107.54 ? 130 SER A C   1 
ATOM 598  O O   . SER A 1 103 ? 7.067   9.980   -1.459  1.00 112.55 ? 130 SER A O   1 
ATOM 599  C CB  . SER A 1 103 ? 9.581   12.047  -0.431  1.00 117.05 ? 130 SER A CB  1 
ATOM 600  O OG  . SER A 1 103 ? 8.474   12.348  0.401   1.00 124.16 ? 130 SER A OG  1 
ATOM 601  N N   . VAL A 1 104 ? 8.891   9.107   -0.462  1.00 111.74 ? 131 VAL A N   1 
ATOM 602  C CA  . VAL A 1 104 ? 8.147   7.971   0.072   1.00 104.64 ? 131 VAL A CA  1 
ATOM 603  C C   . VAL A 1 104 ? 7.180   8.429   1.158   1.00 106.50 ? 131 VAL A C   1 
ATOM 604  O O   . VAL A 1 104 ? 6.057   7.920   1.260   1.00 113.28 ? 131 VAL A O   1 
ATOM 605  C CB  . VAL A 1 104 ? 9.115   6.890   0.586   1.00 86.32  ? 131 VAL A CB  1 
ATOM 606  C CG1 . VAL A 1 104 ? 9.736   6.141   -0.581  1.00 108.32 ? 131 VAL A CG1 1 
ATOM 607  C CG2 . VAL A 1 104 ? 10.201  7.512   1.456   1.00 130.29 ? 131 VAL A CG2 1 
ATOM 608  N N   . CYS A 1 105 ? 7.588   9.407   1.971   1.00 106.69 ? 132 CYS A N   1 
ATOM 609  C CA  . CYS A 1 105 ? 6.738   9.863   3.066   1.00 114.13 ? 132 CYS A CA  1 
ATOM 610  C C   . CYS A 1 105 ? 5.472   10.533  2.547   1.00 116.53 ? 132 CYS A C   1 
ATOM 611  O O   . CYS A 1 105 ? 4.384   10.328  3.097   1.00 128.69 ? 132 CYS A O   1 
ATOM 612  C CB  . CYS A 1 105 ? 7.517   10.814  3.975   1.00 122.45 ? 132 CYS A CB  1 
ATOM 613  S SG  . CYS A 1 105 ? 8.885   10.042  4.875   1.00 134.62 ? 132 CYS A SG  1 
ATOM 614  N N   . ASP A 1 106 ? 5.590   11.332  1.484   1.00 120.19 ? 133 ASP A N   1 
ATOM 615  C CA  . ASP A 1 106 ? 4.412   11.986  0.923   1.00 120.75 ? 133 ASP A CA  1 
ATOM 616  C C   . ASP A 1 106 ? 3.469   10.968  0.288   1.00 114.78 ? 133 ASP A C   1 
ATOM 617  O O   . ASP A 1 106 ? 2.243   11.096  0.392   1.00 107.81 ? 133 ASP A O   1 
ATOM 618  C CB  . ASP A 1 106 ? 4.837   13.043  -0.095  1.00 120.13 ? 133 ASP A CB  1 
ATOM 619  C CG  . ASP A 1 106 ? 5.491   14.249  0.557   1.00 139.06 ? 133 ASP A CG  1 
ATOM 620  O OD1 . ASP A 1 106 ? 5.665   14.241  1.794   1.00 146.38 ? 133 ASP A OD1 1 
ATOM 621  O OD2 . ASP A 1 106 ? 5.832   15.206  -0.169  1.00 146.51 ? 133 ASP A OD2 1 
ATOM 622  N N   . TYR A 1 107 ? 4.024   9.942   -0.361  1.00 103.24 ? 134 TYR A N   1 
ATOM 623  C CA  . TYR A 1 107 ? 3.195   8.875   -0.911  1.00 101.51 ? 134 TYR A CA  1 
ATOM 624  C C   . TYR A 1 107 ? 2.466   8.124   0.199   1.00 101.93 ? 134 TYR A C   1 
ATOM 625  O O   . TYR A 1 107 ? 1.287   7.775   0.058   1.00 94.87  ? 134 TYR A O   1 
ATOM 626  C CB  . TYR A 1 107 ? 4.066   7.925   -1.734  1.00 103.72 ? 134 TYR A CB  1 
ATOM 627  C CG  . TYR A 1 107 ? 3.306   6.890   -2.531  1.00 105.67 ? 134 TYR A CG  1 
ATOM 628  C CD1 . TYR A 1 107 ? 2.995   5.652   -1.984  1.00 94.16  ? 134 TYR A CD1 1 
ATOM 629  C CD2 . TYR A 1 107 ? 2.909   7.148   -3.838  1.00 101.46 ? 134 TYR A CD2 1 
ATOM 630  C CE1 . TYR A 1 107 ? 2.306   4.699   -2.714  1.00 102.70 ? 134 TYR A CE1 1 
ATOM 631  C CE2 . TYR A 1 107 ? 2.219   6.202   -4.574  1.00 102.52 ? 134 TYR A CE2 1 
ATOM 632  C CZ  . TYR A 1 107 ? 1.921   4.980   -4.008  1.00 90.54  ? 134 TYR A CZ  1 
ATOM 633  O OH  . TYR A 1 107 ? 1.235   4.038   -4.738  1.00 98.01  ? 134 TYR A OH  1 
ATOM 634  N N   . LEU A 1 108 ? 3.148   7.884   1.322   1.00 97.61  ? 135 LEU A N   1 
ATOM 635  C CA  . LEU A 1 108 ? 2.506   7.203   2.442   1.00 84.18  ? 135 LEU A CA  1 
ATOM 636  C C   . LEU A 1 108 ? 1.424   8.075   3.071   1.00 94.52  ? 135 LEU A C   1 
ATOM 637  O O   . LEU A 1 108 ? 0.402   7.564   3.538   1.00 99.28  ? 135 LEU A O   1 
ATOM 638  C CB  . LEU A 1 108 ? 3.552   6.798   3.481   1.00 84.90  ? 135 LEU A CB  1 
ATOM 639  C CG  . LEU A 1 108 ? 4.561   5.726   3.068   1.00 86.57  ? 135 LEU A CG  1 
ATOM 640  C CD1 . LEU A 1 108 ? 5.479   5.388   4.228   1.00 114.15 ? 135 LEU A CD1 1 
ATOM 641  C CD2 . LEU A 1 108 ? 3.844   4.481   2.575   1.00 106.77 ? 135 LEU A CD2 1 
ATOM 642  N N   . LYS A 1 109 ? 1.630   9.394   3.096   1.00 95.32  ? 136 LYS A N   1 
ATOM 643  C CA  . LYS A 1 109 ? 0.571   10.287  3.563   1.00 97.68  ? 136 LYS A CA  1 
ATOM 644  C C   . LYS A 1 109 ? -0.625  10.259  2.616   1.00 94.76  ? 136 LYS A C   1 
ATOM 645  O O   . LYS A 1 109 ? -1.779  10.326  3.056   1.00 94.66  ? 136 LYS A O   1 
ATOM 646  C CB  . LYS A 1 109 ? 1.102   11.714  3.722   1.00 92.33  ? 136 LYS A CB  1 
ATOM 647  C CG  . LYS A 1 109 ? 2.209   11.863  4.755   1.00 113.80 ? 136 LYS A CG  1 
ATOM 648  C CD  . LYS A 1 109 ? 2.657   13.309  4.900   1.00 126.05 ? 136 LYS A CD  1 
ATOM 649  C CE  . LYS A 1 109 ? 3.825   13.431  5.868   1.00 125.70 ? 136 LYS A CE  1 
ATOM 650  N NZ  . LYS A 1 109 ? 4.174   14.850  6.168   1.00 146.53 ? 136 LYS A NZ  1 
ATOM 651  N N   . GLN A 1 110 ? -0.366  10.160  1.309   1.00 101.43 ? 137 GLN A N   1 
ATOM 652  C CA  . GLN A 1 110 ? -1.453  9.994   0.350   1.00 83.00  ? 137 GLN A CA  1 
ATOM 653  C C   . GLN A 1 110 ? -2.242  8.720   0.633   1.00 83.55  ? 137 GLN A C   1 
ATOM 654  O O   . GLN A 1 110 ? -3.482  8.716   0.596   1.00 92.89  ? 137 GLN A O   1 
ATOM 655  C CB  . GLN A 1 110 ? -0.893  9.962   -1.073  1.00 92.24  ? 137 GLN A CB  1 
ATOM 656  C CG  . GLN A 1 110 ? -0.594  11.328  -1.673  1.00 102.96 ? 137 GLN A CG  1 
ATOM 657  C CD  . GLN A 1 110 ? -1.718  12.321  -1.471  1.00 112.47 ? 137 GLN A CD  1 
ATOM 658  O OE1 . GLN A 1 110 ? -2.887  12.013  -1.706  1.00 91.47  ? 137 GLN A OE1 1 
ATOM 659  N NE2 . GLN A 1 110 ? -1.368  13.528  -1.042  1.00 114.26 ? 137 GLN A NE2 1 
ATOM 660  N N   . GLN A 1 111 ? -1.532  7.623   0.906   1.00 85.46  ? 138 GLN A N   1 
ATOM 661  C CA  . GLN A 1 111 ? -2.208  6.376   1.251   1.00 92.42  ? 138 GLN A CA  1 
ATOM 662  C C   . GLN A 1 111 ? -3.005  6.518   2.540   1.00 89.21  ? 138 GLN A C   1 
ATOM 663  O O   . GLN A 1 111 ? -4.105  5.967   2.662   1.00 98.83  ? 138 GLN A O   1 
ATOM 664  C CB  . GLN A 1 111 ? -1.197  5.238   1.370   1.00 80.70  ? 138 GLN A CB  1 
ATOM 665  C CG  . GLN A 1 111 ? -0.316  5.072   0.154   1.00 94.12  ? 138 GLN A CG  1 
ATOM 666  C CD  . GLN A 1 111 ? -0.027  3.621   -0.152  1.00 106.74 ? 138 GLN A CD  1 
ATOM 667  O OE1 . GLN A 1 111 ? 1.115   3.167   -0.063  1.00 100.54 ? 138 GLN A OE1 1 
ATOM 668  N NE2 . GLN A 1 111 ? -1.067  2.881   -0.512  1.00 98.54  ? 138 GLN A NE2 1 
ATOM 669  N N   . LEU A 1 112 ? -2.465  7.250   3.517   1.00 91.27  ? 139 LEU A N   1 
ATOM 670  C CA  . LEU A 1 112 ? -3.203  7.501   4.753   1.00 87.92  ? 139 LEU A CA  1 
ATOM 671  C C   . LEU A 1 112 ? -4.476  8.291   4.484   1.00 97.39  ? 139 LEU A C   1 
ATOM 672  O O   . LEU A 1 112 ? -5.503  8.074   5.138   1.00 104.72 ? 139 LEU A O   1 
ATOM 673  C CB  . LEU A 1 112 ? -2.319  8.249   5.750   1.00 91.60  ? 139 LEU A CB  1 
ATOM 674  C CG  . LEU A 1 112 ? -1.231  7.461   6.478   1.00 86.48  ? 139 LEU A CG  1 
ATOM 675  C CD1 . LEU A 1 112 ? -0.503  8.365   7.452   1.00 89.60  ? 139 LEU A CD1 1 
ATOM 676  C CD2 . LEU A 1 112 ? -1.827  6.267   7.201   1.00 97.85  ? 139 LEU A CD2 1 
ATOM 677  N N   . ASN A 1 113 ? -4.427  9.217   3.525   1.00 105.55 ? 140 ASN A N   1 
ATOM 678  C CA  . ASN A 1 113 ? -5.623  9.980   3.180   1.00 95.75  ? 140 ASN A CA  1 
ATOM 679  C C   . ASN A 1 113 ? -6.669  9.097   2.512   1.00 95.97  ? 140 ASN A C   1 
ATOM 680  O O   . ASN A 1 113 ? -7.863  9.203   2.818   1.00 113.57 ? 140 ASN A O   1 
ATOM 681  C CB  . ASN A 1 113 ? -5.257  11.161  2.281   1.00 111.57 ? 140 ASN A CB  1 
ATOM 682  C CG  . ASN A 1 113 ? -4.509  12.248  3.027   1.00 109.29 ? 140 ASN A CG  1 
ATOM 683  O OD1 . ASN A 1 113 ? -4.979  12.752  4.048   1.00 128.36 ? 140 ASN A OD1 1 
ATOM 684  N ND2 . ASN A 1 113 ? -3.345  12.625  2.516   1.00 118.30 ? 140 ASN A ND2 1 
ATOM 685  N N   . ILE A 1 114 ? -6.245  8.232   1.586   1.00 110.77 ? 141 ILE A N   1 
ATOM 686  C CA  . ILE A 1 114 ? -7.168  7.245   1.017   1.00 117.79 ? 141 ILE A CA  1 
ATOM 687  C C   . ILE A 1 114 ? -7.784  6.399   2.127   1.00 104.84 ? 141 ILE A C   1 
ATOM 688  O O   . ILE A 1 114 ? -8.996  6.133   2.143   1.00 121.46 ? 141 ILE A O   1 
ATOM 689  C CB  . ILE A 1 114 ? -6.441  6.368   -0.023  1.00 102.67 ? 141 ILE A CB  1 
ATOM 690  C CG1 . ILE A 1 114 ? -5.861  7.225   -1.150  1.00 92.79  ? 141 ILE A CG1 1 
ATOM 691  C CG2 . ILE A 1 114 ? -7.382  5.317   -0.593  1.00 97.32  ? 141 ILE A CG2 1 
ATOM 692  C CD1 . ILE A 1 114 ? -6.914  7.906   -1.999  1.00 124.87 ? 141 ILE A CD1 1 
ATOM 693  N N   . LEU A 1 115 ? -6.949  5.982   3.080   1.00 106.00 ? 142 LEU A N   1 
ATOM 694  C CA  . LEU A 1 115 ? -7.396  5.195   4.224   1.00 106.09 ? 142 LEU A CA  1 
ATOM 695  C C   . LEU A 1 115 ? -8.498  5.914   4.990   1.00 101.72 ? 142 LEU A C   1 
ATOM 696  O O   . LEU A 1 115 ? -9.564  5.347   5.254   1.00 120.82 ? 142 LEU A O   1 
ATOM 697  C CB  . LEU A 1 115 ? -6.202  4.946   5.138   1.00 89.23  ? 142 LEU A CB  1 
ATOM 698  C CG  . LEU A 1 115 ? -6.214  3.827   6.161   1.00 96.53  ? 142 LEU A CG  1 
ATOM 699  C CD1 . LEU A 1 115 ? -5.626  2.615   5.509   1.00 97.14  ? 142 LEU A CD1 1 
ATOM 700  C CD2 . LEU A 1 115 ? -5.398  4.240   7.353   1.00 126.34 ? 142 LEU A CD2 1 
ATOM 701  N N   . ARG A 1 116 ? -8.239  7.164   5.373   1.00 103.29 ? 143 ARG A N   1 
ATOM 702  C CA  . ARG A 1 116 ? -9.219  7.935   6.130   1.00 103.06 ? 143 ARG A CA  1 
ATOM 703  C C   . ARG A 1 116 ? -10.501 8.134   5.333   1.00 122.54 ? 143 ARG A C   1 
ATOM 704  O O   . ARG A 1 116 ? -11.604 8.058   5.889   1.00 118.95 ? 143 ARG A O   1 
ATOM 705  C CB  . ARG A 1 116 ? -8.632  9.286   6.532   1.00 97.13  ? 143 ARG A CB  1 
ATOM 706  C CG  . ARG A 1 116 ? -9.580  10.140  7.348   1.00 105.40 ? 143 ARG A CG  1 
ATOM 707  C CD  . ARG A 1 116 ? -8.941  11.459  7.728   1.00 110.66 ? 143 ARG A CD  1 
ATOM 708  N NE  . ARG A 1 116 ? -9.765  12.206  8.671   1.00 97.99  ? 143 ARG A NE  1 
ATOM 709  C CZ  . ARG A 1 116 ? -9.403  13.353  9.227   1.00 112.75 ? 143 ARG A CZ  1 
ATOM 710  N NH1 . ARG A 1 116 ? -8.243  13.922  8.945   1.00 108.06 ? 143 ARG A NH1 1 
ATOM 711  N NH2 . ARG A 1 116 ? -10.227 13.945  10.087  1.00 128.03 ? 143 ARG A NH2 1 
ATOM 712  N N   . ALA A 1 117 ? -10.375 8.390   4.028   1.00 128.68 ? 144 ALA A N   1 
ATOM 713  C CA  . ALA A 1 117 ? -11.557 8.584   3.195   1.00 108.51 ? 144 ALA A CA  1 
ATOM 714  C C   . ALA A 1 117 ? -12.405 7.324   3.132   1.00 104.08 ? 144 ALA A C   1 
ATOM 715  O O   . ALA A 1 117 ? -13.632 7.407   2.994   1.00 126.03 ? 144 ALA A O   1 
ATOM 716  C CB  . ALA A 1 117 ? -11.142 9.016   1.789   1.00 123.58 ? 144 ALA A CB  1 
ATOM 717  N N   . ALA A 1 118 ? -11.770 6.154   3.230   1.00 102.69 ? 145 ALA A N   1 
ATOM 718  C CA  . ALA A 1 118 ? -12.518 4.899   3.177   1.00 122.29 ? 145 ALA A CA  1 
ATOM 719  C C   . ALA A 1 118 ? -13.573 4.816   4.277   1.00 126.69 ? 145 ALA A C   1 
ATOM 720  O O   . ALA A 1 118 ? -14.699 4.366   4.032   1.00 134.14 ? 145 ALA A O   1 
ATOM 721  C CB  . ALA A 1 118 ? -11.552 3.720   3.269   1.00 110.86 ? 145 ALA A CB  1 
ATOM 722  N N   . ASP A 1 119 ? -13.234 5.245   5.494   1.00 140.73 ? 146 ASP A N   1 
ATOM 723  C CA  . ASP A 1 119 ? -14.150 5.086   6.620   1.00 147.28 ? 146 ASP A CA  1 
ATOM 724  C C   . ASP A 1 119 ? -15.176 6.211   6.692   1.00 148.65 ? 146 ASP A C   1 
ATOM 725  O O   . ASP A 1 119 ? -16.347 5.963   7.003   1.00 157.62 ? 146 ASP A O   1 
ATOM 726  C CB  . ASP A 1 119 ? -13.363 5.006   7.929   1.00 146.72 ? 146 ASP A CB  1 
ATOM 727  C CG  . ASP A 1 119 ? -12.246 3.984   7.875   1.00 160.50 ? 146 ASP A CG  1 
ATOM 728  O OD1 . ASP A 1 119 ? -12.484 2.868   7.366   1.00 156.52 ? 146 ASP A OD1 1 
ATOM 729  O OD2 . ASP A 1 119 ? -11.129 4.298   8.335   1.00 168.76 ? 146 ASP A OD2 1 
ATOM 730  N N   . SER A 1 120 ? -14.764 7.445   6.420   1.00 134.70 ? 147 SER A N   1 
ATOM 731  C CA  . SER A 1 120 ? -15.663 8.591   6.522   1.00 128.04 ? 147 SER A CA  1 
ATOM 732  C C   . SER A 1 120 ? -16.623 8.660   5.338   1.00 118.22 ? 147 SER A C   1 
ATOM 733  O O   . SER A 1 120 ? -17.247 7.664   4.969   1.00 144.42 ? 147 SER A O   1 
ATOM 734  C CB  . SER A 1 120 ? -14.864 9.892   6.620   1.00 134.74 ? 147 SER A CB  1 
ATOM 735  O OG  . SER A 1 120 ? -13.693 9.713   7.399   1.00 143.72 ? 147 SER A OG  1 
ATOM 736  N N   . LYS B 1 30  ? -7.083  -18.090 13.537  1.00 114.15 ? 57  LYS B N   1 
ATOM 737  C CA  . LYS B 1 30  ? -8.243  -17.255 13.829  1.00 143.38 ? 57  LYS B CA  1 
ATOM 738  C C   . LYS B 1 30  ? -8.000  -16.385 15.058  1.00 148.04 ? 57  LYS B C   1 
ATOM 739  O O   . LYS B 1 30  ? -8.124  -15.162 14.998  1.00 164.78 ? 57  LYS B O   1 
ATOM 740  C CB  . LYS B 1 30  ? -9.488  -18.119 14.037  1.00 141.20 ? 57  LYS B CB  1 
ATOM 741  C CG  . LYS B 1 30  ? -10.750 -17.325 14.336  1.00 128.58 ? 57  LYS B CG  1 
ATOM 742  C CD  . LYS B 1 30  ? -11.911 -18.246 14.673  1.00 133.26 ? 57  LYS B CD  1 
ATOM 743  C CE  . LYS B 1 30  ? -13.158 -17.454 15.028  1.00 124.17 ? 57  LYS B CE  1 
ATOM 744  N NZ  . LYS B 1 30  ? -13.783 -16.840 13.824  1.00 115.04 ? 57  LYS B NZ  1 
ATOM 745  N N   . LEU B 1 31  ? -7.659  -17.026 16.174  1.00 144.08 ? 58  LEU B N   1 
ATOM 746  C CA  . LEU B 1 31  ? -7.367  -16.321 17.420  1.00 130.54 ? 58  LEU B CA  1 
ATOM 747  C C   . LEU B 1 31  ? -5.947  -15.780 17.345  1.00 130.13 ? 58  LEU B C   1 
ATOM 748  O O   . LEU B 1 31  ? -4.979  -16.508 17.577  1.00 138.42 ? 58  LEU B O   1 
ATOM 749  C CB  . LEU B 1 31  ? -7.541  -17.239 18.626  1.00 111.92 ? 58  LEU B CB  1 
ATOM 750  C CG  . LEU B 1 31  ? -8.953  -17.634 19.070  1.00 118.31 ? 58  LEU B CG  1 
ATOM 751  C CD1 . LEU B 1 31  ? -9.795  -16.391 19.329  1.00 129.73 ? 58  LEU B CD1 1 
ATOM 752  C CD2 . LEU B 1 31  ? -9.639  -18.574 18.084  1.00 141.98 ? 58  LEU B CD2 1 
ATOM 753  N N   . ASP B 1 32  ? -5.815  -14.499 17.018  1.00 127.92 ? 59  ASP B N   1 
ATOM 754  C CA  . ASP B 1 32  ? -4.501  -13.885 16.922  1.00 125.59 ? 59  ASP B CA  1 
ATOM 755  C C   . ASP B 1 32  ? -3.941  -13.586 18.310  1.00 124.49 ? 59  ASP B C   1 
ATOM 756  O O   . ASP B 1 32  ? -4.677  -13.270 19.251  1.00 114.35 ? 59  ASP B O   1 
ATOM 757  C CB  . ASP B 1 32  ? -4.554  -12.613 16.071  1.00 123.07 ? 59  ASP B CB  1 
ATOM 758  C CG  . ASP B 1 32  ? -5.683  -11.673 16.467  1.00 129.37 ? 59  ASP B CG  1 
ATOM 759  O OD1 . ASP B 1 32  ? -6.348  -11.897 17.499  1.00 150.55 ? 59  ASP B OD1 1 
ATOM 760  O OD2 . ASP B 1 32  ? -5.913  -10.698 15.722  1.00 126.42 ? 59  ASP B OD2 1 
ATOM 761  N N   . VAL B 1 33  ? -2.624  -13.694 18.423  1.00 100.97 ? 60  VAL B N   1 
ATOM 762  C CA  . VAL B 1 33  ? -1.950  -13.611 19.725  1.00 97.78  ? 60  VAL B CA  1 
ATOM 763  C C   . VAL B 1 33  ? -1.951  -12.163 20.205  1.00 101.48 ? 60  VAL B C   1 
ATOM 764  O O   . VAL B 1 33  ? -1.705  -11.248 19.400  1.00 115.57 ? 60  VAL B O   1 
ATOM 765  C CB  . VAL B 1 33  ? -0.526  -14.160 19.611  1.00 93.36  ? 60  VAL B CB  1 
ATOM 766  C CG1 . VAL B 1 33  ? 0.362   -13.594 20.695  1.00 106.16 ? 60  VAL B CG1 1 
ATOM 767  C CG2 . VAL B 1 33  ? -0.543  -15.680 19.674  1.00 114.59 ? 60  VAL B CG2 1 
ATOM 768  N N   . PRO B 1 34  ? -2.227  -11.904 21.490  1.00 92.20  ? 61  PRO B N   1 
ATOM 769  C CA  . PRO B 1 34  ? -2.244  -10.507 21.965  1.00 102.22 ? 61  PRO B CA  1 
ATOM 770  C C   . PRO B 1 34  ? -0.918  -9.784  21.789  1.00 102.56 ? 61  PRO B C   1 
ATOM 771  O O   . PRO B 1 34  ? -0.895  -8.620  21.354  1.00 106.67 ? 61  PRO B O   1 
ATOM 772  C CB  . PRO B 1 34  ? -2.620  -10.656 23.448  1.00 96.98  ? 61  PRO B CB  1 
ATOM 773  C CG  . PRO B 1 34  ? -3.328  -11.966 23.537  1.00 93.60  ? 61  PRO B CG  1 
ATOM 774  C CD  . PRO B 1 34  ? -2.672  -12.852 22.525  1.00 92.51  ? 61  PRO B CD  1 
ATOM 775  N N   . SER B 1 35  ? 0.197   -10.445 22.113  1.00 89.26  ? 62  SER B N   1 
ATOM 776  C CA  . SER B 1 35  ? 1.491   -9.775  22.054  1.00 104.26 ? 62  SER B CA  1 
ATOM 777  C C   . SER B 1 35  ? 1.826   -9.347  20.631  1.00 115.09 ? 62  SER B C   1 
ATOM 778  O O   . SER B 1 35  ? 2.337   -8.246  20.415  1.00 106.32 ? 62  SER B O   1 
ATOM 779  C CB  . SER B 1 35  ? 2.593   -10.679 22.610  1.00 93.61  ? 62  SER B CB  1 
ATOM 780  O OG  . SER B 1 35  ? 2.747   -11.850 21.829  1.00 118.58 ? 62  SER B OG  1 
ATOM 781  N N   . LEU B 1 36  ? 1.565   -10.210 19.648  1.00 96.53  ? 63  LEU B N   1 
ATOM 782  C CA  . LEU B 1 36  ? 1.856   -9.843  18.266  1.00 103.61 ? 63  LEU B CA  1 
ATOM 783  C C   . LEU B 1 36  ? 1.065   -8.609  17.851  1.00 105.67 ? 63  LEU B C   1 
ATOM 784  O O   . LEU B 1 36  ? 1.611   -7.688  17.226  1.00 93.89  ? 63  LEU B O   1 
ATOM 785  C CB  . LEU B 1 36  ? 1.555   -11.018 17.335  1.00 108.70 ? 63  LEU B CB  1 
ATOM 786  C CG  . LEU B 1 36  ? 2.386   -12.294 17.497  1.00 134.81 ? 63  LEU B CG  1 
ATOM 787  C CD1 . LEU B 1 36  ? 2.592   -12.936 16.140  1.00 159.18 ? 63  LEU B CD1 1 
ATOM 788  C CD2 . LEU B 1 36  ? 3.734   -12.018 18.157  1.00 112.41 ? 63  LEU B CD2 1 
ATOM 789  N N   . VAL B 1 37  ? -0.223  -8.574  18.202  1.00 96.35  ? 64  VAL B N   1 
ATOM 790  C CA  . VAL B 1 37  ? -1.047  -7.400  17.933  1.00 84.62  ? 64  VAL B CA  1 
ATOM 791  C C   . VAL B 1 37  ? -0.425  -6.162  18.560  1.00 107.99 ? 64  VAL B C   1 
ATOM 792  O O   . VAL B 1 37  ? -0.361  -5.097  17.934  1.00 101.80 ? 64  VAL B O   1 
ATOM 793  C CB  . VAL B 1 37  ? -2.484  -7.628  18.438  1.00 72.40  ? 64  VAL B CB  1 
ATOM 794  C CG1 . VAL B 1 37  ? -3.301  -6.351  18.314  1.00 79.45  ? 64  VAL B CG1 1 
ATOM 795  C CG2 . VAL B 1 37  ? -3.143  -8.760  17.675  1.00 81.87  ? 64  VAL B CG2 1 
ATOM 796  N N   . GLU B 1 38  ? 0.069   -6.286  19.796  1.00 100.84 ? 65  GLU B N   1 
ATOM 797  C CA  . GLU B 1 38  ? 0.573   -5.104  20.491  1.00 91.90  ? 65  GLU B CA  1 
ATOM 798  C C   . GLU B 1 38  ? 1.898   -4.619  19.899  1.00 94.77  ? 65  GLU B C   1 
ATOM 799  O O   . GLU B 1 38  ? 2.083   -3.410  19.709  1.00 99.31  ? 65  GLU B O   1 
ATOM 800  C CB  . GLU B 1 38  ? 0.713   -5.393  21.983  1.00 102.52 ? 65  GLU B CB  1 
ATOM 801  C CG  . GLU B 1 38  ? 0.827   -4.139  22.830  1.00 115.70 ? 65  GLU B CG  1 
ATOM 802  C CD  . GLU B 1 38  ? -0.338  -3.188  22.621  1.00 126.77 ? 65  GLU B CD  1 
ATOM 803  O OE1 . GLU B 1 38  ? -1.490  -3.663  22.533  1.00 122.98 ? 65  GLU B OE1 1 
ATOM 804  O OE2 . GLU B 1 38  ? -0.100  -1.963  22.540  1.00 119.65 ? 65  GLU B OE2 1 
ATOM 805  N N   . ILE B 1 39  ? 2.833   -5.535  19.613  1.00 91.82  ? 66  ILE B N   1 
ATOM 806  C CA  . ILE B 1 39  ? 4.076   -5.140  18.941  1.00 81.32  ? 66  ILE B CA  1 
ATOM 807  C C   . ILE B 1 39  ? 3.776   -4.464  17.612  1.00 104.53 ? 66  ILE B C   1 
ATOM 808  O O   . ILE B 1 39  ? 4.348   -3.411  17.292  1.00 107.00 ? 66  ILE B O   1 
ATOM 809  C CB  . ILE B 1 39  ? 5.036   -6.331  18.736  1.00 93.59  ? 66  ILE B CB  1 
ATOM 810  C CG1 . ILE B 1 39  ? 5.502   -6.970  20.046  1.00 81.10  ? 66  ILE B CG1 1 
ATOM 811  C CG2 . ILE B 1 39  ? 6.258   -5.903  17.936  1.00 103.41 ? 66  ILE B CG2 1 
ATOM 812  C CD1 . ILE B 1 39  ? 4.597   -7.967  20.619  1.00 96.15  ? 66  ILE B CD1 1 
ATOM 813  N N   . CYS B 1 40  ? 2.911   -5.073  16.797  1.00 94.38  ? 67  CYS B N   1 
ATOM 814  C CA  . CYS B 1 40  ? 2.615   -4.488  15.496  1.00 83.93  ? 67  CYS B CA  1 
ATOM 815  C C   . CYS B 1 40  ? 1.998   -3.104  15.651  1.00 92.81  ? 67  CYS B C   1 
ATOM 816  O O   . CYS B 1 40  ? 2.390   -2.159  14.959  1.00 101.04 ? 67  CYS B O   1 
ATOM 817  C CB  . CYS B 1 40  ? 1.690   -5.409  14.703  1.00 93.18  ? 67  CYS B CB  1 
ATOM 818  S SG  . CYS B 1 40  ? 1.349   -4.841  13.025  1.00 104.61 ? 67  CYS B SG  1 
ATOM 819  N N   . LYS B 1 41  ? 1.049   -2.967  16.578  1.00 89.63  ? 68  LYS B N   1 
ATOM 820  C CA  . LYS B 1 41  ? 0.401   -1.687  16.837  1.00 86.40  ? 68  LYS B CA  1 
ATOM 821  C C   . LYS B 1 41  ? 1.414   -0.625  17.247  1.00 87.72  ? 68  LYS B C   1 
ATOM 822  O O   . LYS B 1 41  ? 1.375   0.511   16.752  1.00 79.93  ? 68  LYS B O   1 
ATOM 823  C CB  . LYS B 1 41  ? -0.654  -1.902  17.921  1.00 91.91  ? 68  LYS B CB  1 
ATOM 824  C CG  . LYS B 1 41  ? -1.365  -0.688  18.461  1.00 91.51  ? 68  LYS B CG  1 
ATOM 825  C CD  . LYS B 1 41  ? -2.592  -1.178  19.212  1.00 93.32  ? 68  LYS B CD  1 
ATOM 826  C CE  . LYS B 1 41  ? -2.995  -0.265  20.345  1.00 108.60 ? 68  LYS B CE  1 
ATOM 827  N NZ  . LYS B 1 41  ? -4.125  -0.867  21.106  1.00 117.16 ? 68  LYS B NZ  1 
ATOM 828  N N   . GLN B 1 42  ? 2.342   -0.982  18.135  1.00 93.81  ? 69  GLN B N   1 
ATOM 829  C CA  . GLN B 1 42  ? 3.325   -0.012  18.605  1.00 87.03  ? 69  GLN B CA  1 
ATOM 830  C C   . GLN B 1 42  ? 4.293   0.380   17.494  1.00 91.55  ? 69  GLN B C   1 
ATOM 831  O O   . GLN B 1 42  ? 4.670   1.552   17.378  1.00 101.34 ? 69  GLN B O   1 
ATOM 832  C CB  . GLN B 1 42  ? 4.075   -0.579  19.808  1.00 89.09  ? 69  GLN B CB  1 
ATOM 833  C CG  . GLN B 1 42  ? 3.279   -0.570  21.103  1.00 94.08  ? 69  GLN B CG  1 
ATOM 834  C CD  . GLN B 1 42  ? 2.725   0.798   21.433  1.00 93.58  ? 69  GLN B CD  1 
ATOM 835  O OE1 . GLN B 1 42  ? 3.466   1.779   21.509  1.00 102.11 ? 69  GLN B OE1 1 
ATOM 836  N NE2 . GLN B 1 42  ? 1.415   0.871   21.632  1.00 93.52  ? 69  GLN B NE2 1 
ATOM 837  N N   . GLN B 1 43  ? 4.699   -0.584  16.662  1.00 92.44  ? 70  GLN B N   1 
ATOM 838  C CA  . GLN B 1 43  ? 5.561   -0.262  15.527  1.00 97.69  ? 70  GLN B CA  1 
ATOM 839  C C   . GLN B 1 43  ? 4.856   0.667   14.547  1.00 94.94  ? 70  GLN B C   1 
ATOM 840  O O   . GLN B 1 43  ? 5.467   1.598   14.003  1.00 92.02  ? 70  GLN B O   1 
ATOM 841  C CB  . GLN B 1 43  ? 6.006   -1.543  14.823  1.00 88.46  ? 70  GLN B CB  1 
ATOM 842  C CG  . GLN B 1 43  ? 7.011   -2.359  15.607  1.00 104.16 ? 70  GLN B CG  1 
ATOM 843  C CD  . GLN B 1 43  ? 7.189   -3.752  15.048  1.00 115.86 ? 70  GLN B CD  1 
ATOM 844  O OE1 . GLN B 1 43  ? 6.215   -4.470  14.813  1.00 106.42 ? 70  GLN B OE1 1 
ATOM 845  N NE2 . GLN B 1 43  ? 8.441   -4.148  14.831  1.00 117.37 ? 70  GLN B NE2 1 
ATOM 846  N N   . LEU B 1 44  ? 3.564   0.428   14.310  1.00 83.05  ? 71  LEU B N   1 
ATOM 847  C CA  . LEU B 1 44  ? 2.787   1.310   13.444  1.00 83.35  ? 71  LEU B CA  1 
ATOM 848  C C   . LEU B 1 44  ? 2.701   2.717   14.020  1.00 91.36  ? 71  LEU B C   1 
ATOM 849  O O   . LEU B 1 44  ? 2.810   3.704   13.282  1.00 100.82 ? 71  LEU B O   1 
ATOM 850  C CB  . LEU B 1 44  ? 1.388   0.731   13.227  1.00 78.60  ? 71  LEU B CB  1 
ATOM 851  C CG  . LEU B 1 44  ? 1.286   -0.661  12.604  1.00 90.63  ? 71  LEU B CG  1 
ATOM 852  C CD1 . LEU B 1 44  ? -0.039  -0.849  11.926  1.00 93.33  ? 71  LEU B CD1 1 
ATOM 853  C CD2 . LEU B 1 44  ? 2.392   -0.854  11.593  1.00 78.02  ? 71  LEU B CD2 1 
ATOM 854  N N   . ILE B 1 45  ? 2.507   2.831   15.337  1.00 90.27  ? 72  ILE B N   1 
ATOM 855  C CA  . ILE B 1 45  ? 2.474   4.149   15.968  1.00 105.14 ? 72  ILE B CA  1 
ATOM 856  C C   . ILE B 1 45  ? 3.824   4.848   15.819  1.00 97.69  ? 72  ILE B C   1 
ATOM 857  O O   . ILE B 1 45  ? 3.889   6.056   15.550  1.00 107.16 ? 72  ILE B O   1 
ATOM 858  C CB  . ILE B 1 45  ? 2.053   4.027   17.445  1.00 97.01  ? 72  ILE B CB  1 
ATOM 859  C CG1 . ILE B 1 45  ? 0.625   3.488   17.558  1.00 87.65  ? 72  ILE B CG1 1 
ATOM 860  C CG2 . ILE B 1 45  ? 2.147   5.372   18.144  1.00 94.27  ? 72  ILE B CG2 1 
ATOM 861  C CD1 . ILE B 1 45  ? 0.157   3.305   18.989  1.00 89.16  ? 72  ILE B CD1 1 
ATOM 862  N N   . VAL B 1 46  ? 4.920   4.101   15.983  1.00 102.32 ? 73  VAL B N   1 
ATOM 863  C CA  . VAL B 1 46  ? 6.254   4.681   15.821  1.00 94.90  ? 73  VAL B CA  1 
ATOM 864  C C   . VAL B 1 46  ? 6.433   5.213   14.405  1.00 101.67 ? 73  VAL B C   1 
ATOM 865  O O   . VAL B 1 46  ? 6.944   6.321   14.193  1.00 104.41 ? 73  VAL B O   1 
ATOM 866  C CB  . VAL B 1 46  ? 7.338   3.645   16.166  1.00 91.98  ? 73  VAL B CB  1 
ATOM 867  C CG1 . VAL B 1 46  ? 8.702   4.115   15.672  1.00 86.02  ? 73  VAL B CG1 1 
ATOM 868  C CG2 . VAL B 1 46  ? 7.371   3.393   17.652  1.00 91.33  ? 73  VAL B CG2 1 
ATOM 869  N N   . ILE B 1 47  ? 6.013   4.426   13.414  1.00 108.84 ? 74  ILE B N   1 
ATOM 870  C CA  . ILE B 1 47  ? 6.191   4.816   12.019  1.00 105.70 ? 74  ILE B CA  1 
ATOM 871  C C   . ILE B 1 47  ? 5.322   6.024   11.683  1.00 98.70  ? 74  ILE B C   1 
ATOM 872  O O   . ILE B 1 47  ? 5.745   6.932   10.955  1.00 109.66 ? 74  ILE B O   1 
ATOM 873  C CB  . ILE B 1 47  ? 5.888   3.617   11.104  1.00 92.61  ? 74  ILE B CB  1 
ATOM 874  C CG1 . ILE B 1 47  ? 6.951   2.532   11.308  1.00 90.39  ? 74  ILE B CG1 1 
ATOM 875  C CG2 . ILE B 1 47  ? 5.828   4.051   9.649   1.00 96.80  ? 74  ILE B CG2 1 
ATOM 876  C CD1 . ILE B 1 47  ? 6.802   1.348   10.395  1.00 111.65 ? 74  ILE B CD1 1 
ATOM 877  N N   . LEU B 1 48  ? 4.102   6.061   12.220  1.00 89.64  ? 75  LEU B N   1 
ATOM 878  C CA  . LEU B 1 48  ? 3.222   7.204   12.000  1.00 105.69 ? 75  LEU B CA  1 
ATOM 879  C C   . LEU B 1 48  ? 3.805   8.474   12.606  1.00 112.44 ? 75  LEU B C   1 
ATOM 880  O O   . LEU B 1 48  ? 3.733   9.552   12.001  1.00 128.15 ? 75  LEU B O   1 
ATOM 881  C CB  . LEU B 1 48  ? 1.843   6.919   12.591  1.00 103.53 ? 75  LEU B CB  1 
ATOM 882  C CG  . LEU B 1 48  ? 0.768   7.982   12.381  1.00 102.07 ? 75  LEU B CG  1 
ATOM 883  C CD1 . LEU B 1 48  ? 0.482   8.156   10.903  1.00 108.49 ? 75  LEU B CD1 1 
ATOM 884  C CD2 . LEU B 1 48  ? -0.495  7.610   13.139  1.00 114.08 ? 75  LEU B CD2 1 
ATOM 885  N N   . LYS B 1 49  ? 4.369   8.369   13.812  1.00 109.84 ? 76  LYS B N   1 
ATOM 886  C CA  . LYS B 1 49  ? 4.973   9.537   14.445  1.00 113.80 ? 76  LYS B CA  1 
ATOM 887  C C   . LYS B 1 49  ? 6.185   10.007  13.656  1.00 114.26 ? 76  LYS B C   1 
ATOM 888  O O   . LYS B 1 49  ? 6.388   11.213  13.469  1.00 133.39 ? 76  LYS B O   1 
ATOM 889  C CB  . LYS B 1 49  ? 5.356   9.203   15.887  1.00 107.81 ? 76  LYS B CB  1 
ATOM 890  C CG  . LYS B 1 49  ? 4.167   9.085   16.828  1.00 99.72  ? 76  LYS B CG  1 
ATOM 891  C CD  . LYS B 1 49  ? 4.612   8.830   18.258  1.00 101.55 ? 76  LYS B CD  1 
ATOM 892  C CE  . LYS B 1 49  ? 3.425   8.776   19.209  1.00 97.88  ? 76  LYS B CE  1 
ATOM 893  N NZ  . LYS B 1 49  ? 3.847   8.741   20.640  1.00 121.04 ? 76  LYS B NZ  1 
ATOM 894  N N   . ASP B 1 50  ? 6.996   9.062   13.173  1.00 126.50 ? 77  ASP B N   1 
ATOM 895  C CA  . ASP B 1 50  ? 8.133   9.410   12.328  1.00 115.66 ? 77  ASP B CA  1 
ATOM 896  C C   . ASP B 1 50  ? 7.687   10.141  11.068  1.00 128.14 ? 77  ASP B C   1 
ATOM 897  O O   . ASP B 1 50  ? 8.328   11.108  10.641  1.00 141.40 ? 77  ASP B O   1 
ATOM 898  C CB  . ASP B 1 50  ? 8.910   8.146   11.966  1.00 110.57 ? 77  ASP B CB  1 
ATOM 899  C CG  . ASP B 1 50  ? 10.175  8.445   11.204  1.00 129.38 ? 77  ASP B CG  1 
ATOM 900  O OD1 . ASP B 1 50  ? 11.082  9.076   11.786  1.00 131.14 ? 77  ASP B OD1 1 
ATOM 901  O OD2 . ASP B 1 50  ? 10.258  8.065   10.016  1.00 131.83 ? 77  ASP B OD2 1 
ATOM 902  N N   . MET B 1 51  ? 6.591   9.690   10.455  1.00 119.63 ? 78  MET B N   1 
ATOM 903  C CA  . MET B 1 51  ? 6.063   10.371  9.277   1.00 111.20 ? 78  MET B CA  1 
ATOM 904  C C   . MET B 1 51  ? 5.600   11.784  9.610   1.00 125.27 ? 78  MET B C   1 
ATOM 905  O O   . MET B 1 51  ? 6.066   12.762  9.019   1.00 140.10 ? 78  MET B O   1 
ATOM 906  C CB  . MET B 1 51  ? 4.909   9.576   8.674   1.00 121.42 ? 78  MET B CB  1 
ATOM 907  C CG  . MET B 1 51  ? 5.314   8.539   7.666   1.00 120.91 ? 78  MET B CG  1 
ATOM 908  S SD  . MET B 1 51  ? 3.885   7.531   7.280   1.00 126.58 ? 78  MET B SD  1 
ATOM 909  C CE  . MET B 1 51  ? 2.923   8.724   6.356   1.00 98.80  ? 78  MET B CE  1 
ATOM 910  N N   . CYS B 1 52  ? 4.662   11.909  10.548  1.00 128.29 ? 79  CYS B N   1 
ATOM 911  C CA  . CYS B 1 52  ? 4.018   13.187  10.819  1.00 140.93 ? 79  CYS B CA  1 
ATOM 912  C C   . CYS B 1 52  ? 4.779   14.031  11.836  1.00 152.38 ? 79  CYS B C   1 
ATOM 913  O O   . CYS B 1 52  ? 4.199   14.956  12.419  1.00 152.35 ? 79  CYS B O   1 
ATOM 914  C CB  . CYS B 1 52  ? 2.579   12.960  11.282  1.00 144.81 ? 79  CYS B CB  1 
ATOM 915  S SG  . CYS B 1 52  ? 1.558   12.084  10.070  1.00 135.15 ? 79  CYS B SG  1 
ATOM 916  N N   . ALA B 1 53  ? 6.060   13.737  12.065  1.00 164.64 ? 80  ALA B N   1 
ATOM 917  C CA  . ALA B 1 53  ? 6.878   14.620  12.887  1.00 154.03 ? 80  ALA B CA  1 
ATOM 918  C C   . ALA B 1 53  ? 7.208   15.911  12.144  1.00 169.95 ? 80  ALA B C   1 
ATOM 919  O O   . ALA B 1 53  ? 7.068   17.009  12.695  1.00 165.84 ? 80  ALA B O   1 
ATOM 920  C CB  . ALA B 1 53  ? 8.153   13.899  13.323  1.00 139.13 ? 80  ALA B CB  1 
ATOM 921  N N   . ASP B 1 54  ? 7.634   15.800  10.884  1.00 176.26 ? 81  ASP B N   1 
ATOM 922  C CA  . ASP B 1 54  ? 7.960   16.972  10.064  1.00 177.38 ? 81  ASP B CA  1 
ATOM 923  C C   . ASP B 1 54  ? 6.717   17.431  9.297   1.00 181.46 ? 81  ASP B C   1 
ATOM 924  O O   . ASP B 1 54  ? 6.598   17.304  8.075   1.00 190.03 ? 81  ASP B O   1 
ATOM 925  C CB  . ASP B 1 54  ? 9.126   16.675  9.123   1.00 187.20 ? 81  ASP B CB  1 
ATOM 926  C CG  . ASP B 1 54  ? 8.933   15.397  8.291   1.00 196.39 ? 81  ASP B CG  1 
ATOM 927  O OD1 . ASP B 1 54  ? 8.034   14.582  8.585   1.00 185.67 ? 81  ASP B OD1 1 
ATOM 928  O OD2 . ASP B 1 54  ? 9.693   15.212  7.317   1.00 192.94 ? 81  ASP B OD2 1 
ATOM 929  N N   . SER B 1 55  ? 5.781   18.001  10.052  1.00 181.44 ? 82  SER B N   1 
ATOM 930  C CA  . SER B 1 55  ? 4.513   18.467  9.505   1.00 195.39 ? 82  SER B CA  1 
ATOM 931  C C   . SER B 1 55  ? 3.861   19.362  10.552  1.00 201.16 ? 82  SER B C   1 
ATOM 932  O O   . SER B 1 55  ? 3.856   19.013  11.737  1.00 192.11 ? 82  SER B O   1 
ATOM 933  C CB  . SER B 1 55  ? 3.608   17.274  9.134   1.00 193.82 ? 82  SER B CB  1 
ATOM 934  O OG  . SER B 1 55  ? 2.717   17.585  8.074   1.00 196.29 ? 82  SER B OG  1 
ATOM 935  N N   . ASN B 1 56  ? 3.331   20.520  10.124  1.00 206.55 ? 83  ASN B N   1 
ATOM 936  C CA  . ASN B 1 56  ? 2.855   21.529  11.067  1.00 198.11 ? 83  ASN B CA  1 
ATOM 937  C C   . ASN B 1 56  ? 1.654   22.306  10.530  1.00 192.64 ? 83  ASN B C   1 
ATOM 938  O O   . ASN B 1 56  ? 1.420   23.453  10.933  1.00 187.64 ? 83  ASN B O   1 
ATOM 939  C CB  . ASN B 1 56  ? 3.966   22.505  11.457  1.00 194.25 ? 83  ASN B CB  1 
ATOM 940  C CG  . ASN B 1 56  ? 4.461   23.355  10.282  1.00 199.50 ? 83  ASN B CG  1 
ATOM 941  O OD1 . ASN B 1 56  ? 4.136   23.106  9.118   1.00 206.53 ? 83  ASN B OD1 1 
ATOM 942  N ND2 . ASN B 1 56  ? 5.271   24.363  10.594  1.00 185.48 ? 83  ASN B ND2 1 
ATOM 943  N N   . SER B 1 57  ? 0.871   21.698  9.642   1.00 195.25 ? 84  SER B N   1 
ATOM 944  C CA  . SER B 1 57  ? -0.416  22.265  9.267   1.00 182.17 ? 84  SER B CA  1 
ATOM 945  C C   . SER B 1 57  ? -1.482  21.759  10.227  1.00 171.22 ? 84  SER B C   1 
ATOM 946  O O   . SER B 1 57  ? -1.352  20.681  10.810  1.00 193.04 ? 84  SER B O   1 
ATOM 947  C CB  . SER B 1 57  ? -0.781  21.916  7.824   1.00 165.83 ? 84  SER B CB  1 
ATOM 948  O OG  . SER B 1 57  ? 0.336   22.088  6.976   1.00 163.69 ? 84  SER B OG  1 
ATOM 949  N N   . SER B 1 58  ? -2.526  22.567  10.416  1.00 150.25 ? 85  SER B N   1 
ATOM 950  C CA  . SER B 1 58  ? -3.550  22.237  11.400  1.00 148.64 ? 85  SER B CA  1 
ATOM 951  C C   . SER B 1 58  ? -4.518  21.163  10.913  1.00 153.06 ? 85  SER B C   1 
ATOM 952  O O   . SER B 1 58  ? -5.218  20.559  11.735  1.00 150.47 ? 85  SER B O   1 
ATOM 953  C CB  . SER B 1 58  ? -4.325  23.494  11.800  1.00 159.18 ? 85  SER B CB  1 
ATOM 954  O OG  . SER B 1 58  ? -3.703  24.127  12.907  1.00 173.18 ? 85  SER B OG  1 
ATOM 955  N N   . ASP B 1 59  ? -4.585  20.913  9.604   1.00 165.62 ? 86  ASP B N   1 
ATOM 956  C CA  . ASP B 1 59  ? -5.391  19.798  9.118   1.00 166.20 ? 86  ASP B CA  1 
ATOM 957  C C   . ASP B 1 59  ? -4.609  18.491  9.169   1.00 167.10 ? 86  ASP B C   1 
ATOM 958  O O   . ASP B 1 59  ? -5.178  17.429  9.454   1.00 175.66 ? 86  ASP B O   1 
ATOM 959  C CB  . ASP B 1 59  ? -5.887  20.076  7.696   1.00 164.49 ? 86  ASP B CB  1 
ATOM 960  C CG  . ASP B 1 59  ? -4.756  20.229  6.699   1.00 180.28 ? 86  ASP B CG  1 
ATOM 961  O OD1 . ASP B 1 59  ? -4.021  21.234  6.783   1.00 175.78 ? 86  ASP B OD1 1 
ATOM 962  O OD2 . ASP B 1 59  ? -4.596  19.338  5.837   1.00 186.06 ? 86  ASP B OD2 1 
ATOM 963  N N   . GLU B 1 60  ? -3.300  18.551  8.909   1.00 168.18 ? 87  GLU B N   1 
ATOM 964  C CA  . GLU B 1 60  ? -2.482  17.350  9.023   1.00 156.84 ? 87  GLU B CA  1 
ATOM 965  C C   . GLU B 1 60  ? -2.310  16.934  10.477  1.00 154.59 ? 87  GLU B C   1 
ATOM 966  O O   . GLU B 1 60  ? -2.149  15.743  10.756  1.00 167.37 ? 87  GLU B O   1 
ATOM 967  C CB  . GLU B 1 60  ? -1.134  17.562  8.318   1.00 159.86 ? 87  GLU B CB  1 
ATOM 968  C CG  . GLU B 1 60  ? -0.182  18.572  8.950   1.00 182.35 ? 87  GLU B CG  1 
ATOM 969  C CD  . GLU B 1 60  ? 0.500   18.076  10.217  1.00 204.59 ? 87  GLU B CD  1 
ATOM 970  O OE1 . GLU B 1 60  ? 0.567   16.846  10.423  1.00 201.31 ? 87  GLU B OE1 1 
ATOM 971  O OE2 . GLU B 1 60  ? 0.941   18.917  11.026  1.00 221.38 ? 87  GLU B OE2 1 
ATOM 972  N N   . LYS B 1 61  ? -2.346  17.887  11.417  1.00 155.13 ? 88  LYS B N   1 
ATOM 973  C CA  . LYS B 1 61  ? -2.405  17.511  12.828  1.00 144.35 ? 88  LYS B CA  1 
ATOM 974  C C   . LYS B 1 61  ? -3.653  16.690  13.118  1.00 135.41 ? 88  LYS B C   1 
ATOM 975  O O   . LYS B 1 61  ? -3.591  15.678  13.826  1.00 137.63 ? 88  LYS B O   1 
ATOM 976  C CB  . LYS B 1 61  ? -2.378  18.743  13.736  1.00 155.82 ? 88  LYS B CB  1 
ATOM 977  C CG  . LYS B 1 61  ? -1.141  19.618  13.651  1.00 162.44 ? 88  LYS B CG  1 
ATOM 978  C CD  . LYS B 1 61  ? -1.153  20.637  14.785  1.00 155.56 ? 88  LYS B CD  1 
ATOM 979  C CE  . LYS B 1 61  ? -0.755  22.027  14.320  1.00 160.61 ? 88  LYS B CE  1 
ATOM 980  N NZ  . LYS B 1 61  ? 0.366   21.991  13.348  1.00 168.31 ? 88  LYS B NZ  1 
ATOM 981  N N   . ALA B 1 62  ? -4.798  17.111  12.575  1.00 135.64 ? 89  ALA B N   1 
ATOM 982  C CA  . ALA B 1 62  ? -6.035  16.368  12.784  1.00 145.46 ? 89  ALA B CA  1 
ATOM 983  C C   . ALA B 1 62  ? -5.970  14.993  12.132  1.00 142.52 ? 89  ALA B C   1 
ATOM 984  O O   . ALA B 1 62  ? -6.462  14.011  12.696  1.00 133.94 ? 89  ALA B O   1 
ATOM 985  C CB  . ALA B 1 62  ? -7.224  17.165  12.247  1.00 154.02 ? 89  ALA B CB  1 
ATOM 986  N N   . SER B 1 63  ? -5.359  14.900  10.948  1.00 148.48 ? 90  SER B N   1 
ATOM 987  C CA  . SER B 1 63  ? -5.241  13.599  10.291  1.00 132.21 ? 90  SER B CA  1 
ATOM 988  C C   . SER B 1 63  ? -4.313  12.665  11.066  1.00 127.75 ? 90  SER B C   1 
ATOM 989  O O   . SER B 1 63  ? -4.606  11.470  11.215  1.00 128.26 ? 90  SER B O   1 
ATOM 990  C CB  . SER B 1 63  ? -4.754  13.777  8.851   1.00 133.95 ? 90  SER B CB  1 
ATOM 991  O OG  . SER B 1 63  ? -3.350  13.946  8.796   1.00 158.02 ? 90  SER B OG  1 
ATOM 992  N N   . PHE B 1 64  ? -3.192  13.194  11.566  1.00 123.46 ? 91  PHE B N   1 
ATOM 993  C CA  . PHE B 1 64  ? -2.290  12.404  12.399  1.00 122.96 ? 91  PHE B CA  1 
ATOM 994  C C   . PHE B 1 64  ? -2.980  11.938  13.673  1.00 122.60 ? 91  PHE B C   1 
ATOM 995  O O   . PHE B 1 64  ? -2.813  10.788  14.090  1.00 110.62 ? 91  PHE B O   1 
ATOM 996  C CB  . PHE B 1 64  ? -1.036  13.217  12.729  1.00 115.97 ? 91  PHE B CB  1 
ATOM 997  C CG  . PHE B 1 64  ? -0.294  12.732  13.950  1.00 130.60 ? 91  PHE B CG  1 
ATOM 998  C CD1 . PHE B 1 64  ? 0.654   11.728  13.851  1.00 128.84 ? 91  PHE B CD1 1 
ATOM 999  C CD2 . PHE B 1 64  ? -0.522  13.309  15.193  1.00 144.50 ? 91  PHE B CD2 1 
ATOM 1000 C CE1 . PHE B 1 64  ? 1.342   11.290  14.967  1.00 133.26 ? 91  PHE B CE1 1 
ATOM 1001 C CE2 . PHE B 1 64  ? 0.163   12.874  16.313  1.00 137.71 ? 91  PHE B CE2 1 
ATOM 1002 C CZ  . PHE B 1 64  ? 1.097   11.864  16.199  1.00 128.22 ? 91  PHE B CZ  1 
ATOM 1003 N N   . MET B 1 65  ? -3.754  12.822  14.307  1.00 119.22 ? 92  MET B N   1 
ATOM 1004 C CA  . MET B 1 65  ? -4.499  12.434  15.501  1.00 117.04 ? 92  MET B CA  1 
ATOM 1005 C C   . MET B 1 65  ? -5.528  11.359  15.178  1.00 116.32 ? 92  MET B C   1 
ATOM 1006 O O   . MET B 1 65  ? -5.722  10.420  15.958  1.00 124.27 ? 92  MET B O   1 
ATOM 1007 C CB  . MET B 1 65  ? -5.179  13.662  16.111  1.00 133.27 ? 92  MET B CB  1 
ATOM 1008 C CG  . MET B 1 65  ? -4.251  14.568  16.908  1.00 142.39 ? 92  MET B CG  1 
ATOM 1009 S SD  . MET B 1 65  ? -3.447  13.746  18.296  1.00 190.32 ? 92  MET B SD  1 
ATOM 1010 C CE  . MET B 1 65  ? -4.840  12.906  19.046  1.00 135.76 ? 92  MET B CE  1 
ATOM 1011 N N   . TYR B 1 66  ? -6.198  11.487  14.031  1.00 113.97 ? 93  TYR B N   1 
ATOM 1012 C CA  . TYR B 1 66  ? -7.149  10.470  13.594  1.00 111.61 ? 93  TYR B CA  1 
ATOM 1013 C C   . TYR B 1 66  ? -6.481  9.109   13.469  1.00 102.90 ? 93  TYR B C   1 
ATOM 1014 O O   . TYR B 1 66  ? -6.957  8.117   14.029  1.00 97.21  ? 93  TYR B O   1 
ATOM 1015 C CB  . TYR B 1 66  ? -7.772  10.876  12.259  1.00 97.00  ? 93  TYR B CB  1 
ATOM 1016 C CG  . TYR B 1 66  ? -8.547  9.758   11.605  1.00 98.96  ? 93  TYR B CG  1 
ATOM 1017 C CD1 . TYR B 1 66  ? -9.809  9.403   12.056  1.00 100.09 ? 93  TYR B CD1 1 
ATOM 1018 C CD2 . TYR B 1 66  ? -8.002  9.038   10.549  1.00 111.16 ? 93  TYR B CD2 1 
ATOM 1019 C CE1 . TYR B 1 66  ? -10.515 8.375   11.463  1.00 110.46 ? 93  TYR B CE1 1 
ATOM 1020 C CE2 . TYR B 1 66  ? -8.698  8.007   9.955   1.00 106.13 ? 93  TYR B CE2 1 
ATOM 1021 C CZ  . TYR B 1 66  ? -9.954  7.680   10.413  1.00 106.81 ? 93  TYR B CZ  1 
ATOM 1022 O OH  . TYR B 1 66  ? -10.646 6.653   9.817   1.00 124.35 ? 93  TYR B OH  1 
ATOM 1023 N N   . HIS B 1 67  ? -5.381  9.044   12.719  1.00 115.50 ? 94  HIS B N   1 
ATOM 1024 C CA  . HIS B 1 67  ? -4.720  7.759   12.516  1.00 105.49 ? 94  HIS B CA  1 
ATOM 1025 C C   . HIS B 1 67  ? -4.130  7.219   13.814  1.00 106.43 ? 94  HIS B C   1 
ATOM 1026 O O   . HIS B 1 67  ? -4.151  6.004   14.044  1.00 101.24 ? 94  HIS B O   1 
ATOM 1027 C CB  . HIS B 1 67  ? -3.645  7.888   11.439  1.00 125.96 ? 94  HIS B CB  1 
ATOM 1028 C CG  . HIS B 1 67  ? -4.197  8.094   10.063  1.00 118.61 ? 94  HIS B CG  1 
ATOM 1029 N ND1 . HIS B 1 67  ? -4.974  7.152   9.424   1.00 101.26 ? 94  HIS B ND1 1 
ATOM 1030 C CD2 . HIS B 1 67  ? -4.091  9.137   9.207   1.00 113.14 ? 94  HIS B CD2 1 
ATOM 1031 C CE1 . HIS B 1 67  ? -5.322  7.605   8.232   1.00 104.49 ? 94  HIS B CE1 1 
ATOM 1032 N NE2 . HIS B 1 67  ? -4.799  8.808   8.076   1.00 120.69 ? 94  HIS B NE2 1 
ATOM 1033 N N   . LEU B 1 68  ? -3.633  8.099   14.685  1.00 110.42 ? 95  LEU B N   1 
ATOM 1034 C CA  . LEU B 1 68  ? -3.069  7.647   15.952  1.00 101.02 ? 95  LEU B CA  1 
ATOM 1035 C C   . LEU B 1 68  ? -4.149  7.063   16.853  1.00 99.23  ? 95  LEU B C   1 
ATOM 1036 O O   . LEU B 1 68  ? -3.942  6.017   17.477  1.00 102.99 ? 95  LEU B O   1 
ATOM 1037 C CB  . LEU B 1 68  ? -2.351  8.811   16.640  1.00 99.96  ? 95  LEU B CB  1 
ATOM 1038 C CG  . LEU B 1 68  ? -1.830  8.659   18.072  1.00 110.82 ? 95  LEU B CG  1 
ATOM 1039 C CD1 . LEU B 1 68  ? -1.107  7.331   18.267  1.00 107.79 ? 95  LEU B CD1 1 
ATOM 1040 C CD2 . LEU B 1 68  ? -0.923  9.831   18.433  1.00 124.55 ? 95  LEU B CD2 1 
ATOM 1041 N N   . ASN B 1 69  ? -5.311  7.717   16.929  1.00 103.34 ? 96  ASN B N   1 
ATOM 1042 C CA  . ASN B 1 69  ? -6.414  7.172   17.713  1.00 95.57  ? 96  ASN B CA  1 
ATOM 1043 C C   . ASN B 1 69  ? -6.940  5.882   17.099  1.00 97.90  ? 96  ASN B C   1 
ATOM 1044 O O   . ASN B 1 69  ? -7.324  4.955   17.821  1.00 119.43 ? 96  ASN B O   1 
ATOM 1045 C CB  . ASN B 1 69  ? -7.536  8.202   17.832  1.00 110.85 ? 96  ASN B CB  1 
ATOM 1046 C CG  . ASN B 1 69  ? -7.375  9.101   19.039  1.00 137.10 ? 96  ASN B CG  1 
ATOM 1047 O OD1 . ASN B 1 69  ? -6.313  9.687   19.253  1.00 134.54 ? 96  ASN B OD1 1 
ATOM 1048 N ND2 . ASN B 1 69  ? -8.430  9.215   19.839  1.00 148.20 ? 96  ASN B ND2 1 
ATOM 1049 N N   . ARG B 1 70  ? -6.968  5.808   15.766  1.00 113.20 ? 97  ARG B N   1 
ATOM 1050 C CA  . ARG B 1 70  ? -7.366  4.578   15.091  1.00 105.24 ? 97  ARG B CA  1 
ATOM 1051 C C   . ARG B 1 70  ? -6.442  3.428   15.464  1.00 106.20 ? 97  ARG B C   1 
ATOM 1052 O O   . ARG B 1 70  ? -6.902  2.310   15.728  1.00 103.08 ? 97  ARG B O   1 
ATOM 1053 C CB  . ARG B 1 70  ? -7.364  4.800   13.579  1.00 117.02 ? 97  ARG B CB  1 
ATOM 1054 C CG  . ARG B 1 70  ? -7.863  3.627   12.758  1.00 115.02 ? 97  ARG B CG  1 
ATOM 1055 C CD  . ARG B 1 70  ? -9.381  3.614   12.634  1.00 119.85 ? 97  ARG B CD  1 
ATOM 1056 N NE  . ARG B 1 70  ? -9.864  2.630   11.668  1.00 145.97 ? 97  ARG B NE  1 
ATOM 1057 C CZ  . ARG B 1 70  ? -9.510  2.569   10.389  1.00 160.97 ? 97  ARG B CZ  1 
ATOM 1058 N NH1 . ARG B 1 70  ? -8.707  3.470   9.844   1.00 133.88 ? 97  ARG B NH1 1 
ATOM 1059 N NH2 . ARG B 1 70  ? -9.991  1.588   9.630   1.00 163.17 ? 97  ARG B NH2 1 
ATOM 1060 N N   . LEU B 1 71  ? -5.133  3.685   15.494  1.00 108.11 ? 98  LEU B N   1 
ATOM 1061 C CA  . LEU B 1 71  ? -4.179  2.654   15.890  1.00 99.68  ? 98  LEU B CA  1 
ATOM 1062 C C   . LEU B 1 71  ? -4.337  2.291   17.362  1.00 93.71  ? 98  LEU B C   1 
ATOM 1063 O O   . LEU B 1 71  ? -4.287  1.110   17.724  1.00 109.26 ? 98  LEU B O   1 
ATOM 1064 C CB  . LEU B 1 71  ? -2.754  3.125   15.602  1.00 89.93  ? 98  LEU B CB  1 
ATOM 1065 C CG  . LEU B 1 71  ? -2.322  3.154   14.135  1.00 90.10  ? 98  LEU B CG  1 
ATOM 1066 C CD1 . LEU B 1 71  ? -0.838  3.456   14.027  1.00 87.69  ? 98  LEU B CD1 1 
ATOM 1067 C CD2 . LEU B 1 71  ? -2.651  1.837   13.452  1.00 86.41  ? 98  LEU B CD2 1 
ATOM 1068 N N   . ARG B 1 72  ? -4.531  3.294   18.221  1.00 103.95 ? 99  ARG B N   1 
ATOM 1069 C CA  . ARG B 1 72  ? -4.658  3.042   19.651  1.00 98.51  ? 99  ARG B CA  1 
ATOM 1070 C C   . ARG B 1 72  ? -5.892  2.203   19.963  1.00 103.85 ? 99  ARG B C   1 
ATOM 1071 O O   . ARG B 1 72  ? -5.859  1.347   20.854  1.00 121.74 ? 99  ARG B O   1 
ATOM 1072 C CB  . ARG B 1 72  ? -4.713  4.365   20.417  1.00 95.96  ? 99  ARG B CB  1 
ATOM 1073 C CG  . ARG B 1 72  ? -3.383  5.094   20.550  1.00 87.70  ? 99  ARG B CG  1 
ATOM 1074 C CD  . ARG B 1 72  ? -3.411  6.003   21.773  1.00 118.69 ? 99  ARG B CD  1 
ATOM 1075 N NE  . ARG B 1 72  ? -2.713  7.267   21.571  1.00 109.28 ? 99  ARG B NE  1 
ATOM 1076 C CZ  . ARG B 1 72  ? -1.404  7.435   21.700  1.00 104.85 ? 99  ARG B CZ  1 
ATOM 1077 N NH1 . ARG B 1 72  ? -0.604  6.429   22.015  1.00 113.58 ? 99  ARG B NH1 1 
ATOM 1078 N NH2 . ARG B 1 72  ? -0.883  8.644   21.513  1.00 99.23  ? 99  ARG B NH2 1 
ATOM 1079 N N   . SER B 1 73  ? -6.992  2.440   19.250  1.00 101.61 ? 100 SER B N   1 
ATOM 1080 C CA  . SER B 1 73  ? -8.229  1.720   19.526  1.00 100.56 ? 100 SER B CA  1 
ATOM 1081 C C   . SER B 1 73  ? -8.265  0.327   18.912  1.00 109.09 ? 100 SER B C   1 
ATOM 1082 O O   . SER B 1 73  ? -9.214  -0.420  19.174  1.00 115.32 ? 100 SER B O   1 
ATOM 1083 C CB  . SER B 1 73  ? -9.430  2.526   19.026  1.00 107.24 ? 100 SER B CB  1 
ATOM 1084 O OG  . SER B 1 73  ? -9.309  3.893   19.377  1.00 121.53 ? 100 SER B OG  1 
ATOM 1085 N N   . ALA B 1 74  ? -7.267  -0.042  18.114  1.00 113.19 ? 101 ALA B N   1 
ATOM 1086 C CA  . ALA B 1 74  ? -7.283  -1.338  17.452  1.00 107.03 ? 101 ALA B CA  1 
ATOM 1087 C C   . ALA B 1 74  ? -7.130  -2.466  18.463  1.00 102.31 ? 101 ALA B C   1 
ATOM 1088 O O   . ALA B 1 74  ? -6.383  -2.350  19.439  1.00 118.02 ? 101 ALA B O   1 
ATOM 1089 C CB  . ALA B 1 74  ? -6.172  -1.412  16.408  1.00 107.09 ? 101 ALA B CB  1 
ATOM 1090 N N   . VAL B 1 75  ? -7.842  -3.565  18.225  1.00 98.55  ? 102 VAL B N   1 
ATOM 1091 C CA  . VAL B 1 75  ? -7.802  -4.710  19.129  1.00 100.04 ? 102 VAL B CA  1 
ATOM 1092 C C   . VAL B 1 75  ? -7.481  -6.021  18.428  1.00 118.06 ? 102 VAL B C   1 
ATOM 1093 O O   . VAL B 1 75  ? -7.029  -6.975  19.089  1.00 109.88 ? 102 VAL B O   1 
ATOM 1094 C CB  . VAL B 1 75  ? -9.134  -4.830  19.905  1.00 101.99 ? 102 VAL B CB  1 
ATOM 1095 C CG1 . VAL B 1 75  ? -10.233 -5.379  19.007  1.00 116.83 ? 102 VAL B CG1 1 
ATOM 1096 C CG2 . VAL B 1 75  ? -8.959  -5.691  21.151  1.00 141.55 ? 102 VAL B CG2 1 
ATOM 1097 N N   . THR B 1 76  ? -7.676  -6.135  17.116  1.00 127.21 ? 103 THR B N   1 
ATOM 1098 C CA  . THR B 1 76  ? -7.370  -7.348  16.377  1.00 116.38 ? 103 THR B CA  1 
ATOM 1099 C C   . THR B 1 76  ? -6.546  -6.984  15.149  1.00 106.83 ? 103 THR B C   1 
ATOM 1100 O O   . THR B 1 76  ? -6.441  -5.816  14.768  1.00 119.51 ? 103 THR B O   1 
ATOM 1101 C CB  . THR B 1 76  ? -8.652  -8.095  15.971  1.00 112.34 ? 103 THR B CB  1 
ATOM 1102 O OG1 . THR B 1 76  ? -8.315  -9.297  15.269  1.00 123.42 ? 103 THR B OG1 1 
ATOM 1103 C CG2 . THR B 1 76  ? -9.508  -7.224  15.073  1.00 117.68 ? 103 THR B CG2 1 
ATOM 1104 N N   . VAL B 1 77  ? -5.949  -8.008  14.534  1.00 108.68 ? 104 VAL B N   1 
ATOM 1105 C CA  . VAL B 1 77  ? -5.176  -7.807  13.312  1.00 109.67 ? 104 VAL B CA  1 
ATOM 1106 C C   . VAL B 1 77  ? -6.067  -7.284  12.193  1.00 106.16 ? 104 VAL B C   1 
ATOM 1107 O O   . VAL B 1 77  ? -5.596  -6.600  11.276  1.00 106.98 ? 104 VAL B O   1 
ATOM 1108 C CB  . VAL B 1 77  ? -4.469  -9.122  12.920  1.00 94.69  ? 104 VAL B CB  1 
ATOM 1109 C CG1 . VAL B 1 77  ? -3.827  -9.018  11.544  1.00 107.13 ? 104 VAL B CG1 1 
ATOM 1110 C CG2 . VAL B 1 77  ? -3.430  -9.492  13.963  1.00 113.73 ? 104 VAL B CG2 1 
ATOM 1111 N N   . VAL B 1 78  ? -7.367  -7.581  12.255  1.00 108.09 ? 105 VAL B N   1 
ATOM 1112 C CA  . VAL B 1 78  ? -8.294  -7.079  11.246  1.00 100.00 ? 105 VAL B CA  1 
ATOM 1113 C C   . VAL B 1 78  ? -8.337  -5.555  11.275  1.00 107.36 ? 105 VAL B C   1 
ATOM 1114 O O   . VAL B 1 78  ? -8.403  -4.900  10.228  1.00 121.72 ? 105 VAL B O   1 
ATOM 1115 C CB  . VAL B 1 78  ? -9.688  -7.696  11.456  1.00 108.87 ? 105 VAL B CB  1 
ATOM 1116 C CG1 . VAL B 1 78  ? -10.737 -6.955  10.641  1.00 105.38 ? 105 VAL B CG1 1 
ATOM 1117 C CG2 . VAL B 1 78  ? -9.667  -9.174  11.094  1.00 114.45 ? 105 VAL B CG2 1 
ATOM 1118 N N   . ASP B 1 79  ? -8.283  -4.966  12.472  1.00 102.68 ? 106 ASP B N   1 
ATOM 1119 C CA  . ASP B 1 79  ? -8.301  -3.511  12.571  1.00 110.97 ? 106 ASP B CA  1 
ATOM 1120 C C   . ASP B 1 79  ? -7.035  -2.890  11.995  1.00 108.71 ? 106 ASP B C   1 
ATOM 1121 O O   . ASP B 1 79  ? -7.089  -1.795  11.421  1.00 122.09 ? 106 ASP B O   1 
ATOM 1122 C CB  . ASP B 1 79  ? -8.478  -3.078  14.026  1.00 127.14 ? 106 ASP B CB  1 
ATOM 1123 C CG  . ASP B 1 79  ? -9.722  -3.657  14.661  1.00 133.87 ? 106 ASP B CG  1 
ATOM 1124 O OD1 . ASP B 1 79  ? -10.804 -3.578  14.041  1.00 148.90 ? 106 ASP B OD1 1 
ATOM 1125 O OD2 . ASP B 1 79  ? -9.621  -4.176  15.792  1.00 130.54 ? 106 ASP B OD2 1 
ATOM 1126 N N   . LEU B 1 80  ? -5.895  -3.562  12.137  1.00 100.86 ? 107 LEU B N   1 
ATOM 1127 C CA  . LEU B 1 80  ? -4.623  -3.042  11.656  1.00 96.75  ? 107 LEU B CA  1 
ATOM 1128 C C   . LEU B 1 80  ? -4.325  -3.410  10.209  1.00 102.36 ? 107 LEU B C   1 
ATOM 1129 O O   . LEU B 1 80  ? -3.375  -2.860  9.643   1.00 103.20 ? 107 LEU B O   1 
ATOM 1130 C CB  . LEU B 1 80  ? -3.477  -3.541  12.541  1.00 104.15 ? 107 LEU B CB  1 
ATOM 1131 C CG  . LEU B 1 80  ? -3.477  -3.161  14.018  1.00 109.87 ? 107 LEU B CG  1 
ATOM 1132 C CD1 . LEU B 1 80  ? -2.253  -3.739  14.701  1.00 91.04  ? 107 LEU B CD1 1 
ATOM 1133 C CD2 . LEU B 1 80  ? -3.483  -1.655  14.143  1.00 113.56 ? 107 LEU B CD2 1 
ATOM 1134 N N   . HIS B 1 81  ? -5.126  -4.297  9.610   1.00 107.76 ? 108 HIS B N   1 
ATOM 1135 C CA  . HIS B 1 81  ? -4.878  -4.834  8.273   1.00 109.20 ? 108 HIS B CA  1 
ATOM 1136 C C   . HIS B 1 81  ? -4.426  -3.778  7.272   1.00 105.23 ? 108 HIS B C   1 
ATOM 1137 O O   . HIS B 1 81  ? -3.411  -3.944  6.587   1.00 109.81 ? 108 HIS B O   1 
ATOM 1138 C CB  . HIS B 1 81  ? -6.155  -5.520  7.774   1.00 114.88 ? 108 HIS B CB  1 
ATOM 1139 C CG  . HIS B 1 81  ? -6.166  -5.802  6.302   1.00 142.95 ? 108 HIS B CG  1 
ATOM 1140 N ND1 . HIS B 1 81  ? -5.045  -6.204  5.608   1.00 151.02 ? 108 HIS B ND1 1 
ATOM 1141 C CD2 . HIS B 1 81  ? -7.165  -5.726  5.391   1.00 137.05 ? 108 HIS B CD2 1 
ATOM 1142 C CE1 . HIS B 1 81  ? -5.355  -6.373  4.335   1.00 139.84 ? 108 HIS B CE1 1 
ATOM 1143 N NE2 . HIS B 1 81  ? -6.635  -6.089  4.177   1.00 142.51 ? 108 HIS B NE2 1 
ATOM 1144 N N   . ASN B 1 82  ? -5.174  -2.682  7.173   1.00 101.37 ? 109 ASN B N   1 
ATOM 1145 C CA  . ASN B 1 82  ? -4.894  -1.696  6.137   1.00 98.32  ? 109 ASN B CA  1 
ATOM 1146 C C   . ASN B 1 82  ? -3.582  -0.968  6.409   1.00 102.30 ? 109 ASN B C   1 
ATOM 1147 O O   . ASN B 1 82  ? -2.803  -0.702  5.484   1.00 101.19 ? 109 ASN B O   1 
ATOM 1148 C CB  . ASN B 1 82  ? -6.063  -0.721  6.045   1.00 90.66  ? 109 ASN B CB  1 
ATOM 1149 C CG  . ASN B 1 82  ? -7.331  -1.384  5.545   1.00 99.58  ? 109 ASN B CG  1 
ATOM 1150 O OD1 . ASN B 1 82  ? -7.282  -2.394  4.847   1.00 109.95 ? 109 ASN B OD1 1 
ATOM 1151 N ND2 . ASN B 1 82  ? -8.476  -0.815  5.902   1.00 94.80  ? 109 ASN B ND2 1 
ATOM 1152 N N   . TYR B 1 83  ? -3.310  -0.661  7.678   1.00 105.40 ? 110 TYR B N   1 
ATOM 1153 C CA  . TYR B 1 83  ? -2.043  -0.032  8.033   1.00 94.55  ? 110 TYR B CA  1 
ATOM 1154 C C   . TYR B 1 83  ? -0.866  -0.965  7.770   1.00 102.09 ? 110 TYR B C   1 
ATOM 1155 O O   . TYR B 1 83  ? 0.193   -0.518  7.316   1.00 106.48 ? 110 TYR B O   1 
ATOM 1156 C CB  . TYR B 1 83  ? -2.062  0.394   9.499   1.00 78.79  ? 110 TYR B CB  1 
ATOM 1157 C CG  . TYR B 1 83  ? -3.014  1.519   9.830   1.00 77.15  ? 110 TYR B CG  1 
ATOM 1158 C CD1 . TYR B 1 83  ? -4.358  1.270   10.071  1.00 87.35  ? 110 TYR B CD1 1 
ATOM 1159 C CD2 . TYR B 1 83  ? -2.561  2.829   9.919   1.00 85.58  ? 110 TYR B CD2 1 
ATOM 1160 C CE1 . TYR B 1 83  ? -5.228  2.295   10.384  1.00 93.59  ? 110 TYR B CE1 1 
ATOM 1161 C CE2 . TYR B 1 83  ? -3.424  3.861   10.231  1.00 106.08 ? 110 TYR B CE2 1 
ATOM 1162 C CZ  . TYR B 1 83  ? -4.755  3.589   10.467  1.00 106.13 ? 110 TYR B CZ  1 
ATOM 1163 O OH  . TYR B 1 83  ? -5.614  4.619   10.769  1.00 103.75 ? 110 TYR B OH  1 
ATOM 1164 N N   . ILE B 1 84  ? -1.023  -2.257  8.069   1.00 103.07 ? 111 ILE B N   1 
ATOM 1165 C CA  . ILE B 1 84  ? 0.029   -3.214  7.736   1.00 93.61  ? 111 ILE B CA  1 
ATOM 1166 C C   . ILE B 1 84  ? 0.244   -3.249  6.231   1.00 108.80 ? 111 ILE B C   1 
ATOM 1167 O O   . ILE B 1 84  ? 1.381   -3.303  5.751   1.00 101.70 ? 111 ILE B O   1 
ATOM 1168 C CB  . ILE B 1 84  ? -0.283  -4.618  8.289   1.00 79.34  ? 111 ILE B CB  1 
ATOM 1169 C CG1 . ILE B 1 84  ? -0.488  -4.592  9.802   1.00 95.30  ? 111 ILE B CG1 1 
ATOM 1170 C CG2 . ILE B 1 84  ? 0.834   -5.590  7.935   1.00 101.96 ? 111 ILE B CG2 1 
ATOM 1171 C CD1 . ILE B 1 84  ? -1.631  -5.461  10.262  1.00 102.54 ? 111 ILE B CD1 1 
ATOM 1172 N N   . ALA B 1 85  ? -0.845  -3.209  5.461   1.00 106.44 ? 112 ALA B N   1 
ATOM 1173 C CA  . ALA B 1 85  ? -0.718  -3.169  4.008   1.00 92.17  ? 112 ALA B CA  1 
ATOM 1174 C C   . ALA B 1 85  ? 0.080   -1.954  3.557   1.00 93.80  ? 112 ALA B C   1 
ATOM 1175 O O   . ALA B 1 85  ? 0.938   -2.057  2.672   1.00 98.51  ? 112 ALA B O   1 
ATOM 1176 C CB  . ALA B 1 85  ? -2.102  -3.172  3.362   1.00 103.85 ? 112 ALA B CB  1 
ATOM 1177 N N   . VAL B 1 86  ? -0.172  -0.795  4.168   1.00 102.78 ? 113 VAL B N   1 
ATOM 1178 C CA  . VAL B 1 86  ? 0.500   0.424   3.723   1.00 95.18  ? 113 VAL B CA  1 
ATOM 1179 C C   . VAL B 1 86  ? 1.970   0.417   4.135   1.00 94.61  ? 113 VAL B C   1 
ATOM 1180 O O   . VAL B 1 86  ? 2.844   0.835   3.364   1.00 93.58  ? 113 VAL B O   1 
ATOM 1181 C CB  . VAL B 1 86  ? -0.236  1.668   4.256   1.00 105.35 ? 113 VAL B CB  1 
ATOM 1182 C CG1 . VAL B 1 86  ? 0.685   2.881   4.257   1.00 104.64 ? 113 VAL B CG1 1 
ATOM 1183 C CG2 . VAL B 1 86  ? -1.483  1.942   3.425   1.00 81.65  ? 113 VAL B CG2 1 
ATOM 1184 N N   . PHE B 1 87  ? 2.276   -0.074  5.339   1.00 96.16  ? 114 PHE B N   1 
ATOM 1185 C CA  . PHE B 1 87  ? 3.621   0.018   5.898   1.00 107.86 ? 114 PHE B CA  1 
ATOM 1186 C C   . PHE B 1 87  ? 4.370   -1.314  5.895   1.00 108.47 ? 114 PHE B C   1 
ATOM 1187 O O   . PHE B 1 87  ? 5.323   -1.480  6.664   1.00 111.30 ? 114 PHE B O   1 
ATOM 1188 C CB  . PHE B 1 87  ? 3.568   0.577   7.321   1.00 92.63  ? 114 PHE B CB  1 
ATOM 1189 C CG  . PHE B 1 87  ? 2.987   1.958   7.411   1.00 111.15 ? 114 PHE B CG  1 
ATOM 1190 C CD1 . PHE B 1 87  ? 3.494   2.988   6.637   1.00 122.80 ? 114 PHE B CD1 1 
ATOM 1191 C CD2 . PHE B 1 87  ? 1.944   2.232   8.282   1.00 115.84 ? 114 PHE B CD2 1 
ATOM 1192 C CE1 . PHE B 1 87  ? 2.967   4.262   6.721   1.00 125.31 ? 114 PHE B CE1 1 
ATOM 1193 C CE2 . PHE B 1 87  ? 1.411   3.506   8.371   1.00 114.48 ? 114 PHE B CE2 1 
ATOM 1194 C CZ  . PHE B 1 87  ? 1.925   4.522   7.589   1.00 109.66 ? 114 PHE B CZ  1 
ATOM 1195 N N   . GLY B 1 88  ? 3.948   -2.267  5.065   1.00 106.76 ? 115 GLY B N   1 
ATOM 1196 C CA  . GLY B 1 88  ? 4.604   -3.550  4.936   1.00 120.67 ? 115 GLY B CA  1 
ATOM 1197 C C   . GLY B 1 88  ? 6.119   -3.523  4.877   1.00 119.77 ? 115 GLY B C   1 
ATOM 1198 O O   . GLY B 1 88  ? 6.801   -4.076  5.750   1.00 127.33 ? 115 GLY B O   1 
ATOM 1199 N N   . PRO B 1 89  ? 6.682   -2.909  3.831   1.00 111.11 ? 116 PRO B N   1 
ATOM 1200 C CA  . PRO B 1 89  ? 8.146   -2.885  3.696   1.00 109.59 ? 116 PRO B CA  1 
ATOM 1201 C C   . PRO B 1 89  ? 8.852   -2.042  4.745   1.00 110.35 ? 116 PRO B C   1 
ATOM 1202 O O   . PRO B 1 89  ? 10.086  -2.005  4.746   1.00 123.92 ? 116 PRO B O   1 
ATOM 1203 C CB  . PRO B 1 89  ? 8.357   -2.314  2.286   1.00 110.33 ? 116 PRO B CB  1 
ATOM 1204 C CG  . PRO B 1 89  ? 7.118   -1.560  2.001   1.00 107.59 ? 116 PRO B CG  1 
ATOM 1205 C CD  . PRO B 1 89  ? 6.018   -2.343  2.646   1.00 116.06 ? 116 PRO B CD  1 
ATOM 1206 N N   . CYS B 1 90  ? 8.125   -1.361  5.629   1.00 121.67 ? 117 CYS B N   1 
ATOM 1207 C CA  . CYS B 1 90  ? 8.744   -0.732  6.788   1.00 113.48 ? 117 CYS B CA  1 
ATOM 1208 C C   . CYS B 1 90  ? 8.831   -1.706  7.959   1.00 118.33 ? 117 CYS B C   1 
ATOM 1209 O O   . CYS B 1 90  ? 9.901   -1.872  8.554   1.00 138.08 ? 117 CYS B O   1 
ATOM 1210 C CB  . CYS B 1 90  ? 7.966   0.525   7.187   1.00 118.65 ? 117 CYS B CB  1 
ATOM 1211 S SG  . CYS B 1 90  ? 8.080   1.896   6.015   1.00 124.77 ? 117 CYS B SG  1 
ATOM 1212 N N   . LEU B 1 91  ? 7.714   -2.363  8.284   1.00 123.55 ? 118 LEU B N   1 
ATOM 1213 C CA  . LEU B 1 91  ? 7.713   -3.401  9.311   1.00 128.10 ? 118 LEU B CA  1 
ATOM 1214 C C   . LEU B 1 91  ? 8.735   -4.484  8.987   1.00 125.74 ? 118 LEU B C   1 
ATOM 1215 O O   . LEU B 1 91  ? 9.619   -4.786  9.798   1.00 136.69 ? 118 LEU B O   1 
ATOM 1216 C CB  . LEU B 1 91  ? 6.312   -4.000  9.445   1.00 113.88 ? 118 LEU B CB  1 
ATOM 1217 C CG  . LEU B 1 91  ? 5.234   -3.025  9.915   1.00 98.59  ? 118 LEU B CG  1 
ATOM 1218 C CD1 . LEU B 1 91  ? 3.880   -3.710  9.961   1.00 97.59  ? 118 LEU B CD1 1 
ATOM 1219 C CD2 . LEU B 1 91  ? 5.609   -2.456  11.274  1.00 103.79 ? 118 LEU B CD2 1 
ATOM 1220 N N   . SER B 1 92  ? 8.620   -5.087  7.808   1.00 119.09 ? 119 SER B N   1 
ATOM 1221 C CA  . SER B 1 92  ? 9.745   -5.833  7.271   1.00 111.74 ? 119 SER B CA  1 
ATOM 1222 C C   . SER B 1 92  ? 10.892  -4.866  7.007   1.00 130.80 ? 119 SER B C   1 
ATOM 1223 O O   . SER B 1 92  ? 10.674  -3.696  6.691   1.00 138.33 ? 119 SER B O   1 
ATOM 1224 C CB  . SER B 1 92  ? 9.346   -6.561  5.988   1.00 102.49 ? 119 SER B CB  1 
ATOM 1225 O OG  . SER B 1 92  ? 10.491  -6.935  5.242   1.00 142.02 ? 119 SER B OG  1 
ATOM 1226 N N   . TYR B 1 93  ? 12.123  -5.356  7.180   1.00 119.93 ? 120 TYR B N   1 
ATOM 1227 C CA  . TYR B 1 93  ? 13.344  -4.552  7.098   1.00 136.24 ? 120 TYR B CA  1 
ATOM 1228 C C   . TYR B 1 93  ? 13.486  -3.615  8.296   1.00 129.26 ? 120 TYR B C   1 
ATOM 1229 O O   . TYR B 1 93  ? 14.587  -3.120  8.561   1.00 117.77 ? 120 TYR B O   1 
ATOM 1230 C CB  . TYR B 1 93  ? 13.412  -3.738  5.795   1.00 105.62 ? 120 TYR B CB  1 
ATOM 1231 C CG  . TYR B 1 93  ? 13.525  -4.553  4.521   1.00 128.44 ? 120 TYR B CG  1 
ATOM 1232 C CD1 . TYR B 1 93  ? 13.542  -5.942  4.554   1.00 139.54 ? 120 TYR B CD1 1 
ATOM 1233 C CD2 . TYR B 1 93  ? 13.594  -3.928  3.281   1.00 128.52 ? 120 TYR B CD2 1 
ATOM 1234 C CE1 . TYR B 1 93  ? 13.635  -6.684  3.392   1.00 137.62 ? 120 TYR B CE1 1 
ATOM 1235 C CE2 . TYR B 1 93  ? 13.689  -4.664  2.112   1.00 121.96 ? 120 TYR B CE2 1 
ATOM 1236 C CZ  . TYR B 1 93  ? 13.707  -6.041  2.176   1.00 133.93 ? 120 TYR B CZ  1 
ATOM 1237 O OH  . TYR B 1 93  ? 13.800  -6.789  1.025   1.00 134.38 ? 120 TYR B OH  1 
ATOM 1238 N N   . ASN B 1 94  ? 12.390  -3.358  9.021   1.00 123.55 ? 121 ASN B N   1 
ATOM 1239 C CA  . ASN B 1 94  ? 12.421  -2.589  10.268  1.00 128.75 ? 121 ASN B CA  1 
ATOM 1240 C C   . ASN B 1 94  ? 13.023  -1.199  10.054  1.00 133.97 ? 121 ASN B C   1 
ATOM 1241 O O   . ASN B 1 94  ? 13.946  -0.777  10.756  1.00 125.53 ? 121 ASN B O   1 
ATOM 1242 C CB  . ASN B 1 94  ? 13.166  -3.355  11.364  1.00 121.03 ? 121 ASN B CB  1 
ATOM 1243 C CG  . ASN B 1 94  ? 12.484  -3.251  12.712  1.00 117.07 ? 121 ASN B CG  1 
ATOM 1244 O OD1 . ASN B 1 94  ? 12.482  -2.193  13.340  1.00 128.00 ? 121 ASN B OD1 1 
ATOM 1245 N ND2 . ASN B 1 94  ? 11.887  -4.349  13.158  1.00 123.67 ? 121 ASN B ND2 1 
ATOM 1246 N N   . LYS B 1 95  ? 12.485  -0.484  9.073   1.00 124.91 ? 122 LYS B N   1 
ATOM 1247 C CA  . LYS B 1 95  ? 12.948  0.848   8.717   1.00 102.53 ? 122 LYS B CA  1 
ATOM 1248 C C   . LYS B 1 95  ? 11.929  1.897   9.144   1.00 114.84 ? 122 LYS B C   1 
ATOM 1249 O O   . LYS B 1 95  ? 10.759  1.597   9.397   1.00 126.02 ? 122 LYS B O   1 
ATOM 1250 C CB  . LYS B 1 95  ? 13.197  0.957   7.208   1.00 98.46  ? 122 LYS B CB  1 
ATOM 1251 C CG  . LYS B 1 95  ? 14.266  0.015   6.674   1.00 111.04 ? 122 LYS B CG  1 
ATOM 1252 C CD  . LYS B 1 95  ? 15.634  0.361   7.224   1.00 106.99 ? 122 LYS B CD  1 
ATOM 1253 C CE  . LYS B 1 95  ? 16.103  1.706   6.697   1.00 122.05 ? 122 LYS B CE  1 
ATOM 1254 N NZ  . LYS B 1 95  ? 17.503  2.008   7.100   1.00 139.57 ? 122 LYS B NZ  1 
ATOM 1255 N N   . LEU B 1 96  ? 12.398  3.143   9.228   1.00 116.82 ? 123 LEU B N   1 
ATOM 1256 C CA  . LEU B 1 96  ? 11.519  4.287   9.397   1.00 119.53 ? 123 LEU B CA  1 
ATOM 1257 C C   . LEU B 1 96  ? 11.477  5.100   8.108   1.00 125.04 ? 123 LEU B C   1 
ATOM 1258 O O   . LEU B 1 96  ? 12.509  5.265   7.451   1.00 135.16 ? 123 LEU B O   1 
ATOM 1259 C CB  . LEU B 1 96  ? 11.969  5.183   10.559  1.00 126.34 ? 123 LEU B CB  1 
ATOM 1260 C CG  . LEU B 1 96  ? 11.676  4.680   11.979  1.00 103.69 ? 123 LEU B CG  1 
ATOM 1261 C CD1 . LEU B 1 96  ? 10.303  4.028   12.054  1.00 97.17  ? 123 LEU B CD1 1 
ATOM 1262 C CD2 . LEU B 1 96  ? 12.755  3.724   12.467  1.00 118.34 ? 123 LEU B CD2 1 
ATOM 1263 N N   . PRO B 1 97  ? 10.301  5.603   7.718   1.00 123.09 ? 124 PRO B N   1 
ATOM 1264 C CA  . PRO B 1 97  ? 10.181  6.237   6.390   1.00 123.07 ? 124 PRO B CA  1 
ATOM 1265 C C   . PRO B 1 97  ? 11.056  7.465   6.203   1.00 129.47 ? 124 PRO B C   1 
ATOM 1266 O O   . PRO B 1 97  ? 11.613  7.656   5.114   1.00 103.90 ? 124 PRO B O   1 
ATOM 1267 C CB  . PRO B 1 97  ? 8.688   6.595   6.304   1.00 124.37 ? 124 PRO B CB  1 
ATOM 1268 C CG  . PRO B 1 97  ? 8.142   6.438   7.686   1.00 125.49 ? 124 PRO B CG  1 
ATOM 1269 C CD  . PRO B 1 97  ? 9.006   5.465   8.402   1.00 117.59 ? 124 PRO B CD  1 
ATOM 1270 N N   . SER B 1 98  ? 11.193  8.308   7.228   1.00 132.50 ? 125 SER B N   1 
ATOM 1271 C CA  . SER B 1 98  ? 11.948  9.547   7.071   1.00 116.49 ? 125 SER B CA  1 
ATOM 1272 C C   . SER B 1 98  ? 13.450  9.313   6.991   1.00 123.17 ? 125 SER B C   1 
ATOM 1273 O O   . SER B 1 98  ? 14.178  10.198  6.527   1.00 128.11 ? 125 SER B O   1 
ATOM 1274 C CB  . SER B 1 98  ? 11.634  10.504  8.222   1.00 121.08 ? 125 SER B CB  1 
ATOM 1275 O OG  . SER B 1 98  ? 12.235  10.065  9.426   1.00 135.46 ? 125 SER B OG  1 
ATOM 1276 N N   . THR B 1 99  ? 13.932  8.147   7.425   1.00 140.77 ? 126 THR B N   1 
ATOM 1277 C CA  . THR B 1 99  ? 15.353  7.837   7.397   1.00 144.93 ? 126 THR B CA  1 
ATOM 1278 C C   . THR B 1 99  ? 15.725  6.792   6.355   1.00 139.54 ? 126 THR B C   1 
ATOM 1279 O O   . THR B 1 99  ? 16.917  6.516   6.181   1.00 145.91 ? 126 THR B O   1 
ATOM 1280 C CB  . THR B 1 99  ? 15.818  7.351   8.778   1.00 154.20 ? 126 THR B CB  1 
ATOM 1281 O OG1 . THR B 1 99  ? 15.167  6.112   9.092   1.00 163.21 ? 126 THR B OG1 1 
ATOM 1282 C CG2 . THR B 1 99  ? 15.475  8.379   9.844   1.00 139.27 ? 126 THR B CG2 1 
ATOM 1283 N N   . TRP B 1 100 ? 14.750  6.209   5.665   1.00 144.90 ? 127 TRP B N   1 
ATOM 1284 C CA  . TRP B 1 100 ? 14.997  5.149   4.691   1.00 133.52 ? 127 TRP B CA  1 
ATOM 1285 C C   . TRP B 1 100 ? 15.198  5.799   3.327   1.00 123.61 ? 127 TRP B C   1 
ATOM 1286 O O   . TRP B 1 100 ? 14.236  6.214   2.676   1.00 132.20 ? 127 TRP B O   1 
ATOM 1287 C CB  . TRP B 1 100 ? 13.836  4.161   4.685   1.00 126.68 ? 127 TRP B CB  1 
ATOM 1288 C CG  . TRP B 1 100 ? 14.074  2.913   3.900   1.00 109.07 ? 127 TRP B CG  1 
ATOM 1289 C CD1 . TRP B 1 100 ? 15.239  2.519   3.307   1.00 113.32 ? 127 TRP B CD1 1 
ATOM 1290 C CD2 . TRP B 1 100 ? 13.118  1.882   3.631   1.00 117.50 ? 127 TRP B CD2 1 
ATOM 1291 N NE1 . TRP B 1 100 ? 15.064  1.308   2.679   1.00 126.90 ? 127 TRP B NE1 1 
ATOM 1292 C CE2 . TRP B 1 100 ? 13.770  0.896   2.863   1.00 127.86 ? 127 TRP B CE2 1 
ATOM 1293 C CE3 . TRP B 1 100 ? 11.771  1.699   3.961   1.00 104.94 ? 127 TRP B CE3 1 
ATOM 1294 C CZ2 . TRP B 1 100 ? 13.122  -0.256  2.423   1.00 118.67 ? 127 TRP B CZ2 1 
ATOM 1295 C CZ3 . TRP B 1 100 ? 11.132  0.559   3.523   1.00 118.62 ? 127 TRP B CZ3 1 
ATOM 1296 C CH2 . TRP B 1 100 ? 11.806  -0.405  2.762   1.00 117.51 ? 127 TRP B CH2 1 
ATOM 1297 N N   . ASN B 1 101 ? 16.454  5.890   2.891   1.00 124.84 ? 128 ASN B N   1 
ATOM 1298 C CA  . ASN B 1 101 ? 16.795  6.559   1.634   1.00 138.97 ? 128 ASN B CA  1 
ATOM 1299 C C   . ASN B 1 101 ? 16.542  5.586   0.490   1.00 136.03 ? 128 ASN B C   1 
ATOM 1300 O O   . ASN B 1 101 ? 17.433  4.862   0.045   1.00 130.65 ? 128 ASN B O   1 
ATOM 1301 C CB  . ASN B 1 101 ? 18.241  7.045   1.651   1.00 146.21 ? 128 ASN B CB  1 
ATOM 1302 C CG  . ASN B 1 101 ? 18.655  7.701   0.342   1.00 152.72 ? 128 ASN B CG  1 
ATOM 1303 O OD1 . ASN B 1 101 ? 17.954  8.567   -0.181  1.00 153.45 ? 128 ASN B OD1 1 
ATOM 1304 N ND2 . ASN B 1 101 ? 19.799  7.289   -0.192  1.00 154.56 ? 128 ASN B ND2 1 
ATOM 1305 N N   . ILE B 1 102 ? 15.302  5.570   0.009   1.00 134.04 ? 129 ILE B N   1 
ATOM 1306 C CA  . ILE B 1 102 ? 14.910  4.717   -1.106  1.00 128.78 ? 129 ILE B CA  1 
ATOM 1307 C C   . ILE B 1 102 ? 13.803  5.427   -1.873  1.00 131.78 ? 129 ILE B C   1 
ATOM 1308 O O   . ILE B 1 102 ? 12.976  6.132   -1.286  1.00 129.04 ? 129 ILE B O   1 
ATOM 1309 C CB  . ILE B 1 102 ? 14.478  3.315   -0.616  1.00 117.71 ? 129 ILE B CB  1 
ATOM 1310 C CG1 . ILE B 1 102 ? 14.486  2.316   -1.772  1.00 130.24 ? 129 ILE B CG1 1 
ATOM 1311 C CG2 . ILE B 1 102 ? 13.110  3.358   0.051   1.00 103.06 ? 129 ILE B CG2 1 
ATOM 1312 C CD1 . ILE B 1 102 ? 15.144  0.994   -1.435  1.00 130.99 ? 129 ILE B CD1 1 
ATOM 1313 N N   . SER B 1 103 ? 13.803  5.262   -3.194  1.00 130.65 ? 130 SER B N   1 
ATOM 1314 C CA  . SER B 1 103 ? 12.861  5.994   -4.024  1.00 112.55 ? 130 SER B CA  1 
ATOM 1315 C C   . SER B 1 103 ? 11.457  5.414   -3.878  1.00 114.39 ? 130 SER B C   1 
ATOM 1316 O O   . SER B 1 103 ? 11.249  4.336   -3.311  1.00 127.39 ? 130 SER B O   1 
ATOM 1317 C CB  . SER B 1 103 ? 13.292  5.965   -5.491  1.00 111.23 ? 130 SER B CB  1 
ATOM 1318 O OG  . SER B 1 103 ? 13.060  4.691   -6.066  1.00 105.04 ? 130 SER B OG  1 
ATOM 1319 N N   . VAL B 1 104 ? 10.481  6.154   -4.404  1.00 109.86 ? 131 VAL B N   1 
ATOM 1320 C CA  . VAL B 1 104 ? 9.098   5.700   -4.341  1.00 98.49  ? 131 VAL B CA  1 
ATOM 1321 C C   . VAL B 1 104 ? 8.908   4.451   -5.197  1.00 106.90 ? 131 VAL B C   1 
ATOM 1322 O O   . VAL B 1 104 ? 8.292   3.472   -4.757  1.00 113.03 ? 131 VAL B O   1 
ATOM 1323 C CB  . VAL B 1 104 ? 8.153   6.846   -4.750  1.00 103.65 ? 131 VAL B CB  1 
ATOM 1324 C CG1 . VAL B 1 104 ? 8.592   7.476   -6.068  1.00 118.94 ? 131 VAL B CG1 1 
ATOM 1325 C CG2 . VAL B 1 104 ? 6.718   6.367   -4.826  1.00 84.92  ? 131 VAL B CG2 1 
ATOM 1326 N N   . CYS B 1 105 ? 9.462   4.453   -6.413  1.00 101.33 ? 132 CYS B N   1 
ATOM 1327 C CA  . CYS B 1 105 ? 9.344   3.298   -7.298  1.00 108.16 ? 132 CYS B CA  1 
ATOM 1328 C C   . CYS B 1 105 ? 9.918   2.041   -6.655  1.00 116.23 ? 132 CYS B C   1 
ATOM 1329 O O   . CYS B 1 105 ? 9.325   0.958   -6.744  1.00 119.38 ? 132 CYS B O   1 
ATOM 1330 C CB  . CYS B 1 105 ? 10.051  3.588   -8.622  1.00 105.22 ? 132 CYS B CB  1 
ATOM 1331 S SG  . CYS B 1 105 ? 9.265   2.857   -10.076 1.00 140.85 ? 132 CYS B SG  1 
ATOM 1332 N N   . ASP B 1 106 ? 11.077  2.165   -6.006  1.00 118.14 ? 133 ASP B N   1 
ATOM 1333 C CA  . ASP B 1 106 ? 11.672  1.020   -5.325  1.00 113.86 ? 133 ASP B CA  1 
ATOM 1334 C C   . ASP B 1 106 ? 10.796  0.542   -4.177  1.00 112.47 ? 133 ASP B C   1 
ATOM 1335 O O   . ASP B 1 106 ? 10.746  -0.659  -3.887  1.00 103.91 ? 133 ASP B O   1 
ATOM 1336 C CB  . ASP B 1 106 ? 13.061  1.387   -4.811  1.00 125.02 ? 133 ASP B CB  1 
ATOM 1337 C CG  . ASP B 1 106 ? 14.063  1.577   -5.928  1.00 142.88 ? 133 ASP B CG  1 
ATOM 1338 O OD1 . ASP B 1 106 ? 13.671  1.472   -7.110  1.00 149.67 ? 133 ASP B OD1 1 
ATOM 1339 O OD2 . ASP B 1 106 ? 15.244  1.840   -5.622  1.00 149.84 ? 133 ASP B OD2 1 
ATOM 1340 N N   . TYR B 1 107 ? 10.086  1.464   -3.524  1.00 116.10 ? 134 TYR B N   1 
ATOM 1341 C CA  . TYR B 1 107 ? 9.170   1.079   -2.456  1.00 118.48 ? 134 TYR B CA  1 
ATOM 1342 C C   . TYR B 1 107 ? 7.990   0.286   -3.010  1.00 124.53 ? 134 TYR B C   1 
ATOM 1343 O O   . TYR B 1 107 ? 7.598   -0.740  -2.437  1.00 129.93 ? 134 TYR B O   1 
ATOM 1344 C CB  . TYR B 1 107 ? 8.701   2.331   -1.711  1.00 108.43 ? 134 TYR B CB  1 
ATOM 1345 C CG  . TYR B 1 107 ? 7.884   2.083   -0.458  1.00 106.44 ? 134 TYR B CG  1 
ATOM 1346 C CD1 . TYR B 1 107 ? 6.506   1.923   -0.517  1.00 114.05 ? 134 TYR B CD1 1 
ATOM 1347 C CD2 . TYR B 1 107 ? 8.493   2.043   0.792   1.00 111.41 ? 134 TYR B CD2 1 
ATOM 1348 C CE1 . TYR B 1 107 ? 5.758   1.711   0.631   1.00 100.59 ? 134 TYR B CE1 1 
ATOM 1349 C CE2 . TYR B 1 107 ? 7.754   1.834   1.943   1.00 116.48 ? 134 TYR B CE2 1 
ATOM 1350 C CZ  . TYR B 1 107 ? 6.387   1.670   1.857   1.00 109.00 ? 134 TYR B CZ  1 
ATOM 1351 O OH  . TYR B 1 107 ? 5.651   1.457   3.001   1.00 111.48 ? 134 TYR B OH  1 
ATOM 1352 N N   . LEU B 1 108 ? 7.414   0.736   -4.133  1.00 120.39 ? 135 LEU B N   1 
ATOM 1353 C CA  . LEU B 1 108 ? 6.353   -0.053  -4.757  1.00 114.93 ? 135 LEU B CA  1 
ATOM 1354 C C   . LEU B 1 108 ? 6.863   -1.410  -5.234  1.00 116.90 ? 135 LEU B C   1 
ATOM 1355 O O   . LEU B 1 108 ? 6.118   -2.395  -5.197  1.00 134.22 ? 135 LEU B O   1 
ATOM 1356 C CB  . LEU B 1 108 ? 5.701   0.691   -5.927  1.00 115.44 ? 135 LEU B CB  1 
ATOM 1357 C CG  . LEU B 1 108 ? 4.720   1.854   -5.731  1.00 98.54  ? 135 LEU B CG  1 
ATOM 1358 C CD1 . LEU B 1 108 ? 3.757   1.579   -4.586  1.00 96.98  ? 135 LEU B CD1 1 
ATOM 1359 C CD2 . LEU B 1 108 ? 5.403   3.186   -5.569  1.00 101.54 ? 135 LEU B CD2 1 
ATOM 1360 N N   . LYS B 1 109 ? 8.116   -1.491  -5.683  1.00 114.06 ? 136 LYS B N   1 
ATOM 1361 C CA  . LYS B 1 109 ? 8.652   -2.795  -6.069  1.00 115.16 ? 136 LYS B CA  1 
ATOM 1362 C C   . LYS B 1 109 ? 8.824   -3.704  -4.856  1.00 115.12 ? 136 LYS B C   1 
ATOM 1363 O O   . LYS B 1 109 ? 8.566   -4.913  -4.934  1.00 107.38 ? 136 LYS B O   1 
ATOM 1364 C CB  . LYS B 1 109 ? 9.972   -2.629  -6.824  1.00 104.15 ? 136 LYS B CB  1 
ATOM 1365 C CG  . LYS B 1 109 ? 9.835   -1.841  -8.115  1.00 112.60 ? 136 LYS B CG  1 
ATOM 1366 C CD  . LYS B 1 109 ? 11.085  -1.926  -8.969  1.00 119.51 ? 136 LYS B CD  1 
ATOM 1367 C CE  . LYS B 1 109 ? 11.210  -0.711  -9.880  1.00 121.60 ? 136 LYS B CE  1 
ATOM 1368 N NZ  . LYS B 1 109 ? 11.876  -1.041  -11.170 1.00 125.05 ? 136 LYS B NZ  1 
ATOM 1369 N N   . GLN B 1 110 ? 9.258   -3.141  -3.726  1.00 111.91 ? 137 GLN B N   1 
ATOM 1370 C CA  . GLN B 1 110 ? 9.278   -3.891  -2.472  1.00 120.06 ? 137 GLN B CA  1 
ATOM 1371 C C   . GLN B 1 110 ? 7.895   -4.440  -2.146  1.00 118.40 ? 137 GLN B C   1 
ATOM 1372 O O   . GLN B 1 110 ? 7.742   -5.612  -1.774  1.00 124.12 ? 137 GLN B O   1 
ATOM 1373 C CB  . GLN B 1 110 ? 9.777   -2.995  -1.335  1.00 128.88 ? 137 GLN B CB  1 
ATOM 1374 C CG  . GLN B 1 110 ? 11.289  -2.837  -1.253  1.00 120.99 ? 137 GLN B CG  1 
ATOM 1375 C CD  . GLN B 1 110 ? 12.015  -4.165  -1.261  1.00 134.87 ? 137 GLN B CD  1 
ATOM 1376 O OE1 . GLN B 1 110 ? 12.932  -4.378  -2.054  1.00 134.63 ? 137 GLN B OE1 1 
ATOM 1377 N NE2 . GLN B 1 110 ? 11.608  -5.070  -0.376  1.00 140.18 ? 137 GLN B NE2 1 
ATOM 1378 N N   . GLN B 1 111 ? 6.869   -3.596  -2.275  1.00 117.07 ? 138 GLN B N   1 
ATOM 1379 C CA  . GLN B 1 111 ? 5.513   -4.054  -1.990  1.00 108.06 ? 138 GLN B CA  1 
ATOM 1380 C C   . GLN B 1 111 ? 5.069   -5.135  -2.969  1.00 111.48 ? 138 GLN B C   1 
ATOM 1381 O O   . GLN B 1 111 ? 4.367   -6.072  -2.579  1.00 110.14 ? 138 GLN B O   1 
ATOM 1382 C CB  . GLN B 1 111 ? 4.536   -2.881  -2.004  1.00 92.70  ? 138 GLN B CB  1 
ATOM 1383 C CG  . GLN B 1 111 ? 4.906   -1.753  -1.064  1.00 113.52 ? 138 GLN B CG  1 
ATOM 1384 C CD  . GLN B 1 111 ? 3.696   -1.149  -0.385  1.00 109.82 ? 138 GLN B CD  1 
ATOM 1385 O OE1 . GLN B 1 111 ? 3.324   -0.007  -0.650  1.00 110.07 ? 138 GLN B OE1 1 
ATOM 1386 N NE2 . GLN B 1 111 ? 3.073   -1.918  0.502   1.00 104.69 ? 138 GLN B NE2 1 
ATOM 1387 N N   . LEU B 1 112 ? 5.462   -5.029  -4.240  1.00 114.30 ? 139 LEU B N   1 
ATOM 1388 C CA  . LEU B 1 112 ? 5.128   -6.087  -5.192  1.00 107.90 ? 139 LEU B CA  1 
ATOM 1389 C C   . LEU B 1 112 ? 5.807   -7.398  -4.817  1.00 125.94 ? 139 LEU B C   1 
ATOM 1390 O O   . LEU B 1 112 ? 5.233   -8.479  -5.004  1.00 115.74 ? 139 LEU B O   1 
ATOM 1391 C CB  . LEU B 1 112 ? 5.511   -5.681  -6.615  1.00 113.69 ? 139 LEU B CB  1 
ATOM 1392 C CG  . LEU B 1 112 ? 4.581   -4.717  -7.351  1.00 113.64 ? 139 LEU B CG  1 
ATOM 1393 C CD1 . LEU B 1 112 ? 5.159   -4.372  -8.715  1.00 109.29 ? 139 LEU B CD1 1 
ATOM 1394 C CD2 . LEU B 1 112 ? 3.186   -5.304  -7.483  1.00 102.82 ? 139 LEU B CD2 1 
ATOM 1395 N N   . ASN B 1 113 ? 7.030   -7.326  -4.289  1.00 127.65 ? 140 ASN B N   1 
ATOM 1396 C CA  . ASN B 1 113 ? 7.692   -8.539  -3.817  1.00 123.04 ? 140 ASN B CA  1 
ATOM 1397 C C   . ASN B 1 113 ? 6.960   -9.143  -2.622  1.00 126.71 ? 140 ASN B C   1 
ATOM 1398 O O   . ASN B 1 113 ? 6.823   -10.369 -2.529  1.00 141.33 ? 140 ASN B O   1 
ATOM 1399 C CB  . ASN B 1 113 ? 9.151   -8.248  -3.466  1.00 130.55 ? 140 ASN B CB  1 
ATOM 1400 C CG  . ASN B 1 113 ? 10.010  -8.024  -4.693  1.00 142.96 ? 140 ASN B CG  1 
ATOM 1401 O OD1 . ASN B 1 113 ? 10.063  -8.867  -5.589  1.00 151.73 ? 140 ASN B OD1 1 
ATOM 1402 N ND2 . ASN B 1 113 ? 10.692  -6.887  -4.740  1.00 134.24 ? 140 ASN B ND2 1 
ATOM 1403 N N   . ILE B 1 114 ? 6.493   -8.300  -1.698  1.00 126.06 ? 141 ILE B N   1 
ATOM 1404 C CA  . ILE B 1 114 ? 5.682   -8.798  -0.584  1.00 131.45 ? 141 ILE B CA  1 
ATOM 1405 C C   . ILE B 1 114 ? 4.394   -9.436  -1.100  1.00 132.68 ? 141 ILE B C   1 
ATOM 1406 O O   . ILE B 1 114 ? 3.932   -10.456 -0.571  1.00 139.25 ? 141 ILE B O   1 
ATOM 1407 C CB  . ILE B 1 114 ? 5.390   -7.672  0.427   1.00 136.50 ? 141 ILE B CB  1 
ATOM 1408 C CG1 . ILE B 1 114 ? 6.669   -6.916  0.786   1.00 125.58 ? 141 ILE B CG1 1 
ATOM 1409 C CG2 . ILE B 1 114 ? 4.756   -8.237  1.687   1.00 130.21 ? 141 ILE B CG2 1 
ATOM 1410 C CD1 . ILE B 1 114 ? 7.740   -7.792  1.383   1.00 146.86 ? 141 ILE B CD1 1 
ATOM 1411 N N   . LEU B 1 115 ? 3.788   -8.832  -2.124  1.00 140.05 ? 142 LEU B N   1 
ATOM 1412 C CA  . LEU B 1 115 ? 2.644   -9.438  -2.803  1.00 131.69 ? 142 LEU B CA  1 
ATOM 1413 C C   . LEU B 1 115 ? 2.972   -10.831 -3.320  1.00 135.28 ? 142 LEU B C   1 
ATOM 1414 O O   . LEU B 1 115 ? 2.224   -11.788 -3.086  1.00 132.88 ? 142 LEU B O   1 
ATOM 1415 C CB  . LEU B 1 115 ? 2.187   -8.537  -3.951  1.00 126.74 ? 142 LEU B CB  1 
ATOM 1416 C CG  . LEU B 1 115 ? 1.096   -7.502  -3.698  1.00 127.13 ? 142 LEU B CG  1 
ATOM 1417 C CD1 . LEU B 1 115 ? -0.171  -8.287  -3.584  1.00 135.68 ? 142 LEU B CD1 1 
ATOM 1418 C CD2 . LEU B 1 115 ? 1.317   -6.684  -2.439  1.00 121.82 ? 142 LEU B CD2 1 
ATOM 1419 N N   . ARG B 1 116 ? 4.092   -10.963 -4.031  1.00 135.23 ? 143 ARG B N   1 
ATOM 1420 C CA  . ARG B 1 116 ? 4.447   -12.249 -4.620  1.00 126.00 ? 143 ARG B CA  1 
ATOM 1421 C C   . ARG B 1 116 ? 4.773   -13.289 -3.553  1.00 132.21 ? 143 ARG B C   1 
ATOM 1422 O O   . ARG B 1 116 ? 4.524   -14.483 -3.758  1.00 135.44 ? 143 ARG B O   1 
ATOM 1423 C CB  . ARG B 1 116 ? 5.624   -12.072 -5.578  1.00 119.68 ? 143 ARG B CB  1 
ATOM 1424 C CG  . ARG B 1 116 ? 6.072   -13.350 -6.254  1.00 108.12 ? 143 ARG B CG  1 
ATOM 1425 C CD  . ARG B 1 116 ? 7.261   -13.099 -7.155  1.00 111.51 ? 143 ARG B CD  1 
ATOM 1426 N NE  . ARG B 1 116 ? 7.559   -14.260 -7.982  1.00 121.93 ? 143 ARG B NE  1 
ATOM 1427 C CZ  . ARG B 1 116 ? 8.524   -14.304 -8.890  1.00 118.37 ? 143 ARG B CZ  1 
ATOM 1428 N NH1 . ARG B 1 116 ? 9.329   -13.275 -9.092  1.00 127.17 ? 143 ARG B NH1 1 
ATOM 1429 N NH2 . ARG B 1 116 ? 8.686   -15.410 -9.612  1.00 137.12 ? 143 ARG B NH2 1 
ATOM 1430 N N   . ALA B 1 117 ? 5.321   -12.858 -2.413  1.00 146.55 ? 144 ALA B N   1 
ATOM 1431 C CA  . ALA B 1 117 ? 5.658   -13.797 -1.345  1.00 132.59 ? 144 ALA B CA  1 
ATOM 1432 C C   . ALA B 1 117 ? 4.415   -14.509 -0.826  1.00 136.40 ? 144 ALA B C   1 
ATOM 1433 O O   . ALA B 1 117 ? 4.418   -15.731 -0.634  1.00 143.26 ? 144 ALA B O   1 
ATOM 1434 C CB  . ALA B 1 117 ? 6.375   -13.064 -0.212  1.00 128.39 ? 144 ALA B CB  1 
ATOM 1435 N N   . ALA B 1 118 ? 3.341   -13.758 -0.590  1.00 128.62 ? 145 ALA B N   1 
ATOM 1436 C CA  . ALA B 1 118 ? 2.070   -14.365 -0.238  1.00 129.15 ? 145 ALA B CA  1 
ATOM 1437 C C   . ALA B 1 118 ? 1.562   -15.215 -1.404  1.00 151.12 ? 145 ALA B C   1 
ATOM 1438 O O   . ALA B 1 118 ? 2.068   -15.148 -2.527  1.00 152.77 ? 145 ALA B O   1 
ATOM 1439 C CB  . ALA B 1 118 ? 1.051   -13.290 0.142   1.00 111.73 ? 145 ALA B CB  1 
ATOM 1440 N N   . ASP B 1 119 ? 0.537   -16.023 -1.120  1.00 153.91 ? 146 ASP B N   1 
ATOM 1441 C CA  . ASP B 1 119 ? -0.001  -16.997 -2.074  1.00 158.09 ? 146 ASP B CA  1 
ATOM 1442 C C   . ASP B 1 119 ? 1.044   -18.054 -2.430  1.00 160.80 ? 146 ASP B C   1 
ATOM 1443 O O   . ASP B 1 119 ? 1.192   -18.436 -3.591  1.00 169.57 ? 146 ASP B O   1 
ATOM 1444 C CB  . ASP B 1 119 ? -0.534  -16.318 -3.340  1.00 152.49 ? 146 ASP B CB  1 
ATOM 1445 C CG  . ASP B 1 119 ? -1.325  -15.064 -3.039  1.00 163.03 ? 146 ASP B CG  1 
ATOM 1446 O OD1 . ASP B 1 119 ? -2.233  -15.121 -2.183  1.00 164.95 ? 146 ASP B OD1 1 
ATOM 1447 O OD2 . ASP B 1 119 ? -1.026  -14.016 -3.649  1.00 161.18 ? 146 ASP B OD2 1 
ATOM 1448 N N   . SER B 1 120 ? 1.773   -18.526 -1.422  1.00 158.40 ? 147 SER B N   1 
ATOM 1449 C CA  . SER B 1 120 ? 2.787   -19.557 -1.611  1.00 154.56 ? 147 SER B CA  1 
ATOM 1450 C C   . SER B 1 120 ? 2.761   -20.559 -0.461  1.00 140.10 ? 147 SER B C   1 
ATOM 1451 O O   . SER B 1 120 ? 2.270   -20.258 0.627   1.00 149.44 ? 147 SER B O   1 
ATOM 1452 C CB  . SER B 1 120 ? 4.180   -18.933 -1.731  1.00 144.14 ? 147 SER B CB  1 
ATOM 1453 O OG  . SER B 1 120 ? 4.281   -18.120 -2.886  1.00 151.43 ? 147 SER B OG  1 
# 
